data_4J7T
# 
_entry.id   4J7T 
# 
_audit_conform.dict_name       mmcif_pdbx.dic 
_audit_conform.dict_version    5.379 
_audit_conform.dict_location   http://mmcif.pdb.org/dictionaries/ascii/mmcif_pdbx.dic 
# 
loop_
_database_2.database_id 
_database_2.database_code 
_database_2.pdbx_database_accession 
_database_2.pdbx_DOI 
PDB   4J7T         pdb_00004j7t 10.2210/pdb4j7t/pdb 
RCSB  RCSB077704   ?            ?                   
WWPDB D_1000077704 ?            ?                   
# 
loop_
_pdbx_database_related.db_name 
_pdbx_database_related.db_id 
_pdbx_database_related.details 
_pdbx_database_related.content_type 
PDB 2UUI . unspecified 
PDB 2UUH . unspecified 
PDB 4J7Y . unspecified 
# 
_pdbx_database_status.entry_id                        4J7T 
_pdbx_database_status.status_code                     REL 
_pdbx_database_status.deposit_site                    RCSB 
_pdbx_database_status.process_site                    RCSB 
_pdbx_database_status.recvd_initial_deposition_date   2013-02-14 
_pdbx_database_status.status_code_sf                  REL 
_pdbx_database_status.status_code_mr                  ? 
_pdbx_database_status.SG_entry                        ? 
_pdbx_database_status.status_code_cs                  ? 
_pdbx_database_status.methods_development_category    ? 
_pdbx_database_status.pdb_format_compatible           Y 
_pdbx_database_status.status_code_nmr_data            ? 
# 
loop_
_audit_author.name 
_audit_author.pdbx_ordinal 
'Niegowski, D.'       1 
'Rinaldo-Matthis, A.' 2 
'Haeggstrom, J.Z.'    3 
# 
_citation.id                        primary 
_citation.title                     
'Crystal Structures of Leukotriene C4 Synthase in Complex with Product Analogs: IMPLICATIONS FOR THE ENZYME MECHANISM.' 
_citation.journal_abbrev            J.Biol.Chem. 
_citation.journal_volume            289 
_citation.page_first                5199 
_citation.page_last                 5207 
_citation.year                      2014 
_citation.journal_id_ASTM           JBCHA3 
_citation.country                   US 
_citation.journal_id_ISSN           0021-9258 
_citation.journal_id_CSD            0071 
_citation.book_publisher            ? 
_citation.pdbx_database_id_PubMed   24366866 
_citation.pdbx_database_id_DOI      10.1074/jbc.M113.534628 
# 
loop_
_citation_author.citation_id 
_citation_author.name 
_citation_author.ordinal 
_citation_author.identifier_ORCID 
primary 'Niegowski, D.'       1 ? 
primary 'Kleinschmidt, T.'    2 ? 
primary 'Olsson, U.'          3 ? 
primary 'Ahmad, S.'           4 ? 
primary 'Rinaldo-Matthis, A.' 5 ? 
primary 'Haeggstrom, J.Z.'    6 ? 
# 
_cell.length_a           168.392 
_cell.length_b           168.392 
_cell.length_c           168.392 
_cell.angle_alpha        90.000 
_cell.angle_beta         90.000 
_cell.angle_gamma        90.000 
_cell.entry_id           4J7T 
_cell.pdbx_unique_axis   ? 
_cell.Z_PDB              48 
_cell.length_a_esd       ? 
_cell.length_b_esd       ? 
_cell.length_c_esd       ? 
_cell.angle_alpha_esd    ? 
_cell.angle_beta_esd     ? 
_cell.angle_gamma_esd    ? 
# 
_symmetry.space_group_name_H-M             'F 2 3' 
_symmetry.entry_id                         4J7T 
_symmetry.Int_Tables_number                196 
_symmetry.pdbx_full_space_group_name_H-M   ? 
_symmetry.cell_setting                     ? 
_symmetry.space_group_name_Hall            ? 
# 
loop_
_entity.id 
_entity.type 
_entity.src_method 
_entity.pdbx_description 
_entity.formula_weight 
_entity.pdbx_number_of_molecules 
_entity.pdbx_ec 
_entity.pdbx_mutation 
_entity.pdbx_fragment 
_entity.details 
1 polymer     man 'Leukotriene C4 synthase'                               17411.545 1 4.4.1.20 ? ? ? 
2 non-polymer syn 'NICKEL (II) ION'                                       58.693    1 ?        ? ? ? 
3 non-polymer syn 'SULFATE ION'                                           96.063    1 ?        ? ? ? 
4 non-polymer syn 'D-gamma-glutamyl-S-(4-phenylbutyl)-L-cysteinylglycine' 439.526   1 ?        ? ? ? 
# 
_entity_name_com.entity_id   1 
_entity_name_com.name        'LTC4 synthase, Leukotriene-C(4) synthase' 
# 
_entity_poly.entity_id                      1 
_entity_poly.type                           'polypeptide(L)' 
_entity_poly.nstd_linkage                   no 
_entity_poly.nstd_monomer                   no 
_entity_poly.pdbx_seq_one_letter_code       
;MHHHHHHKDEVALLAAVTLLGVLLQAYFSLQVISARRAFRVSPPLTTGPPEFERVYRAQVNCSEYFPLFLATLWVAGIFF
HEGAAALCGLVYLFARLRYFQGYARSAQLRLAPLYASARALWLLVALAALGLLAHFLPAALRAALLGRLRTLLPWA
;
_entity_poly.pdbx_seq_one_letter_code_can   
;MHHHHHHKDEVALLAAVTLLGVLLQAYFSLQVISARRAFRVSPPLTTGPPEFERVYRAQVNCSEYFPLFLATLWVAGIFF
HEGAAALCGLVYLFARLRYFQGYARSAQLRLAPLYASARALWLLVALAALGLLAHFLPAALRAALLGRLRTLLPWA
;
_entity_poly.pdbx_strand_id                 A 
_entity_poly.pdbx_target_identifier         ? 
# 
loop_
_entity_poly_seq.entity_id 
_entity_poly_seq.num 
_entity_poly_seq.mon_id 
_entity_poly_seq.hetero 
1 1   MET n 
1 2   HIS n 
1 3   HIS n 
1 4   HIS n 
1 5   HIS n 
1 6   HIS n 
1 7   HIS n 
1 8   LYS n 
1 9   ASP n 
1 10  GLU n 
1 11  VAL n 
1 12  ALA n 
1 13  LEU n 
1 14  LEU n 
1 15  ALA n 
1 16  ALA n 
1 17  VAL n 
1 18  THR n 
1 19  LEU n 
1 20  LEU n 
1 21  GLY n 
1 22  VAL n 
1 23  LEU n 
1 24  LEU n 
1 25  GLN n 
1 26  ALA n 
1 27  TYR n 
1 28  PHE n 
1 29  SER n 
1 30  LEU n 
1 31  GLN n 
1 32  VAL n 
1 33  ILE n 
1 34  SER n 
1 35  ALA n 
1 36  ARG n 
1 37  ARG n 
1 38  ALA n 
1 39  PHE n 
1 40  ARG n 
1 41  VAL n 
1 42  SER n 
1 43  PRO n 
1 44  PRO n 
1 45  LEU n 
1 46  THR n 
1 47  THR n 
1 48  GLY n 
1 49  PRO n 
1 50  PRO n 
1 51  GLU n 
1 52  PHE n 
1 53  GLU n 
1 54  ARG n 
1 55  VAL n 
1 56  TYR n 
1 57  ARG n 
1 58  ALA n 
1 59  GLN n 
1 60  VAL n 
1 61  ASN n 
1 62  CYS n 
1 63  SER n 
1 64  GLU n 
1 65  TYR n 
1 66  PHE n 
1 67  PRO n 
1 68  LEU n 
1 69  PHE n 
1 70  LEU n 
1 71  ALA n 
1 72  THR n 
1 73  LEU n 
1 74  TRP n 
1 75  VAL n 
1 76  ALA n 
1 77  GLY n 
1 78  ILE n 
1 79  PHE n 
1 80  PHE n 
1 81  HIS n 
1 82  GLU n 
1 83  GLY n 
1 84  ALA n 
1 85  ALA n 
1 86  ALA n 
1 87  LEU n 
1 88  CYS n 
1 89  GLY n 
1 90  LEU n 
1 91  VAL n 
1 92  TYR n 
1 93  LEU n 
1 94  PHE n 
1 95  ALA n 
1 96  ARG n 
1 97  LEU n 
1 98  ARG n 
1 99  TYR n 
1 100 PHE n 
1 101 GLN n 
1 102 GLY n 
1 103 TYR n 
1 104 ALA n 
1 105 ARG n 
1 106 SER n 
1 107 ALA n 
1 108 GLN n 
1 109 LEU n 
1 110 ARG n 
1 111 LEU n 
1 112 ALA n 
1 113 PRO n 
1 114 LEU n 
1 115 TYR n 
1 116 ALA n 
1 117 SER n 
1 118 ALA n 
1 119 ARG n 
1 120 ALA n 
1 121 LEU n 
1 122 TRP n 
1 123 LEU n 
1 124 LEU n 
1 125 VAL n 
1 126 ALA n 
1 127 LEU n 
1 128 ALA n 
1 129 ALA n 
1 130 LEU n 
1 131 GLY n 
1 132 LEU n 
1 133 LEU n 
1 134 ALA n 
1 135 HIS n 
1 136 PHE n 
1 137 LEU n 
1 138 PRO n 
1 139 ALA n 
1 140 ALA n 
1 141 LEU n 
1 142 ARG n 
1 143 ALA n 
1 144 ALA n 
1 145 LEU n 
1 146 LEU n 
1 147 GLY n 
1 148 ARG n 
1 149 LEU n 
1 150 ARG n 
1 151 THR n 
1 152 LEU n 
1 153 LEU n 
1 154 PRO n 
1 155 TRP n 
1 156 ALA n 
# 
_entity_src_gen.entity_id                          1 
_entity_src_gen.pdbx_src_id                        1 
_entity_src_gen.pdbx_alt_source_flag               sample 
_entity_src_gen.pdbx_seq_type                      ? 
_entity_src_gen.pdbx_beg_seq_num                   ? 
_entity_src_gen.pdbx_end_seq_num                   ? 
_entity_src_gen.gene_src_common_name               human 
_entity_src_gen.gene_src_genus                     ? 
_entity_src_gen.pdbx_gene_src_gene                 LTC4S 
_entity_src_gen.gene_src_species                   ? 
_entity_src_gen.gene_src_strain                    ? 
_entity_src_gen.gene_src_tissue                    ? 
_entity_src_gen.gene_src_tissue_fraction           ? 
_entity_src_gen.gene_src_details                   ? 
_entity_src_gen.pdbx_gene_src_fragment             ? 
_entity_src_gen.pdbx_gene_src_scientific_name      'Homo sapiens' 
_entity_src_gen.pdbx_gene_src_ncbi_taxonomy_id     9606 
_entity_src_gen.pdbx_gene_src_variant              ? 
_entity_src_gen.pdbx_gene_src_cell_line            ? 
_entity_src_gen.pdbx_gene_src_atcc                 ? 
_entity_src_gen.pdbx_gene_src_organ                ? 
_entity_src_gen.pdbx_gene_src_organelle            ? 
_entity_src_gen.pdbx_gene_src_cell                 ? 
_entity_src_gen.pdbx_gene_src_cellular_location    ? 
_entity_src_gen.host_org_common_name               ? 
_entity_src_gen.pdbx_host_org_scientific_name      'Pichia Pastoris' 
_entity_src_gen.pdbx_host_org_ncbi_taxonomy_id     4922 
_entity_src_gen.host_org_genus                     ? 
_entity_src_gen.pdbx_host_org_gene                 ? 
_entity_src_gen.pdbx_host_org_organ                ? 
_entity_src_gen.host_org_species                   ? 
_entity_src_gen.pdbx_host_org_tissue               ? 
_entity_src_gen.pdbx_host_org_tissue_fraction      ? 
_entity_src_gen.pdbx_host_org_strain               ? 
_entity_src_gen.pdbx_host_org_variant              ? 
_entity_src_gen.pdbx_host_org_cell_line            ? 
_entity_src_gen.pdbx_host_org_atcc                 ? 
_entity_src_gen.pdbx_host_org_culture_collection   ? 
_entity_src_gen.pdbx_host_org_cell                 ? 
_entity_src_gen.pdbx_host_org_organelle            ? 
_entity_src_gen.pdbx_host_org_cellular_location    ? 
_entity_src_gen.pdbx_host_org_vector_type          ? 
_entity_src_gen.pdbx_host_org_vector               ? 
_entity_src_gen.host_org_details                   ? 
_entity_src_gen.expression_system_id               ? 
_entity_src_gen.plasmid_name                       ? 
_entity_src_gen.plasmid_details                    ? 
_entity_src_gen.pdbx_description                   ? 
# 
_struct_ref.id                         1 
_struct_ref.db_name                    UNP 
_struct_ref.db_code                    LTC4S_HUMAN 
_struct_ref.pdbx_db_accession          Q16873 
_struct_ref.entity_id                  1 
_struct_ref.pdbx_seq_one_letter_code   
;KDEVALLAAVTLLGVLLQAYFSLQVISARRAFRVSPPLTTGPPEFERVYRAQVNCSEYFPLFLATLWVAGIFFHEGAAAL
CGLVYLFARLRYFQGYARSAQLRLAPLYASARALWLLVALAALGLLAHFLPAALRAALLGRLRTLLPWA
;
_struct_ref.pdbx_align_begin           2 
_struct_ref.pdbx_db_isoform            ? 
# 
_struct_ref_seq.align_id                      1 
_struct_ref_seq.ref_id                        1 
_struct_ref_seq.pdbx_PDB_id_code              4J7T 
_struct_ref_seq.pdbx_strand_id                A 
_struct_ref_seq.seq_align_beg                 8 
_struct_ref_seq.pdbx_seq_align_beg_ins_code   ? 
_struct_ref_seq.seq_align_end                 156 
_struct_ref_seq.pdbx_seq_align_end_ins_code   ? 
_struct_ref_seq.pdbx_db_accession             Q16873 
_struct_ref_seq.db_align_beg                  2 
_struct_ref_seq.pdbx_db_align_beg_ins_code    ? 
_struct_ref_seq.db_align_end                  150 
_struct_ref_seq.pdbx_db_align_end_ins_code    ? 
_struct_ref_seq.pdbx_auth_seq_align_beg       2 
_struct_ref_seq.pdbx_auth_seq_align_end       150 
# 
loop_
_struct_ref_seq_dif.align_id 
_struct_ref_seq_dif.pdbx_pdb_id_code 
_struct_ref_seq_dif.mon_id 
_struct_ref_seq_dif.pdbx_pdb_strand_id 
_struct_ref_seq_dif.seq_num 
_struct_ref_seq_dif.pdbx_pdb_ins_code 
_struct_ref_seq_dif.pdbx_seq_db_name 
_struct_ref_seq_dif.pdbx_seq_db_accession_code 
_struct_ref_seq_dif.db_mon_id 
_struct_ref_seq_dif.pdbx_seq_db_seq_num 
_struct_ref_seq_dif.details 
_struct_ref_seq_dif.pdbx_auth_seq_num 
_struct_ref_seq_dif.pdbx_ordinal 
1 4J7T MET A 1 ? UNP Q16873 ? ? 'expression tag' -5 1 
1 4J7T HIS A 2 ? UNP Q16873 ? ? 'expression tag' -4 2 
1 4J7T HIS A 3 ? UNP Q16873 ? ? 'expression tag' -3 3 
1 4J7T HIS A 4 ? UNP Q16873 ? ? 'expression tag' -2 4 
1 4J7T HIS A 5 ? UNP Q16873 ? ? 'expression tag' -1 5 
1 4J7T HIS A 6 ? UNP Q16873 ? ? 'expression tag' 0  6 
1 4J7T HIS A 7 ? UNP Q16873 ? ? 'expression tag' 1  7 
# 
loop_
_chem_comp.id 
_chem_comp.type 
_chem_comp.mon_nstd_flag 
_chem_comp.name 
_chem_comp.pdbx_synonyms 
_chem_comp.formula 
_chem_comp.formula_weight 
1JO non-polymer         . 'D-gamma-glutamyl-S-(4-phenylbutyl)-L-cysteinylglycine' ? 'C20 H29 N3 O6 S' 439.526 
ALA 'L-peptide linking' y ALANINE                                                 ? 'C3 H7 N O2'      89.093  
ARG 'L-peptide linking' y ARGININE                                                ? 'C6 H15 N4 O2 1'  175.209 
ASN 'L-peptide linking' y ASPARAGINE                                              ? 'C4 H8 N2 O3'     132.118 
ASP 'L-peptide linking' y 'ASPARTIC ACID'                                         ? 'C4 H7 N O4'      133.103 
CYS 'L-peptide linking' y CYSTEINE                                                ? 'C3 H7 N O2 S'    121.158 
GLN 'L-peptide linking' y GLUTAMINE                                               ? 'C5 H10 N2 O3'    146.144 
GLU 'L-peptide linking' y 'GLUTAMIC ACID'                                         ? 'C5 H9 N O4'      147.129 
GLY 'peptide linking'   y GLYCINE                                                 ? 'C2 H5 N O2'      75.067  
HIS 'L-peptide linking' y HISTIDINE                                               ? 'C6 H10 N3 O2 1'  156.162 
ILE 'L-peptide linking' y ISOLEUCINE                                              ? 'C6 H13 N O2'     131.173 
LEU 'L-peptide linking' y LEUCINE                                                 ? 'C6 H13 N O2'     131.173 
LYS 'L-peptide linking' y LYSINE                                                  ? 'C6 H15 N2 O2 1'  147.195 
MET 'L-peptide linking' y METHIONINE                                              ? 'C5 H11 N O2 S'   149.211 
NI  non-polymer         . 'NICKEL (II) ION'                                       ? 'Ni 2'            58.693  
PHE 'L-peptide linking' y PHENYLALANINE                                           ? 'C9 H11 N O2'     165.189 
PRO 'L-peptide linking' y PROLINE                                                 ? 'C5 H9 N O2'      115.130 
SER 'L-peptide linking' y SERINE                                                  ? 'C3 H7 N O3'      105.093 
SO4 non-polymer         . 'SULFATE ION'                                           ? 'O4 S -2'         96.063  
THR 'L-peptide linking' y THREONINE                                               ? 'C4 H9 N O3'      119.119 
TRP 'L-peptide linking' y TRYPTOPHAN                                              ? 'C11 H12 N2 O2'   204.225 
TYR 'L-peptide linking' y TYROSINE                                                ? 'C9 H11 N O3'     181.189 
VAL 'L-peptide linking' y VALINE                                                  ? 'C5 H11 N O2'     117.146 
# 
_exptl.crystals_number   1 
_exptl.entry_id          4J7T 
_exptl.method            'X-RAY DIFFRACTION' 
# 
_exptl_crystal.id                    1 
_exptl_crystal.density_Matthews      5.71 
_exptl_crystal.density_meas          ? 
_exptl_crystal.density_percent_sol   78.47 
_exptl_crystal.description           ? 
_exptl_crystal.F_000                 ? 
_exptl_crystal.preparation           ? 
# 
_exptl_crystal_grow.crystal_id      1 
_exptl_crystal_grow.method          'VAPOR DIFFUSION' 
_exptl_crystal_grow.pH              6.4 
_exptl_crystal_grow.temp            298 
_exptl_crystal_grow.pdbx_details    '1.9 M NH4SO4, 0.2 M NaCl, 0.1 M Na-cacodylate, pH 6.4, VAPOR DIFFUSION, temperature 298K' 
_exptl_crystal_grow.temp_details    ? 
_exptl_crystal_grow.pdbx_pH_range   ? 
# 
_diffrn.id                     1 
_diffrn.ambient_temp           100 
_diffrn.ambient_temp_details   ? 
_diffrn.crystal_id             1 
# 
_diffrn_detector.diffrn_id              1 
_diffrn_detector.detector               CCD 
_diffrn_detector.type                   'ADSC QUANTUM 315r' 
_diffrn_detector.pdbx_collection_date   2012-07-14 
_diffrn_detector.details                ? 
# 
_diffrn_radiation.diffrn_id                        1 
_diffrn_radiation.pdbx_diffrn_protocol             'SINGLE WAVELENGTH' 
_diffrn_radiation.monochromator                    ? 
_diffrn_radiation.wavelength_id                    1 
_diffrn_radiation.pdbx_monochromatic_or_laue_m_l   M 
_diffrn_radiation.pdbx_scattering_type             x-ray 
# 
_diffrn_radiation_wavelength.id           1 
_diffrn_radiation_wavelength.wavelength   0.93937 
_diffrn_radiation_wavelength.wt           1.0 
# 
_diffrn_source.diffrn_id                   1 
_diffrn_source.source                      SYNCHROTRON 
_diffrn_source.type                        'ESRF BEAMLINE ID14-4' 
_diffrn_source.pdbx_wavelength_list        0.93937 
_diffrn_source.pdbx_wavelength             ? 
_diffrn_source.pdbx_synchrotron_site       ESRF 
_diffrn_source.pdbx_synchrotron_beamline   ID14-4 
# 
_reflns.entry_id                     4J7T 
_reflns.d_resolution_high            3.203 
_reflns.d_resolution_low             37.939 
_reflns.number_all                   6634 
_reflns.number_obs                   6634 
_reflns.pdbx_netI_over_sigmaI        10.100 
_reflns.pdbx_Rsym_value              0.182 
_reflns.pdbx_redundancy              13.600 
_reflns.percent_possible_obs         99.800 
_reflns.observed_criterion_sigma_F   1 
_reflns.observed_criterion_sigma_I   1 
_reflns.pdbx_Rmerge_I_obs            ? 
_reflns.B_iso_Wilson_estimate        ? 
_reflns.R_free_details               ? 
_reflns.limit_h_max                  ? 
_reflns.limit_h_min                  ? 
_reflns.limit_k_max                  ? 
_reflns.limit_k_min                  ? 
_reflns.limit_l_max                  ? 
_reflns.limit_l_min                  ? 
_reflns.observed_criterion_F_max     ? 
_reflns.observed_criterion_F_min     ? 
_reflns.pdbx_chi_squared             ? 
_reflns.pdbx_scaling_rejects         ? 
_reflns.pdbx_ordinal                 1 
_reflns.pdbx_diffrn_id               1 
# 
loop_
_reflns_shell.d_res_high 
_reflns_shell.d_res_low 
_reflns_shell.number_measured_obs 
_reflns_shell.number_measured_all 
_reflns_shell.number_unique_obs 
_reflns_shell.Rmerge_I_obs 
_reflns_shell.meanI_over_sigI_obs 
_reflns_shell.pdbx_Rsym_value 
_reflns_shell.pdbx_chi_squared 
_reflns_shell.pdbx_redundancy 
_reflns_shell.percent_possible_obs 
_reflns_shell.number_unique_all 
_reflns_shell.percent_possible_all 
_reflns_shell.pdbx_ordinal 
_reflns_shell.pdbx_diffrn_id 
3.200  3.370  ? 13149 ? 0.710 1.000 0.710 ? 13.800 ? 952 100.000 1  1 
3.370  3.580  ? 12757 ? 0.457 1.500 0.457 ? 13.900 ? 919 100.000 2  1 
3.580  3.820  ? 11772 ? 0.292 2.300 0.292 ? 13.800 ? 855 100.000 3  1 
3.820  4.130  ? 10884 ? 0.216 2.900 0.216 ? 13.800 ? 790 100.000 4  1 
4.130  4.530  ? 9976  ? 0.184 3.200 0.184 ? 13.700 ? 729 100.000 5  1 
4.530  5.060  ? 9127  ? 0.172 3.500 0.172 ? 13.600 ? 671 100.000 6  1 
5.060  5.840  ? 8082  ? 0.188 2.900 0.188 ? 13.600 ? 596 100.000 7  1 
5.840  7.160  ? 6716  ? 0.166 3.300 0.166 ? 13.200 ? 508 100.000 8  1 
7.160  10.120 ? 5070  ? 0.131 3.300 0.131 ? 12.900 ? 394 100.000 9  1 
10.120 37.654 ? 2665  ? 0.115 3.500 0.115 ? 12.100 ? 220 93.900  10 1 
# 
_refine.entry_id                                 4J7T 
_refine.ls_d_res_high                            3.2030 
_refine.ls_d_res_low                             37.6540 
_refine.pdbx_ls_sigma_F                          1.380 
_refine.pdbx_data_cutoff_high_absF               ? 
_refine.pdbx_data_cutoff_low_absF                ? 
_refine.ls_percent_reflns_obs                    99.7900 
_refine.ls_number_reflns_obs                     6625 
_refine.ls_number_reflns_all                     6634 
_refine.pdbx_ls_cross_valid_method               ? 
_refine.pdbx_R_Free_selection_details            'Rfree-column copied from 2UUI' 
_refine.details                                  ? 
_refine.ls_R_factor_all                          ? 
_refine.ls_R_factor_obs                          0.2210 
_refine.ls_R_factor_R_work                       0.2198 
_refine.ls_wR_factor_R_work                      ? 
_refine.ls_R_factor_R_free                       0.2459 
_refine.ls_wR_factor_R_free                      ? 
_refine.ls_percent_reflns_R_free                 4.8300 
_refine.ls_number_reflns_R_free                  320 
_refine.ls_R_factor_R_free_error                 ? 
_refine.B_iso_mean                               64.8730 
_refine.solvent_model_param_bsol                 ? 
_refine.solvent_model_param_ksol                 ? 
_refine.pdbx_isotropic_thermal_model             ? 
_refine.aniso_B[1][1]                            ? 
_refine.aniso_B[2][2]                            ? 
_refine.aniso_B[3][3]                            ? 
_refine.aniso_B[1][2]                            ? 
_refine.aniso_B[1][3]                            ? 
_refine.aniso_B[2][3]                            ? 
_refine.correlation_coeff_Fo_to_Fc               ? 
_refine.correlation_coeff_Fo_to_Fc_free          ? 
_refine.overall_SU_R_Cruickshank_DPI             ? 
_refine.overall_SU_R_free                        ? 
_refine.pdbx_overall_ESU_R                       ? 
_refine.pdbx_overall_ESU_R_Free                  ? 
_refine.overall_SU_ML                            0.3800 
_refine.overall_SU_B                             ? 
_refine.solvent_model_details                    'FLAT BULK SOLVENT MODEL' 
_refine.pdbx_solvent_vdw_probe_radii             1.1100 
_refine.pdbx_solvent_ion_probe_radii             ? 
_refine.pdbx_solvent_shrinkage_radii             0.9000 
_refine.ls_number_parameters                     ? 
_refine.ls_number_restraints                     ? 
_refine.pdbx_starting_model                      'PDB ENTRY 2UUI' 
_refine.pdbx_method_to_determine_struct          'MOLECULAR REPLACEMENT' 
_refine.pdbx_stereochemistry_target_values       ML 
_refine.pdbx_stereochem_target_val_spec_case     ? 
_refine.overall_FOM_work_R_set                   0.8353 
_refine.B_iso_max                                174.710 
_refine.B_iso_min                                18.630 
_refine.pdbx_overall_phase_error                 23.6400 
_refine.occupancy_max                            1.000 
_refine.occupancy_min                            0.330 
_refine.pdbx_ls_sigma_I                          2 
_refine.ls_redundancy_reflns_obs                 ? 
_refine.ls_R_factor_R_free_error_details         ? 
_refine.pdbx_data_cutoff_high_rms_absF           ? 
_refine.overall_FOM_free_R_set                   ? 
_refine.pdbx_diffrn_id                           1 
_refine.pdbx_refine_id                           'X-RAY DIFFRACTION' 
_refine.pdbx_TLS_residual_ADP_flag               ? 
_refine.pdbx_overall_SU_R_free_Cruickshank_DPI   ? 
_refine.pdbx_overall_SU_R_Blow_DPI               ? 
_refine.pdbx_overall_SU_R_free_Blow_DPI          ? 
# 
_refine_hist.pdbx_refine_id                   'X-RAY DIFFRACTION' 
_refine_hist.cycle_id                         LAST 
_refine_hist.pdbx_number_atoms_protein        1159 
_refine_hist.pdbx_number_atoms_nucleic_acid   0 
_refine_hist.pdbx_number_atoms_ligand         36 
_refine_hist.number_atoms_solvent             0 
_refine_hist.number_atoms_total               1195 
_refine_hist.d_res_high                       3.2030 
_refine_hist.d_res_low                        37.6540 
# 
loop_
_refine_ls_restr.type 
_refine_ls_restr.number 
_refine_ls_restr.dev_ideal 
_refine_ls_restr.dev_ideal_target 
_refine_ls_restr.weight 
_refine_ls_restr.pdbx_restraint_function 
_refine_ls_restr.pdbx_refine_id 
f_bond_d           1229 0.005  ? ? ? 'X-RAY DIFFRACTION' 
f_angle_d          1673 1.312  ? ? ? 'X-RAY DIFFRACTION' 
f_chiral_restr     189  0.114  ? ? ? 'X-RAY DIFFRACTION' 
f_plane_restr      208  0.006  ? ? ? 'X-RAY DIFFRACTION' 
f_dihedral_angle_d 433  15.784 ? ? ? 'X-RAY DIFFRACTION' 
# 
loop_
_refine_ls_shell.d_res_high 
_refine_ls_shell.d_res_low 
_refine_ls_shell.pdbx_total_number_of_bins_used 
_refine_ls_shell.percent_reflns_obs 
_refine_ls_shell.number_reflns_R_work 
_refine_ls_shell.R_factor_all 
_refine_ls_shell.R_factor_R_work 
_refine_ls_shell.R_factor_R_free 
_refine_ls_shell.percent_reflns_R_free 
_refine_ls_shell.number_reflns_R_free 
_refine_ls_shell.R_factor_R_free_error 
_refine_ls_shell.number_reflns_all 
_refine_ls_shell.number_reflns_obs 
_refine_ls_shell.redundancy_reflns_obs 
_refine_ls_shell.pdbx_refine_id 
3.2030 4.0347  2 100.0000 3122 . 0.2239 0.2628 . 153 . 3275 . . 'X-RAY DIFFRACTION' 
4.0347 37.6562 2 100.0000 3183 . 0.2181 0.2393 . 167 . 3350 . . 'X-RAY DIFFRACTION' 
# 
_struct.entry_id                  4J7T 
_struct.title                     'Human LTC4 synthase in complex with product analogs - implications for enzyme catalysis' 
_struct.pdbx_model_details        ? 
_struct.pdbx_CASP_flag            ? 
_struct.pdbx_model_type_details   ? 
# 
_struct_keywords.entry_id        4J7T 
_struct_keywords.text            'Leukotriene C4 synthase, product analogs, lipid biosynthesis, LYASE' 
_struct_keywords.pdbx_keywords   LYASE 
# 
loop_
_struct_asym.id 
_struct_asym.pdbx_blank_PDB_chainid_flag 
_struct_asym.pdbx_modified 
_struct_asym.entity_id 
_struct_asym.details 
A N N 1 ? 
B N N 2 ? 
C N N 3 ? 
D N N 4 ? 
# 
_struct_biol.id        1 
_struct_biol.details   ? 
# 
loop_
_struct_conf.conf_type_id 
_struct_conf.id 
_struct_conf.pdbx_PDB_helix_id 
_struct_conf.beg_label_comp_id 
_struct_conf.beg_label_asym_id 
_struct_conf.beg_label_seq_id 
_struct_conf.pdbx_beg_PDB_ins_code 
_struct_conf.end_label_comp_id 
_struct_conf.end_label_asym_id 
_struct_conf.end_label_seq_id 
_struct_conf.pdbx_end_PDB_ins_code 
_struct_conf.beg_auth_comp_id 
_struct_conf.beg_auth_asym_id 
_struct_conf.beg_auth_seq_id 
_struct_conf.end_auth_comp_id 
_struct_conf.end_auth_asym_id 
_struct_conf.end_auth_seq_id 
_struct_conf.pdbx_PDB_helix_class 
_struct_conf.details 
_struct_conf.pdbx_PDB_helix_length 
HELX_P HELX_P1 1 HIS A 7   ? PHE A 39  ? HIS A 1   PHE A 33  1 ? 33 
HELX_P HELX_P2 2 PRO A 49  ? PHE A 80  ? PRO A 43  PHE A 74  1 ? 32 
HELX_P HELX_P3 3 HIS A 81  ? SER A 106 ? HIS A 75  SER A 100 1 ? 26 
HELX_P HELX_P4 4 ALA A 107 ? LEU A 109 ? ALA A 101 LEU A 103 5 ? 3  
HELX_P HELX_P5 5 ARG A 110 ? LEU A 149 ? ARG A 104 LEU A 143 1 ? 40 
# 
_struct_conf_type.id          HELX_P 
_struct_conf_type.criteria    ? 
_struct_conf_type.reference   ? 
# 
_struct_conn.id                            metalc1 
_struct_conn.conn_type_id                  metalc 
_struct_conn.pdbx_leaving_atom_flag        ? 
_struct_conn.pdbx_PDB_id                   ? 
_struct_conn.ptnr1_label_asym_id           A 
_struct_conn.ptnr1_label_comp_id           HIS 
_struct_conn.ptnr1_label_seq_id            7 
_struct_conn.ptnr1_label_atom_id           NE2 
_struct_conn.pdbx_ptnr1_label_alt_id       ? 
_struct_conn.pdbx_ptnr1_PDB_ins_code       ? 
_struct_conn.pdbx_ptnr1_standard_comp_id   ? 
_struct_conn.ptnr1_symmetry                1_555 
_struct_conn.ptnr2_label_asym_id           B 
_struct_conn.ptnr2_label_comp_id           NI 
_struct_conn.ptnr2_label_seq_id            . 
_struct_conn.ptnr2_label_atom_id           NI 
_struct_conn.pdbx_ptnr2_label_alt_id       ? 
_struct_conn.pdbx_ptnr2_PDB_ins_code       ? 
_struct_conn.ptnr1_auth_asym_id            A 
_struct_conn.ptnr1_auth_comp_id            HIS 
_struct_conn.ptnr1_auth_seq_id             1 
_struct_conn.ptnr2_auth_asym_id            A 
_struct_conn.ptnr2_auth_comp_id            NI 
_struct_conn.ptnr2_auth_seq_id             201 
_struct_conn.ptnr2_symmetry                1_555 
_struct_conn.pdbx_ptnr3_label_atom_id      ? 
_struct_conn.pdbx_ptnr3_label_seq_id       ? 
_struct_conn.pdbx_ptnr3_label_comp_id      ? 
_struct_conn.pdbx_ptnr3_label_asym_id      ? 
_struct_conn.pdbx_ptnr3_label_alt_id       ? 
_struct_conn.pdbx_ptnr3_PDB_ins_code       ? 
_struct_conn.details                       ? 
_struct_conn.pdbx_dist_value               2.114 
_struct_conn.pdbx_value_order              ? 
_struct_conn.pdbx_role                     ? 
# 
_struct_conn_type.id          metalc 
_struct_conn_type.criteria    ? 
_struct_conn_type.reference   ? 
# 
loop_
_struct_mon_prot_cis.pdbx_id 
_struct_mon_prot_cis.label_comp_id 
_struct_mon_prot_cis.label_seq_id 
_struct_mon_prot_cis.label_asym_id 
_struct_mon_prot_cis.label_alt_id 
_struct_mon_prot_cis.pdbx_PDB_ins_code 
_struct_mon_prot_cis.auth_comp_id 
_struct_mon_prot_cis.auth_seq_id 
_struct_mon_prot_cis.auth_asym_id 
_struct_mon_prot_cis.pdbx_label_comp_id_2 
_struct_mon_prot_cis.pdbx_label_seq_id_2 
_struct_mon_prot_cis.pdbx_label_asym_id_2 
_struct_mon_prot_cis.pdbx_PDB_ins_code_2 
_struct_mon_prot_cis.pdbx_auth_comp_id_2 
_struct_mon_prot_cis.pdbx_auth_seq_id_2 
_struct_mon_prot_cis.pdbx_auth_asym_id_2 
_struct_mon_prot_cis.pdbx_PDB_model_num 
_struct_mon_prot_cis.pdbx_omega_angle 
1 PRO 43  A . ? PRO 37  A PRO 44  A ? PRO 38  A 1 0.24  
2 LEU 149 A . ? LEU 143 A ARG 150 A ? ARG 144 A 1 29.36 
3 ARG 150 A . ? ARG 144 A THR 151 A ? THR 145 A 1 27.71 
# 
loop_
_struct_site.id 
_struct_site.pdbx_evidence_code 
_struct_site.pdbx_auth_asym_id 
_struct_site.pdbx_auth_comp_id 
_struct_site.pdbx_auth_seq_id 
_struct_site.pdbx_auth_ins_code 
_struct_site.pdbx_num_residues 
_struct_site.details 
AC1 Software A NI  201 ? 6  'BINDING SITE FOR RESIDUE NI A 201'  
AC2 Software A SO4 202 ? 7  'BINDING SITE FOR RESIDUE SO4 A 202' 
AC3 Software A 1JO 203 ? 17 'BINDING SITE FOR RESIDUE 1JO A 203' 
# 
loop_
_struct_site_gen.id 
_struct_site_gen.site_id 
_struct_site_gen.pdbx_num_res 
_struct_site_gen.label_comp_id 
_struct_site_gen.label_asym_id 
_struct_site_gen.label_seq_id 
_struct_site_gen.pdbx_auth_ins_code 
_struct_site_gen.auth_comp_id 
_struct_site_gen.auth_asym_id 
_struct_site_gen.auth_seq_id 
_struct_site_gen.label_atom_id 
_struct_site_gen.label_alt_id 
_struct_site_gen.symmetry 
_struct_site_gen.details 
1  AC1 6  HIS A 5   ? HIS A -1  . ? 1_555  ? 
2  AC1 6  HIS A 5   ? HIS A -1  . ? 10_555 ? 
3  AC1 6  HIS A 5   ? HIS A -1  . ? 7_555  ? 
4  AC1 6  HIS A 7   ? HIS A 1   . ? 7_555  ? 
5  AC1 6  HIS A 7   ? HIS A 1   . ? 10_555 ? 
6  AC1 6  HIS A 7   ? HIS A 1   . ? 1_555  ? 
7  AC2 7  ARG A 54  ? ARG A 48  . ? 1_555  ? 
8  AC2 7  SER A 106 ? SER A 100 . ? 1_555  ? 
9  AC2 7  SER A 106 ? SER A 100 . ? 3_555  ? 
10 AC2 7  ALA A 107 ? ALA A 101 . ? 1_555  ? 
11 AC2 7  ALA A 107 ? ALA A 101 . ? 3_555  ? 
12 AC2 7  GLN A 108 ? GLN A 102 . ? 1_555  ? 
13 AC2 7  GLN A 108 ? GLN A 102 . ? 3_555  ? 
14 AC3 17 ALA A 26  ? ALA A 20  . ? 10_555 ? 
15 AC3 17 SER A 29  ? SER A 23  . ? 10_555 ? 
16 AC3 17 LEU A 30  ? LEU A 24  . ? 10_555 ? 
17 AC3 17 VAL A 32  ? VAL A 26  . ? 10_555 ? 
18 AC3 17 ILE A 33  ? ILE A 27  . ? 10_555 ? 
19 AC3 17 ARG A 36  ? ARG A 30  . ? 10_555 ? 
20 AC3 17 TYR A 56  ? TYR A 50  . ? 10_555 ? 
21 AC3 17 GLN A 59  ? GLN A 53  . ? 10_555 ? 
22 AC3 17 ASN A 61  ? ASN A 55  . ? 1_555  ? 
23 AC3 17 GLU A 64  ? GLU A 58  . ? 1_555  ? 
24 AC3 17 TYR A 65  ? TYR A 59  . ? 1_555  ? 
25 AC3 17 LEU A 68  ? LEU A 62  . ? 1_555  ? 
26 AC3 17 TYR A 99  ? TYR A 93  . ? 1_555  ? 
27 AC3 17 ARG A 110 ? ARG A 104 . ? 1_555  ? 
28 AC3 17 LEU A 114 ? LEU A 108 . ? 1_555  ? 
29 AC3 17 LEU A 121 ? LEU A 115 . ? 1_555  ? 
30 AC3 17 TRP A 122 ? TRP A 116 . ? 1_555  ? 
# 
_atom_sites.entry_id                    4J7T 
_atom_sites.fract_transf_matrix[1][1]   -0.00080768 
_atom_sites.fract_transf_matrix[1][2]   -0.00412989 
_atom_sites.fract_transf_matrix[1][3]   0.00419087 
_atom_sites.fract_transf_matrix[2][1]   0.00013284 
_atom_sites.fract_transf_matrix[2][2]   0.00421629 
_atom_sites.fract_transf_matrix[2][3]   0.00418054 
_atom_sites.fract_transf_matrix[3][1]   -0.00588232 
_atom_sites.fract_transf_matrix[3][2]   0.00066228 
_atom_sites.fract_transf_matrix[3][3]   -0.00048102 
_atom_sites.fract_transf_vector[1]      0.110113 
_atom_sites.fract_transf_vector[2]      -0.174118 
_atom_sites.fract_transf_vector[3]      -0.092290 
# 
loop_
_atom_type.symbol 
C  
N  
NI 
O  
S  
# 
loop_
_atom_site.group_PDB 
_atom_site.id 
_atom_site.type_symbol 
_atom_site.label_atom_id 
_atom_site.label_alt_id 
_atom_site.label_comp_id 
_atom_site.label_asym_id 
_atom_site.label_entity_id 
_atom_site.label_seq_id 
_atom_site.pdbx_PDB_ins_code 
_atom_site.Cartn_x 
_atom_site.Cartn_y 
_atom_site.Cartn_z 
_atom_site.occupancy 
_atom_site.B_iso_or_equiv 
_atom_site.pdbx_formal_charge 
_atom_site.auth_seq_id 
_atom_site.auth_comp_id 
_atom_site.auth_asym_id 
_atom_site.auth_atom_id 
_atom_site.pdbx_PDB_model_num 
ATOM   1    N  N   . HIS A 1 5   ? 23.347  -19.399 5.348   1.00 161.13 ? -1  HIS A N   1 
ATOM   2    C  CA  . HIS A 1 5   ? 22.243  -19.073 4.454   1.00 167.11 ? -1  HIS A CA  1 
ATOM   3    C  C   . HIS A 1 5   ? 21.690  -17.696 4.804   1.00 151.81 ? -1  HIS A C   1 
ATOM   4    O  O   . HIS A 1 5   ? 21.908  -17.178 5.900   1.00 139.26 ? -1  HIS A O   1 
ATOM   5    C  CB  . HIS A 1 5   ? 21.128  -20.117 4.554   1.00 160.33 ? -1  HIS A CB  1 
ATOM   6    C  CG  . HIS A 1 5   ? 20.367  -20.076 5.839   1.00 161.48 ? -1  HIS A CG  1 
ATOM   7    N  ND1 . HIS A 1 5   ? 20.844  -20.631 7.007   1.00 174.71 ? -1  HIS A ND1 1 
ATOM   8    C  CD2 . HIS A 1 5   ? 19.152  -19.556 6.137   1.00 150.34 ? -1  HIS A CD2 1 
ATOM   9    C  CE1 . HIS A 1 5   ? 19.959  -20.450 7.970   1.00 167.95 ? -1  HIS A CE1 1 
ATOM   10   N  NE2 . HIS A 1 5   ? 18.923  -19.800 7.470   1.00 158.69 ? -1  HIS A NE2 1 
ATOM   11   N  N   . HIS A 1 6   ? 20.953  -17.124 3.860   1.00 147.05 ? 0   HIS A N   1 
ATOM   12   C  CA  . HIS A 1 6   ? 20.335  -15.813 4.004   1.00 141.38 ? 0   HIS A CA  1 
ATOM   13   C  C   . HIS A 1 6   ? 18.897  -15.949 3.554   1.00 128.78 ? 0   HIS A C   1 
ATOM   14   O  O   . HIS A 1 6   ? 18.562  -16.818 2.747   1.00 110.37 ? 0   HIS A O   1 
ATOM   15   C  CB  . HIS A 1 6   ? 21.044  -14.786 3.118   1.00 119.62 ? 0   HIS A CB  1 
ATOM   16   C  CG  . HIS A 1 6   ? 22.493  -14.599 3.440   1.00 133.72 ? 0   HIS A CG  1 
ATOM   17   N  ND1 . HIS A 1 6   ? 22.924  -14.004 4.605   1.00 141.98 ? 0   HIS A ND1 1 
ATOM   18   C  CD2 . HIS A 1 6   ? 23.611  -14.916 2.743   1.00 133.71 ? 0   HIS A CD2 1 
ATOM   19   C  CE1 . HIS A 1 6   ? 24.245  -13.966 4.618   1.00 139.30 ? 0   HIS A CE1 1 
ATOM   20   N  NE2 . HIS A 1 6   ? 24.686  -14.514 3.500   1.00 137.48 ? 0   HIS A NE2 1 
ATOM   21   N  N   . HIS A 1 7   ? 18.051  -15.073 4.076   1.00 111.18 ? 1   HIS A N   1 
ATOM   22   C  CA  . HIS A 1 7   ? 16.662  -15.031 3.659   1.00 82.21  ? 1   HIS A CA  1 
ATOM   23   C  C   . HIS A 1 7   ? 16.352  -13.898 2.697   1.00 75.08  ? 1   HIS A C   1 
ATOM   24   O  O   . HIS A 1 7   ? 15.187  -13.579 2.466   1.00 79.11  ? 1   HIS A O   1 
ATOM   25   C  CB  . HIS A 1 7   ? 15.737  -14.981 4.879   1.00 69.11  ? 1   HIS A CB  1 
ATOM   26   C  CG  . HIS A 1 7   ? 15.824  -16.188 5.758   1.00 93.09  ? 1   HIS A CG  1 
ATOM   27   N  ND1 . HIS A 1 7   ? 15.143  -17.357 5.494   1.00 107.18 ? 1   HIS A ND1 1 
ATOM   28   C  CD2 . HIS A 1 7   ? 16.506  -16.403 6.908   1.00 98.36  ? 1   HIS A CD2 1 
ATOM   29   C  CE1 . HIS A 1 7   ? 15.405  -18.241 6.439   1.00 109.56 ? 1   HIS A CE1 1 
ATOM   30   N  NE2 . HIS A 1 7   ? 16.229  -17.688 7.310   1.00 112.08 ? 1   HIS A NE2 1 
ATOM   31   N  N   . LYS A 1 8   ? 17.400  -13.290 2.147   1.00 73.41  ? 2   LYS A N   1 
ATOM   32   C  CA  . LYS A 1 8   ? 17.251  -12.262 1.125   1.00 60.20  ? 2   LYS A CA  1 
ATOM   33   C  C   . LYS A 1 8   ? 16.416  -12.789 -0.043  1.00 64.46  ? 2   LYS A C   1 
ATOM   34   O  O   . LYS A 1 8   ? 15.602  -12.057 -0.611  1.00 63.96  ? 2   LYS A O   1 
ATOM   35   C  CB  . LYS A 1 8   ? 18.602  -11.810 0.569   1.00 47.47  ? 2   LYS A CB  1 
ATOM   36   C  CG  . LYS A 1 8   ? 19.463  -11.043 1.559   1.00 59.13  ? 2   LYS A CG  1 
ATOM   37   C  CD  . LYS A 1 8   ? 20.664  -10.404 0.867   1.00 56.86  ? 2   LYS A CD  1 
ATOM   38   C  CE  . LYS A 1 8   ? 21.604  -11.438 0.280   1.00 88.73  ? 2   LYS A CE  1 
ATOM   39   N  NZ  . LYS A 1 8   ? 23.005  -10.933 0.250   1.00 92.86  ? 2   LYS A NZ  1 
ATOM   40   N  N   . ASP A 1 9   ? 16.652  -14.044 -0.422  1.00 69.38  ? 3   ASP A N   1 
ATOM   41   C  CA  . ASP A 1 9   ? 15.966  -14.645 -1.561  1.00 49.91  ? 3   ASP A CA  1 
ATOM   42   C  C   . ASP A 1 9   ? 14.458  -14.721 -1.338  1.00 56.80  ? 3   ASP A C   1 
ATOM   43   O  O   . ASP A 1 9   ? 13.677  -14.612 -2.284  1.00 57.90  ? 3   ASP A O   1 
ATOM   44   C  CB  . ASP A 1 9   ? 16.486  -16.064 -1.794  1.00 55.33  ? 3   ASP A CB  1 
ATOM   45   C  CG  . ASP A 1 9   ? 17.978  -16.108 -2.066  1.00 94.87  ? 3   ASP A CG  1 
ATOM   46   O  OD1 . ASP A 1 9   ? 18.759  -15.826 -1.130  1.00 95.21  ? 3   ASP A OD1 1 
ATOM   47   O  OD2 . ASP A 1 9   ? 18.371  -16.445 -3.204  1.00 106.40 ? 3   ASP A OD2 1 
ATOM   48   N  N   . GLU A 1 10  ? 14.050  -14.912 -0.086  1.00 53.97  ? 4   GLU A N   1 
ATOM   49   C  CA  . GLU A 1 10  ? 12.637  -15.104 0.214   1.00 57.00  ? 4   GLU A CA  1 
ATOM   50   C  C   . GLU A 1 10  ? 11.868  -13.788 0.240   1.00 63.01  ? 4   GLU A C   1 
ATOM   51   O  O   . GLU A 1 10  ? 10.634  -13.788 0.297   1.00 55.96  ? 4   GLU A O   1 
ATOM   52   C  CB  . GLU A 1 10  ? 12.470  -15.800 1.571   1.00 69.51  ? 4   GLU A CB  1 
ATOM   53   C  CG  . GLU A 1 10  ? 13.351  -17.020 1.782   1.00 69.62  ? 4   GLU A CG  1 
ATOM   54   C  CD  . GLU A 1 10  ? 12.905  -17.863 2.963   1.00 78.44  ? 4   GLU A CD  1 
ATOM   55   O  OE1 . GLU A 1 10  ? 13.463  -17.695 4.065   1.00 96.71  ? 4   GLU A OE1 1 
ATOM   56   O  OE2 . GLU A 1 10  ? 11.994  -18.698 2.787   1.00 106.11 ? 4   GLU A OE2 1 
ATOM   57   N  N   . VAL A 1 11  ? 12.587  -12.669 0.186   1.00 58.84  ? 5   VAL A N   1 
ATOM   58   C  CA  . VAL A 1 11  ? 11.950  -11.361 0.336   1.00 46.17  ? 5   VAL A CA  1 
ATOM   59   C  C   . VAL A 1 11  ? 12.393  -10.351 -0.702  1.00 38.81  ? 5   VAL A C   1 
ATOM   60   O  O   . VAL A 1 11  ? 12.046  -9.179  -0.607  1.00 52.09  ? 5   VAL A O   1 
ATOM   61   C  CB  . VAL A 1 11  ? 12.216  -10.760 1.731   1.00 41.56  ? 5   VAL A CB  1 
ATOM   62   C  CG1 . VAL A 1 11  ? 11.670  -11.660 2.829   1.00 45.28  ? 5   VAL A CG1 1 
ATOM   63   C  CG2 . VAL A 1 11  ? 13.704  -10.527 1.919   1.00 31.96  ? 5   VAL A CG2 1 
ATOM   64   N  N   . ALA A 1 12  ? 13.148  -10.796 -1.696  1.00 47.80  ? 6   ALA A N   1 
ATOM   65   C  CA  . ALA A 1 12  ? 13.728  -9.858  -2.645  1.00 39.33  ? 6   ALA A CA  1 
ATOM   66   C  C   . ALA A 1 12  ? 12.704  -9.117  -3.500  1.00 34.62  ? 6   ALA A C   1 
ATOM   67   O  O   . ALA A 1 12  ? 12.883  -7.941  -3.796  1.00 50.27  ? 6   ALA A O   1 
ATOM   68   C  CB  . ALA A 1 12  ? 14.776  -10.540 -3.511  1.00 39.02  ? 6   ALA A CB  1 
ATOM   69   N  N   . LEU A 1 13  ? 11.619  -9.791  -3.864  1.00 38.50  ? 7   LEU A N   1 
ATOM   70   C  CA  . LEU A 1 13  ? 10.565  -9.151  -4.644  1.00 40.21  ? 7   LEU A CA  1 
ATOM   71   C  C   . LEU A 1 13  ? 9.812   -8.149  -3.794  1.00 41.39  ? 7   LEU A C   1 
ATOM   72   O  O   . LEU A 1 13  ? 9.465   -7.064  -4.259  1.00 48.84  ? 7   LEU A O   1 
ATOM   73   C  CB  . LEU A 1 13  ? 9.571   -10.174 -5.189  1.00 40.77  ? 7   LEU A CB  1 
ATOM   74   C  CG  . LEU A 1 13  ? 10.157  -11.250 -6.099  1.00 49.26  ? 7   LEU A CG  1 
ATOM   75   C  CD1 . LEU A 1 13  ? 9.127   -12.325 -6.387  1.00 37.10  ? 7   LEU A CD1 1 
ATOM   76   C  CD2 . LEU A 1 13  ? 10.675  -10.625 -7.386  1.00 23.32  ? 7   LEU A CD2 1 
ATOM   77   N  N   . LEU A 1 14  ? 9.599   -8.508  -2.534  1.00 43.55  ? 8   LEU A N   1 
ATOM   78   C  CA  . LEU A 1 14  ? 8.969   -7.604  -1.589  1.00 40.70  ? 8   LEU A CA  1 
ATOM   79   C  C   . LEU A 1 14  ? 9.842   -6.372  -1.437  1.00 45.39  ? 8   LEU A C   1 
ATOM   80   O  O   . LEU A 1 14  ? 9.340   -5.255  -1.403  1.00 52.64  ? 8   LEU A O   1 
ATOM   81   C  CB  . LEU A 1 14  ? 8.795   -8.273  -0.227  1.00 29.57  ? 8   LEU A CB  1 
ATOM   82   C  CG  . LEU A 1 14  ? 8.024   -9.589  -0.181  1.00 34.06  ? 8   LEU A CG  1 
ATOM   83   C  CD1 . LEU A 1 14  ? 7.936   -10.076 1.247   1.00 39.42  ? 8   LEU A CD1 1 
ATOM   84   C  CD2 . LEU A 1 14  ? 6.631   -9.419  -0.766  1.00 36.55  ? 8   LEU A CD2 1 
ATOM   85   N  N   . ALA A 1 15  ? 11.150  -6.581  -1.345  1.00 32.54  ? 9   ALA A N   1 
ATOM   86   C  CA  . ALA A 1 15  ? 12.084  -5.475  -1.198  1.00 31.32  ? 9   ALA A CA  1 
ATOM   87   C  C   . ALA A 1 15  ? 12.118  -4.565  -2.419  1.00 45.26  ? 9   ALA A C   1 
ATOM   88   O  O   . ALA A 1 15  ? 12.212  -3.338  -2.298  1.00 48.75  ? 9   ALA A O   1 
ATOM   89   C  CB  . ALA A 1 15  ? 13.472  -5.979  -0.861  1.00 33.27  ? 9   ALA A CB  1 
ATOM   90   N  N   . ALA A 1 16  ? 12.037  -5.177  -3.596  1.00 44.72  ? 10  ALA A N   1 
ATOM   91   C  CA  . ALA A 1 16  ? 12.025  -4.436  -4.849  1.00 41.04  ? 10  ALA A CA  1 
ATOM   92   C  C   . ALA A 1 16  ? 10.764  -3.596  -5.004  1.00 42.03  ? 10  ALA A C   1 
ATOM   93   O  O   . ALA A 1 16  ? 10.834  -2.419  -5.353  1.00 43.93  ? 10  ALA A O   1 
ATOM   94   C  CB  . ALA A 1 16  ? 12.173  -5.381  -6.028  1.00 33.03  ? 10  ALA A CB  1 
ATOM   95   N  N   . VAL A 1 17  ? 9.618   -4.198  -4.708  1.00 29.97  ? 11  VAL A N   1 
ATOM   96   C  CA  . VAL A 1 17  ? 8.352   -3.477  -4.726  1.00 30.56  ? 11  VAL A CA  1 
ATOM   97   C  C   . VAL A 1 17  ? 8.326   -2.351  -3.699  1.00 40.16  ? 11  VAL A C   1 
ATOM   98   O  O   . VAL A 1 17  ? 7.840   -1.255  -3.974  1.00 52.83  ? 11  VAL A O   1 
ATOM   99   C  CB  . VAL A 1 17  ? 7.166   -4.436  -4.516  1.00 37.46  ? 11  VAL A CB  1 
ATOM   100  C  CG1 . VAL A 1 17  ? 5.868   -3.662  -4.347  1.00 50.59  ? 11  VAL A CG1 1 
ATOM   101  C  CG2 . VAL A 1 17  ? 7.065   -5.407  -5.684  1.00 43.01  ? 11  VAL A CG2 1 
ATOM   102  N  N   . THR A 1 18  ? 8.849   -2.636  -2.513  1.00 35.65  ? 12  THR A N   1 
ATOM   103  C  CA  . THR A 1 18  ? 9.004   -1.640  -1.461  1.00 42.72  ? 12  THR A CA  1 
ATOM   104  C  C   . THR A 1 18  ? 9.829   -0.434  -1.920  1.00 36.47  ? 12  THR A C   1 
ATOM   105  O  O   . THR A 1 18  ? 9.433   0.727   -1.731  1.00 35.51  ? 12  THR A O   1 
ATOM   106  C  CB  . THR A 1 18  ? 9.666   -2.264  -0.219  1.00 34.93  ? 12  THR A CB  1 
ATOM   107  O  OG1 . THR A 1 18  ? 8.769   -3.210  0.378   1.00 28.38  ? 12  THR A OG1 1 
ATOM   108  C  CG2 . THR A 1 18  ? 10.045  -1.195  0.794   1.00 36.74  ? 12  THR A CG2 1 
ATOM   109  N  N   . LEU A 1 19  ? 10.975  -0.714  -2.535  1.00 42.27  ? 13  LEU A N   1 
ATOM   110  C  CA  . LEU A 1 19  ? 11.854  0.346   -3.020  1.00 45.23  ? 13  LEU A CA  1 
ATOM   111  C  C   . LEU A 1 19  ? 11.187  1.153   -4.129  1.00 42.14  ? 13  LEU A C   1 
ATOM   112  O  O   . LEU A 1 19  ? 11.321  2.378   -4.192  1.00 35.18  ? 13  LEU A O   1 
ATOM   113  C  CB  . LEU A 1 19  ? 13.190  -0.207  -3.513  1.00 45.80  ? 13  LEU A CB  1 
ATOM   114  C  CG  . LEU A 1 19  ? 14.219  0.853   -3.901  1.00 45.05  ? 13  LEU A CG  1 
ATOM   115  C  CD1 . LEU A 1 19  ? 14.561  1.713   -2.695  1.00 46.41  ? 13  LEU A CD1 1 
ATOM   116  C  CD2 . LEU A 1 19  ? 15.466  0.209   -4.484  1.00 38.62  ? 13  LEU A CD2 1 
ATOM   117  N  N   . LEU A 1 20  ? 10.509  0.448   -5.029  1.00 35.14  ? 14  LEU A N   1 
ATOM   118  C  CA  . LEU A 1 20  ? 9.729   1.095   -6.071  1.00 35.97  ? 14  LEU A CA  1 
ATOM   119  C  C   . LEU A 1 20  ? 8.687   2.034   -5.460  1.00 44.59  ? 14  LEU A C   1 
ATOM   120  O  O   . LEU A 1 20  ? 8.467   3.140   -5.957  1.00 58.13  ? 14  LEU A O   1 
ATOM   121  C  CB  . LEU A 1 20  ? 9.023   0.045   -6.924  1.00 50.86  ? 14  LEU A CB  1 
ATOM   122  C  CG  . LEU A 1 20  ? 8.111   0.584   -8.024  1.00 65.51  ? 14  LEU A CG  1 
ATOM   123  C  CD1 . LEU A 1 20  ? 8.920   1.379   -9.045  1.00 47.84  ? 14  LEU A CD1 1 
ATOM   124  C  CD2 . LEU A 1 20  ? 7.367   -0.545  -8.691  1.00 54.89  ? 14  LEU A CD2 1 
ATOM   125  N  N   . GLY A 1 21  ? 8.069   1.598   -4.365  1.00 44.79  ? 15  GLY A N   1 
ATOM   126  C  CA  . GLY A 1 21  ? 7.070   2.393   -3.668  1.00 44.76  ? 15  GLY A CA  1 
ATOM   127  C  C   . GLY A 1 21  ? 7.664   3.650   -3.063  1.00 44.02  ? 15  GLY A C   1 
ATOM   128  O  O   . GLY A 1 21  ? 7.082   4.738   -3.149  1.00 49.06  ? 15  GLY A O   1 
ATOM   129  N  N   . VAL A 1 22  ? 8.849   3.502   -2.478  1.00 41.69  ? 16  VAL A N   1 
ATOM   130  C  CA  . VAL A 1 22  ? 9.573   4.640   -1.923  1.00 36.91  ? 16  VAL A CA  1 
ATOM   131  C  C   . VAL A 1 22  ? 9.881   5.647   -3.022  1.00 35.43  ? 16  VAL A C   1 
ATOM   132  O  O   . VAL A 1 22  ? 9.624   6.840   -2.873  1.00 41.73  ? 16  VAL A O   1 
ATOM   133  C  CB  . VAL A 1 22  ? 10.878  4.207   -1.225  1.00 50.84  ? 16  VAL A CB  1 
ATOM   134  C  CG1 . VAL A 1 22  ? 11.749  5.420   -0.927  1.00 40.12  ? 16  VAL A CG1 1 
ATOM   135  C  CG2 . VAL A 1 22  ? 10.574  3.417   0.043   1.00 37.32  ? 16  VAL A CG2 1 
ATOM   136  N  N   . LEU A 1 23  ? 10.422  5.149   -4.129  1.00 49.04  ? 17  LEU A N   1 
ATOM   137  C  CA  . LEU A 1 23  ? 10.727  5.973   -5.297  1.00 42.65  ? 17  LEU A CA  1 
ATOM   138  C  C   . LEU A 1 23  ? 9.509   6.738   -5.805  1.00 46.43  ? 17  LEU A C   1 
ATOM   139  O  O   . LEU A 1 23  ? 9.588   7.929   -6.112  1.00 59.76  ? 17  LEU A O   1 
ATOM   140  C  CB  . LEU A 1 23  ? 11.321  5.134   -6.431  1.00 39.65  ? 17  LEU A CB  1 
ATOM   141  C  CG  . LEU A 1 23  ? 12.713  4.522   -6.275  1.00 29.93  ? 17  LEU A CG  1 
ATOM   142  C  CD1 . LEU A 1 23  ? 13.015  3.647   -7.476  1.00 35.85  ? 17  LEU A CD1 1 
ATOM   143  C  CD2 . LEU A 1 23  ? 13.772  5.599   -6.121  1.00 28.33  ? 17  LEU A CD2 1 
ATOM   144  N  N   . LEU A 1 24  ? 8.381   6.043   -5.870  1.00 38.26  ? 18  LEU A N   1 
ATOM   145  C  CA  . LEU A 1 24  ? 7.111   6.643   -6.260  1.00 42.99  ? 18  LEU A CA  1 
ATOM   146  C  C   . LEU A 1 24  ? 6.676   7.757   -5.302  1.00 49.63  ? 18  LEU A C   1 
ATOM   147  O  O   . LEU A 1 24  ? 6.212   8.821   -5.736  1.00 52.17  ? 18  LEU A O   1 
ATOM   148  C  CB  . LEU A 1 24  ? 6.035   5.564   -6.353  1.00 39.72  ? 18  LEU A CB  1 
ATOM   149  C  CG  . LEU A 1 24  ? 4.636   6.055   -6.693  1.00 48.72  ? 18  LEU A CG  1 
ATOM   150  C  CD1 . LEU A 1 24  ? 4.666   6.681   -8.076  1.00 55.55  ? 18  LEU A CD1 1 
ATOM   151  C  CD2 . LEU A 1 24  ? 3.640   4.909   -6.645  1.00 54.45  ? 18  LEU A CD2 1 
ATOM   152  N  N   . GLN A 1 25  ? 6.859   7.520   -4.007  1.00 52.41  ? 19  GLN A N   1 
ATOM   153  C  CA  . GLN A 1 25  ? 6.545   8.524   -2.992  1.00 44.75  ? 19  GLN A CA  1 
ATOM   154  C  C   . GLN A 1 25  ? 7.423   9.767   -3.160  1.00 35.20  ? 19  GLN A C   1 
ATOM   155  O  O   . GLN A 1 25  ? 6.970   10.903  -2.999  1.00 51.26  ? 19  GLN A O   1 
ATOM   156  C  CB  . GLN A 1 25  ? 6.673   7.982   -1.567  1.00 45.73  ? 19  GLN A CB  1 
ATOM   157  C  CG  . GLN A 1 25  ? 5.637   6.941   -1.175  1.00 34.76  ? 19  GLN A CG  1 
ATOM   158  C  CD  . GLN A 1 25  ? 4.225   7.464   -1.191  1.00 42.07  ? 19  GLN A CD  1 
ATOM   159  O  OE1 . GLN A 1 25  ? 3.369   6.931   -1.894  1.00 52.89  ? 19  GLN A OE1 1 
ATOM   160  N  NE2 . GLN A 1 25  ? 3.970   8.511   -0.418  1.00 61.19  ? 19  GLN A NE2 1 
ATOM   161  N  N   . ALA A 1 26  ? 8.687   9.527   -3.498  1.00 42.26  ? 20  ALA A N   1 
ATOM   162  C  CA  . ALA A 1 26  ? 9.656   10.588  -3.747  1.00 61.02  ? 20  ALA A CA  1 
ATOM   163  C  C   . ALA A 1 26  ? 9.190   11.406  -4.938  1.00 55.26  ? 20  ALA A C   1 
ATOM   164  O  O   . ALA A 1 26  ? 9.244   12.643  -4.929  1.00 56.03  ? 20  ALA A O   1 
ATOM   165  C  CB  . ALA A 1 26  ? 11.029  10.005  -4.031  1.00 57.68  ? 20  ALA A CB  1 
ATOM   166  N  N   . TYR A 1 27  ? 8.719   10.702  -5.960  1.00 48.78  ? 21  TYR A N   1 
ATOM   167  C  CA  . TYR A 1 27  ? 8.177   11.351  -7.140  1.00 49.11  ? 21  TYR A CA  1 
ATOM   168  C  C   . TYR A 1 27  ? 7.008   12.255  -6.784  1.00 50.27  ? 21  TYR A C   1 
ATOM   169  O  O   . TYR A 1 27  ? 6.937   13.404  -7.230  1.00 53.92  ? 21  TYR A O   1 
ATOM   170  C  CB  . TYR A 1 27  ? 7.782   10.309  -8.187  1.00 44.95  ? 21  TYR A CB  1 
ATOM   171  C  CG  . TYR A 1 27  ? 7.034   10.880  -9.363  1.00 55.30  ? 21  TYR A CG  1 
ATOM   172  C  CD1 . TYR A 1 27  ? 7.687   11.623  -10.335 1.00 52.35  ? 21  TYR A CD1 1 
ATOM   173  C  CD2 . TYR A 1 27  ? 5.663   10.691  -9.488  1.00 47.81  ? 21  TYR A CD2 1 
ATOM   174  C  CE1 . TYR A 1 27  ? 6.997   12.156  -11.405 1.00 56.44  ? 21  TYR A CE1 1 
ATOM   175  C  CE2 . TYR A 1 27  ? 4.966   11.214  -10.554 1.00 57.34  ? 21  TYR A CE2 1 
ATOM   176  C  CZ  . TYR A 1 27  ? 5.638   11.949  -11.509 1.00 62.87  ? 21  TYR A CZ  1 
ATOM   177  O  OH  . TYR A 1 27  ? 4.949   12.470  -12.580 1.00 84.72  ? 21  TYR A OH  1 
ATOM   178  N  N   . PHE A 1 28  ? 6.114   11.740  -5.947  1.00 49.81  ? 22  PHE A N   1 
ATOM   179  C  CA  . PHE A 1 28  ? 4.984   12.528  -5.480  1.00 48.08  ? 22  PHE A CA  1 
ATOM   180  C  C   . PHE A 1 28  ? 5.460   13.789  -4.772  1.00 45.41  ? 22  PHE A C   1 
ATOM   181  O  O   . PHE A 1 28  ? 4.934   14.878  -5.004  1.00 52.64  ? 22  PHE A O   1 
ATOM   182  C  CB  . PHE A 1 28  ? 4.110   11.724  -4.527  1.00 42.74  ? 22  PHE A CB  1 
ATOM   183  C  CG  . PHE A 1 28  ? 3.445   10.557  -5.173  1.00 41.22  ? 22  PHE A CG  1 
ATOM   184  C  CD1 . PHE A 1 28  ? 3.244   10.539  -6.541  1.00 46.02  ? 22  PHE A CD1 1 
ATOM   185  C  CD2 . PHE A 1 28  ? 2.983   9.498   -4.416  1.00 52.94  ? 22  PHE A CD2 1 
ATOM   186  C  CE1 . PHE A 1 28  ? 2.623   9.470   -7.149  1.00 61.89  ? 22  PHE A CE1 1 
ATOM   187  C  CE2 . PHE A 1 28  ? 2.356   8.426   -5.018  1.00 55.80  ? 22  PHE A CE2 1 
ATOM   188  C  CZ  . PHE A 1 28  ? 2.171   8.414   -6.386  1.00 49.63  ? 22  PHE A CZ  1 
ATOM   189  N  N   . SER A 1 29  ? 6.462   13.636  -3.913  1.00 45.76  ? 23  SER A N   1 
ATOM   190  C  CA  A SER A 1 29  ? 7.027   14.765  -3.181  0.50 59.12  ? 23  SER A CA  1 
ATOM   191  C  CA  B SER A 1 29  ? 7.007   14.775  -3.188  0.50 59.11  ? 23  SER A CA  1 
ATOM   192  C  C   . SER A 1 29  ? 7.579   15.841  -4.121  1.00 64.34  ? 23  SER A C   1 
ATOM   193  O  O   . SER A 1 29  ? 7.308   17.042  -3.951  1.00 68.07  ? 23  SER A O   1 
ATOM   194  C  CB  A SER A 1 29  ? 8.120   14.280  -2.227  0.50 57.55  ? 23  SER A CB  1 
ATOM   195  C  CB  B SER A 1 29  ? 8.071   14.321  -2.187  0.50 57.46  ? 23  SER A CB  1 
ATOM   196  O  OG  A SER A 1 29  ? 7.612   13.287  -1.352  0.50 48.17  ? 23  SER A OG  1 
ATOM   197  O  OG  B SER A 1 29  ? 7.500   13.486  -1.195  0.50 48.42  ? 23  SER A OG  1 
ATOM   198  N  N   . LEU A 1 30  ? 8.328   15.413  -5.133  1.00 67.09  ? 24  LEU A N   1 
ATOM   199  C  CA  . LEU A 1 30  ? 8.887   16.371  -6.082  1.00 59.26  ? 24  LEU A CA  1 
ATOM   200  C  C   . LEU A 1 30  ? 7.784   17.056  -6.867  1.00 65.64  ? 24  LEU A C   1 
ATOM   201  O  O   . LEU A 1 30  ? 7.885   18.243  -7.178  1.00 74.55  ? 24  LEU A O   1 
ATOM   202  C  CB  . LEU A 1 30  ? 9.880   15.703  -7.041  1.00 58.05  ? 24  LEU A CB  1 
ATOM   203  C  CG  . LEU A 1 30  ? 11.171  15.103  -6.487  1.00 59.05  ? 24  LEU A CG  1 
ATOM   204  C  CD1 . LEU A 1 30  ? 11.865  14.293  -7.562  1.00 43.19  ? 24  LEU A CD1 1 
ATOM   205  C  CD2 . LEU A 1 30  ? 12.086  16.217  -5.995  1.00 72.83  ? 24  LEU A CD2 1 
ATOM   206  N  N   . GLN A 1 31  ? 6.718   16.319  -7.158  1.00 64.64  ? 25  GLN A N   1 
ATOM   207  C  CA  . GLN A 1 31  ? 5.566   16.917  -7.817  1.00 54.78  ? 25  GLN A CA  1 
ATOM   208  C  C   . GLN A 1 31  ? 4.909   17.972  -6.935  1.00 59.82  ? 25  GLN A C   1 
ATOM   209  O  O   . GLN A 1 31  ? 4.432   18.993  -7.428  1.00 62.28  ? 25  GLN A O   1 
ATOM   210  C  CB  . GLN A 1 31  ? 4.549   15.860  -8.245  1.00 63.46  ? 25  GLN A CB  1 
ATOM   211  C  CG  . GLN A 1 31  ? 5.067   14.954  -9.337  1.00 61.99  ? 25  GLN A CG  1 
ATOM   212  C  CD  . GLN A 1 31  ? 5.213   15.662  -10.662 1.00 67.89  ? 25  GLN A CD  1 
ATOM   213  O  OE1 . GLN A 1 31  ? 6.320   15.814  -11.175 1.00 70.52  ? 25  GLN A OE1 1 
ATOM   214  N  NE2 . GLN A 1 31  ? 4.095   16.094  -11.231 1.00 95.84  ? 25  GLN A NE2 1 
ATOM   215  N  N   . VAL A 1 32  ? 4.872   17.721  -5.630  1.00 64.65  ? 26  VAL A N   1 
ATOM   216  C  CA  . VAL A 1 32  ? 4.354   18.715  -4.695  1.00 57.98  ? 26  VAL A CA  1 
ATOM   217  C  C   . VAL A 1 32  ? 5.223   19.967  -4.662  1.00 57.01  ? 26  VAL A C   1 
ATOM   218  O  O   . VAL A 1 32  ? 4.702   21.073  -4.665  1.00 68.55  ? 26  VAL A O   1 
ATOM   219  C  CB  . VAL A 1 32  ? 4.203   18.145  -3.278  1.00 58.95  ? 26  VAL A CB  1 
ATOM   220  C  CG1 . VAL A 1 32  ? 3.840   19.243  -2.290  1.00 64.54  ? 26  VAL A CG1 1 
ATOM   221  C  CG2 . VAL A 1 32  ? 3.142   17.089  -3.284  1.00 61.65  ? 26  VAL A CG2 1 
ATOM   222  N  N   . ILE A 1 33  ? 6.542   19.800  -4.632  1.00 76.17  ? 27  ILE A N   1 
ATOM   223  C  CA  . ILE A 1 33  ? 7.442   20.962  -4.644  1.00 74.07  ? 27  ILE A CA  1 
ATOM   224  C  C   . ILE A 1 33  ? 7.273   21.766  -5.928  1.00 72.48  ? 27  ILE A C   1 
ATOM   225  O  O   . ILE A 1 33  ? 7.256   23.010  -5.923  1.00 86.01  ? 27  ILE A O   1 
ATOM   226  C  CB  . ILE A 1 33  ? 8.907   20.537  -4.498  1.00 68.73  ? 27  ILE A CB  1 
ATOM   227  C  CG1 . ILE A 1 33  ? 9.170   20.047  -3.083  1.00 69.80  ? 27  ILE A CG1 1 
ATOM   228  C  CG2 . ILE A 1 33  ? 9.845   21.705  -4.745  1.00 68.46  ? 27  ILE A CG2 1 
ATOM   229  C  CD1 . ILE A 1 33  ? 10.492  19.374  -2.964  1.00 88.42  ? 27  ILE A CD1 1 
ATOM   230  N  N   . SER A 1 34  ? 7.103   21.040  -7.025  1.00 68.01  ? 28  SER A N   1 
ATOM   231  C  CA  . SER A 1 34  ? 6.865   21.669  -8.311  1.00 75.85  ? 28  SER A CA  1 
ATOM   232  C  C   . SER A 1 34  ? 5.542   22.425  -8.334  1.00 77.52  ? 28  SER A C   1 
ATOM   233  O  O   . SER A 1 34  ? 5.470   23.504  -8.913  1.00 85.46  ? 28  SER A O   1 
ATOM   234  C  CB  . SER A 1 34  ? 6.960   20.638  -9.441  1.00 60.71  ? 28  SER A CB  1 
ATOM   235  O  OG  . SER A 1 34  ? 6.291   21.085  -10.607 1.00 75.76  ? 28  SER A OG  1 
ATOM   236  N  N   . ALA A 1 35  ? 4.490   21.877  -7.734  1.00 77.67  ? 29  ALA A N   1 
ATOM   237  C  CA  . ALA A 1 35  ? 3.258   22.653  -7.623  1.00 73.77  ? 29  ALA A CA  1 
ATOM   238  C  C   . ALA A 1 35  ? 3.432   23.877  -6.709  1.00 72.07  ? 29  ALA A C   1 
ATOM   239  O  O   . ALA A 1 35  ? 2.819   24.917  -6.938  1.00 82.77  ? 29  ALA A O   1 
ATOM   240  C  CB  . ALA A 1 35  ? 2.086   21.789  -7.167  1.00 71.88  ? 29  ALA A CB  1 
ATOM   241  N  N   . ARG A 1 36  ? 4.259   23.741  -5.671  1.00 84.83  ? 30  ARG A N   1 
ATOM   242  C  CA  . ARG A 1 36  ? 4.609   24.863  -4.794  1.00 83.28  ? 30  ARG A CA  1 
ATOM   243  C  C   . ARG A 1 36  ? 5.275   26.002  -5.553  1.00 90.79  ? 30  ARG A C   1 
ATOM   244  O  O   . ARG A 1 36  ? 5.038   27.171  -5.255  1.00 93.82  ? 30  ARG A O   1 
ATOM   245  C  CB  . ARG A 1 36  ? 5.541   24.425  -3.660  1.00 70.20  ? 30  ARG A CB  1 
ATOM   246  C  CG  . ARG A 1 36  ? 4.794   24.015  -2.402  1.00 71.24  ? 30  ARG A CG  1 
ATOM   247  C  CD  . ARG A 1 36  ? 5.729   23.624  -1.268  1.00 85.89  ? 30  ARG A CD  1 
ATOM   248  N  NE  . ARG A 1 36  ? 5.015   22.968  -0.173  1.00 96.36  ? 30  ARG A NE  1 
ATOM   249  C  CZ  . ARG A 1 36  ? 4.171   23.583  0.653   1.00 86.21  ? 30  ARG A CZ  1 
ATOM   250  N  NH1 . ARG A 1 36  ? 3.940   24.884  0.535   1.00 77.77  ? 30  ARG A NH1 1 
ATOM   251  N  NH2 . ARG A 1 36  ? 3.566   22.897  1.615   1.00 77.56  ? 30  ARG A NH2 1 
ATOM   252  N  N   . ARG A 1 37  ? 6.122   25.666  -6.521  1.00 92.61  ? 31  ARG A N   1 
ATOM   253  C  CA  . ARG A 1 37  ? 6.681   26.706  -7.386  1.00 82.47  ? 31  ARG A CA  1 
ATOM   254  C  C   . ARG A 1 37  ? 5.654   27.238  -8.390  1.00 95.35  ? 31  ARG A C   1 
ATOM   255  O  O   . ARG A 1 37  ? 5.399   28.443  -8.430  1.00 112.28 ? 31  ARG A O   1 
ATOM   256  C  CB  . ARG A 1 37  ? 7.950   26.215  -8.095  1.00 74.52  ? 31  ARG A CB  1 
ATOM   257  C  CG  . ARG A 1 37  ? 9.019   25.679  -7.144  1.00 96.32  ? 31  ARG A CG  1 
ATOM   258  C  CD  . ARG A 1 37  ? 10.056  24.812  -7.843  1.00 107.18 ? 31  ARG A CD  1 
ATOM   259  N  NE  . ARG A 1 37  ? 11.071  24.338  -6.904  1.00 111.53 ? 31  ARG A NE  1 
ATOM   260  C  CZ  . ARG A 1 37  ? 11.882  23.309  -7.126  1.00 122.96 ? 31  ARG A CZ  1 
ATOM   261  N  NH1 . ARG A 1 37  ? 11.807  22.636  -8.265  1.00 125.28 ? 31  ARG A NH1 1 
ATOM   262  N  NH2 . ARG A 1 37  ? 12.774  22.956  -6.209  1.00 129.10 ? 31  ARG A NH2 1 
ATOM   263  N  N   . ALA A 1 38  ? 5.085   26.355  -9.206  1.00 89.50  ? 32  ALA A N   1 
ATOM   264  C  CA  . ALA A 1 38  ? 4.051   26.730  -10.175 1.00 89.00  ? 32  ALA A CA  1 
ATOM   265  C  C   . ALA A 1 38  ? 2.938   27.643  -9.629  1.00 93.95  ? 32  ALA A C   1 
ATOM   266  O  O   . ALA A 1 38  ? 2.617   28.659  -10.244 1.00 124.12 ? 32  ALA A O   1 
ATOM   267  C  CB  . ALA A 1 38  ? 3.438   25.482  -10.805 1.00 81.04  ? 32  ALA A CB  1 
ATOM   268  N  N   . PHE A 1 39  ? 2.360   27.294  -8.481  1.00 88.52  ? 33  PHE A N   1 
ATOM   269  C  CA  . PHE A 1 39  ? 1.200   28.023  -7.954  1.00 83.78  ? 33  PHE A CA  1 
ATOM   270  C  C   . PHE A 1 39  ? 1.564   28.939  -6.785  1.00 89.79  ? 33  PHE A C   1 
ATOM   271  O  O   . PHE A 1 39  ? 0.693   29.384  -6.034  1.00 83.89  ? 33  PHE A O   1 
ATOM   272  C  CB  . PHE A 1 39  ? 0.066   27.069  -7.576  1.00 72.22  ? 33  PHE A CB  1 
ATOM   273  C  CG  . PHE A 1 39  ? -0.297  26.110  -8.663  1.00 79.13  ? 33  PHE A CG  1 
ATOM   274  C  CD1 . PHE A 1 39  ? -0.929  26.546  -9.813  1.00 81.22  ? 33  PHE A CD1 1 
ATOM   275  C  CD2 . PHE A 1 39  ? -0.004  24.764  -8.531  1.00 98.69  ? 33  PHE A CD2 1 
ATOM   276  C  CE1 . PHE A 1 39  ? -1.256  25.655  -10.817 1.00 108.71 ? 33  PHE A CE1 1 
ATOM   277  C  CE2 . PHE A 1 39  ? -0.330  23.869  -9.525  1.00 109.14 ? 33  PHE A CE2 1 
ATOM   278  C  CZ  . PHE A 1 39  ? -0.956  24.313  -10.672 1.00 121.77 ? 33  PHE A CZ  1 
ATOM   279  N  N   . ARG A 1 40  ? 2.858   29.221  -6.668  1.00 94.32  ? 34  ARG A N   1 
ATOM   280  C  CA  . ARG A 1 40  ? 3.419   30.179  -5.713  1.00 98.15  ? 34  ARG A CA  1 
ATOM   281  C  C   . ARG A 1 40  ? 2.922   29.962  -4.287  1.00 98.92  ? 34  ARG A C   1 
ATOM   282  O  O   . ARG A 1 40  ? 2.220   30.808  -3.732  1.00 92.93  ? 34  ARG A O   1 
ATOM   283  C  CB  . ARG A 1 40  ? 3.090   31.617  -6.137  1.00 105.92 ? 34  ARG A CB  1 
ATOM   284  C  CG  . ARG A 1 40  ? 3.072   31.875  -7.638  1.00 126.62 ? 34  ARG A CG  1 
ATOM   285  C  CD  . ARG A 1 40  ? 4.421   32.346  -8.150  1.00 136.60 ? 34  ARG A CD  1 
ATOM   286  N  NE  . ARG A 1 40  ? 4.340   32.807  -9.533  1.00 145.90 ? 34  ARG A NE  1 
ATOM   287  C  CZ  . ARG A 1 40  ? 4.700   32.079  -10.587 1.00 145.19 ? 34  ARG A CZ  1 
ATOM   288  N  NH1 . ARG A 1 40  ? 5.165   30.849  -10.417 1.00 132.01 ? 34  ARG A NH1 1 
ATOM   289  N  NH2 . ARG A 1 40  ? 4.594   32.579  -11.811 1.00 137.58 ? 34  ARG A NH2 1 
ATOM   290  N  N   . VAL A 1 41  ? 3.280   28.823  -3.699  1.00 92.58  ? 35  VAL A N   1 
ATOM   291  C  CA  . VAL A 1 41  ? 3.018   28.584  -2.284  1.00 81.56  ? 35  VAL A CA  1 
ATOM   292  C  C   . VAL A 1 41  ? 4.302   28.294  -1.507  1.00 88.92  ? 35  VAL A C   1 
ATOM   293  O  O   . VAL A 1 41  ? 4.983   27.312  -1.789  1.00 95.06  ? 35  VAL A O   1 
ATOM   294  C  CB  . VAL A 1 41  ? 2.037   27.414  -2.071  1.00 73.72  ? 35  VAL A CB  1 
ATOM   295  C  CG1 . VAL A 1 41  ? 1.749   27.230  -0.587  1.00 75.18  ? 35  VAL A CG1 1 
ATOM   296  C  CG2 . VAL A 1 41  ? 0.746   27.646  -2.839  1.00 72.05  ? 35  VAL A CG2 1 
ATOM   297  N  N   . SER A 1 42  ? 4.631   29.128  -0.528  1.00 104.20 ? 36  SER A N   1 
ATOM   298  C  CA  . SER A 1 42  ? 5.896   28.964  0.190   1.00 106.69 ? 36  SER A CA  1 
ATOM   299  C  C   . SER A 1 42  ? 5.583   28.286  1.514   1.00 101.70 ? 36  SER A C   1 
ATOM   300  O  O   . SER A 1 42  ? 4.576   28.618  2.122   1.00 96.24  ? 36  SER A O   1 
ATOM   301  C  CB  . SER A 1 42  ? 6.646   30.286  0.376   1.00 117.82 ? 36  SER A CB  1 
ATOM   302  O  OG  . SER A 1 42  ? 5.832   31.252  1.022   1.00 129.67 ? 36  SER A OG  1 
ATOM   303  N  N   . PRO A 1 43  ? 6.437   27.346  1.963   1.00 101.88 ? 37  PRO A N   1 
ATOM   304  C  CA  . PRO A 1 43  ? 6.333   26.724  3.296   1.00 91.01  ? 37  PRO A CA  1 
ATOM   305  C  C   . PRO A 1 43  ? 6.428   27.687  4.496   1.00 97.93  ? 37  PRO A C   1 
ATOM   306  O  O   . PRO A 1 43  ? 7.202   28.643  4.432   1.00 116.68 ? 37  PRO A O   1 
ATOM   307  C  CB  . PRO A 1 43  ? 7.537   25.773  3.312   1.00 95.01  ? 37  PRO A CB  1 
ATOM   308  C  CG  . PRO A 1 43  ? 7.816   25.482  1.874   1.00 92.85  ? 37  PRO A CG  1 
ATOM   309  C  CD  . PRO A 1 43  ? 7.532   26.767  1.167   1.00 110.20 ? 37  PRO A CD  1 
ATOM   310  N  N   . PRO A 1 44  ? 5.640   27.446  5.575   1.00 92.90  ? 38  PRO A N   1 
ATOM   311  C  CA  . PRO A 1 44  ? 4.668   26.360  5.795   1.00 87.69  ? 38  PRO A CA  1 
ATOM   312  C  C   . PRO A 1 44  ? 3.427   26.717  4.974   1.00 86.64  ? 38  PRO A C   1 
ATOM   313  O  O   . PRO A 1 44  ? 3.640   27.365  3.975   1.00 92.03  ? 38  PRO A O   1 
ATOM   314  C  CB  . PRO A 1 44  ? 4.378   26.470  7.292   1.00 87.83  ? 38  PRO A CB  1 
ATOM   315  C  CG  . PRO A 1 44  ? 4.582   27.893  7.620   1.00 78.61  ? 38  PRO A CG  1 
ATOM   316  C  CD  . PRO A 1 44  ? 5.660   28.400  6.701   1.00 91.06  ? 38  PRO A CD  1 
ATOM   317  N  N   . LEU A 1 45  ? 2.220   26.244  5.288   1.00 92.66  ? 39  LEU A N   1 
ATOM   318  C  CA  . LEU A 1 45  ? 0.990   26.748  4.640   1.00 99.43  ? 39  LEU A CA  1 
ATOM   319  C  C   . LEU A 1 45  ? 0.767   25.843  3.437   1.00 87.38  ? 39  LEU A C   1 
ATOM   320  O  O   . LEU A 1 45  ? 1.658   25.683  2.601   1.00 78.40  ? 39  LEU A O   1 
ATOM   321  C  CB  . LEU A 1 45  ? 1.118   28.208  4.175   1.00 106.81 ? 39  LEU A CB  1 
ATOM   322  C  CG  . LEU A 1 45  ? -0.084  29.151  4.226   1.00 106.13 ? 39  LEU A CG  1 
ATOM   323  C  CD1 . LEU A 1 45  ? -0.408  29.530  5.661   1.00 103.32 ? 39  LEU A CD1 1 
ATOM   324  C  CD2 . LEU A 1 45  ? 0.215   30.390  3.406   1.00 94.00  ? 39  LEU A CD2 1 
ATOM   325  N  N   . THR A 1 46  ? -0.418  25.257  3.340   1.00 90.97  ? 40  THR A N   1 
ATOM   326  C  CA  . THR A 1 46  ? -0.655  24.151  2.430   1.00 83.83  ? 40  THR A CA  1 
ATOM   327  C  C   . THR A 1 46  ? -1.975  24.434  1.720   1.00 84.93  ? 40  THR A C   1 
ATOM   328  O  O   . THR A 1 46  ? -2.595  23.544  1.133   1.00 71.32  ? 40  THR A O   1 
ATOM   329  C  CB  . THR A 1 46  ? -0.735  22.841  3.239   1.00 81.00  ? 40  THR A CB  1 
ATOM   330  O  OG1 . THR A 1 46  ? -1.673  22.991  4.313   1.00 68.83  ? 40  THR A OG1 1 
ATOM   331  C  CG2 . THR A 1 46  ? 0.633   22.482  3.819   1.00 77.60  ? 40  THR A CG2 1 
ATOM   332  N  N   . THR A 1 47  ? -2.372  25.705  1.764   1.00 88.12  ? 41  THR A N   1 
ATOM   333  C  CA  . THR A 1 47  ? -3.552  26.205  1.064   1.00 65.53  ? 41  THR A CA  1 
ATOM   334  C  C   . THR A 1 47  ? -3.125  27.072  -0.113  1.00 68.19  ? 41  THR A C   1 
ATOM   335  O  O   . THR A 1 47  ? -2.131  27.796  -0.044  1.00 76.17  ? 41  THR A O   1 
ATOM   336  C  CB  . THR A 1 47  ? -4.446  27.045  1.983   1.00 68.05  ? 41  THR A CB  1 
ATOM   337  O  OG1 . THR A 1 47  ? -3.635  27.973  2.714   1.00 91.13  ? 41  THR A OG1 1 
ATOM   338  C  CG2 . THR A 1 47  ? -5.183  26.156  2.964   1.00 76.99  ? 41  THR A CG2 1 
ATOM   339  N  N   . GLY A 1 48  ? -3.896  26.996  -1.192  1.00 57.13  ? 42  GLY A N   1 
ATOM   340  C  CA  . GLY A 1 48  ? -3.626  27.754  -2.398  1.00 56.57  ? 42  GLY A CA  1 
ATOM   341  C  C   . GLY A 1 48  ? -4.686  27.418  -3.423  1.00 60.30  ? 42  GLY A C   1 
ATOM   342  O  O   . GLY A 1 48  ? -5.785  27.011  -3.054  1.00 63.06  ? 42  GLY A O   1 
ATOM   343  N  N   . PRO A 1 49  ? -4.376  27.620  -4.712  1.00 61.57  ? 43  PRO A N   1 
ATOM   344  C  CA  . PRO A 1 49  ? -5.298  27.251  -5.794  1.00 64.35  ? 43  PRO A CA  1 
ATOM   345  C  C   . PRO A 1 49  ? -5.753  25.795  -5.663  1.00 76.81  ? 43  PRO A C   1 
ATOM   346  O  O   . PRO A 1 49  ? -5.012  24.984  -5.109  1.00 91.32  ? 43  PRO A O   1 
ATOM   347  C  CB  . PRO A 1 49  ? -4.455  27.414  -7.065  1.00 83.84  ? 43  PRO A CB  1 
ATOM   348  C  CG  . PRO A 1 49  ? -3.206  28.124  -6.670  1.00 56.33  ? 43  PRO A CG  1 
ATOM   349  C  CD  . PRO A 1 49  ? -3.143  28.271  -5.193  1.00 61.07  ? 43  PRO A CD  1 
ATOM   350  N  N   . PRO A 1 50  ? -6.952  25.467  -6.181  1.00 87.44  ? 44  PRO A N   1 
ATOM   351  C  CA  . PRO A 1 50  ? -7.493  24.100  -6.225  1.00 91.77  ? 44  PRO A CA  1 
ATOM   352  C  C   . PRO A 1 50  ? -6.517  23.045  -6.748  1.00 78.40  ? 44  PRO A C   1 
ATOM   353  O  O   . PRO A 1 50  ? -6.467  21.964  -6.178  1.00 79.13  ? 44  PRO A O   1 
ATOM   354  C  CB  . PRO A 1 50  ? -8.667  24.228  -7.195  1.00 93.34  ? 44  PRO A CB  1 
ATOM   355  C  CG  . PRO A 1 50  ? -9.133  25.624  -7.010  1.00 96.34  ? 44  PRO A CG  1 
ATOM   356  C  CD  . PRO A 1 50  ? -7.897  26.446  -6.748  1.00 85.57  ? 44  PRO A CD  1 
ATOM   357  N  N   . GLU A 1 51  ? -5.796  23.331  -7.828  1.00 80.63  ? 45  GLU A N   1 
ATOM   358  C  CA  . GLU A 1 51  ? -4.884  22.352  -8.421  1.00 86.81  ? 45  GLU A CA  1 
ATOM   359  C  C   . GLU A 1 51  ? -3.730  21.979  -7.485  1.00 84.20  ? 45  GLU A C   1 
ATOM   360  O  O   . GLU A 1 51  ? -3.357  20.796  -7.351  1.00 85.85  ? 45  GLU A O   1 
ATOM   361  C  CB  . GLU A 1 51  ? -4.341  22.856  -9.766  1.00 97.94  ? 45  GLU A CB  1 
ATOM   362  C  CG  . GLU A 1 51  ? -4.329  24.375  -9.940  1.00 103.89 ? 45  GLU A CG  1 
ATOM   363  C  CD  . GLU A 1 51  ? -5.685  24.957  -10.300 1.00 125.66 ? 45  GLU A CD  1 
ATOM   364  O  OE1 . GLU A 1 51  ? -6.216  24.600  -11.375 1.00 130.86 ? 45  GLU A OE1 1 
ATOM   365  O  OE2 . GLU A 1 51  ? -6.215  25.771  -9.512  1.00 109.08 ? 45  GLU A OE2 1 
ATOM   366  N  N   . PHE A 1 52  ? -3.242  22.982  -6.759  1.00 74.40  ? 46  PHE A N   1 
ATOM   367  C  CA  . PHE A 1 52  ? -2.212  22.754  -5.757  1.00 71.04  ? 46  PHE A CA  1 
ATOM   368  C  C   . PHE A 1 52  ? -2.792  21.938  -4.631  1.00 74.52  ? 46  PHE A C   1 
ATOM   369  O  O   . PHE A 1 52  ? -2.153  21.007  -4.149  1.00 81.05  ? 46  PHE A O   1 
ATOM   370  C  CB  . PHE A 1 52  ? -1.593  24.050  -5.228  1.00 61.52  ? 46  PHE A CB  1 
ATOM   371  C  CG  . PHE A 1 52  ? -0.678  23.842  -4.049  1.00 73.26  ? 46  PHE A CG  1 
ATOM   372  C  CD1 . PHE A 1 52  ? 0.635   23.436  -4.235  1.00 79.58  ? 46  PHE A CD1 1 
ATOM   373  C  CD2 . PHE A 1 52  ? -1.139  24.033  -2.754  1.00 65.04  ? 46  PHE A CD2 1 
ATOM   374  C  CE1 . PHE A 1 52  ? 1.474   23.239  -3.152  1.00 57.10  ? 46  PHE A CE1 1 
ATOM   375  C  CE2 . PHE A 1 52  ? -0.304  23.835  -1.667  1.00 57.84  ? 46  PHE A CE2 1 
ATOM   376  C  CZ  . PHE A 1 52  ? 1.005   23.437  -1.869  1.00 59.43  ? 46  PHE A CZ  1 
ATOM   377  N  N   . GLU A 1 53  ? -3.988  22.299  -4.185  1.00 70.90  ? 47  GLU A N   1 
ATOM   378  C  CA  . GLU A 1 53  ? -4.543  21.619  -3.034  1.00 69.78  ? 47  GLU A CA  1 
ATOM   379  C  C   . GLU A 1 53  ? -4.807  20.155  -3.374  1.00 65.06  ? 47  GLU A C   1 
ATOM   380  O  O   . GLU A 1 53  ? -4.650  19.279  -2.531  1.00 68.78  ? 47  GLU A O   1 
ATOM   381  C  CB  . GLU A 1 53  ? -5.776  22.319  -2.457  1.00 74.98  ? 47  GLU A CB  1 
ATOM   382  C  CG  . GLU A 1 53  ? -5.523  23.737  -1.986  1.00 64.85  ? 47  GLU A CG  1 
ATOM   383  C  CD  . GLU A 1 53  ? -6.585  24.219  -1.018  1.00 91.44  ? 47  GLU A CD  1 
ATOM   384  O  OE1 . GLU A 1 53  ? -7.583  23.491  -0.825  1.00 94.49  ? 47  GLU A OE1 1 
ATOM   385  O  OE2 . GLU A 1 53  ? -6.422  25.320  -0.451  1.00 96.22  ? 47  GLU A OE2 1 
ATOM   386  N  N   . ARG A 1 54  ? -5.188  19.904  -4.626  1.00 63.55  ? 48  ARG A N   1 
ATOM   387  C  CA  . ARG A 1 54  ? -5.403  18.545  -5.107  1.00 73.01  ? 48  ARG A CA  1 
ATOM   388  C  C   . ARG A 1 54  ? -4.109  17.738  -5.199  1.00 73.66  ? 48  ARG A C   1 
ATOM   389  O  O   . ARG A 1 54  ? -4.076  16.570  -4.814  1.00 65.05  ? 48  ARG A O   1 
ATOM   390  C  CB  . ARG A 1 54  ? -6.132  18.538  -6.454  1.00 64.27  ? 48  ARG A CB  1 
ATOM   391  C  CG  . ARG A 1 54  ? -7.604  18.919  -6.368  1.00 74.52  ? 48  ARG A CG  1 
ATOM   392  C  CD  . ARG A 1 54  ? -8.330  18.608  -7.668  1.00 71.17  ? 48  ARG A CD  1 
ATOM   393  N  NE  . ARG A 1 54  ? -7.565  19.068  -8.823  1.00 81.73  ? 48  ARG A NE  1 
ATOM   394  C  CZ  . ARG A 1 54  ? -7.702  20.261  -9.389  1.00 77.69  ? 48  ARG A CZ  1 
ATOM   395  N  NH1 . ARG A 1 54  ? -8.574  21.134  -8.898  1.00 85.71  ? 48  ARG A NH1 1 
ATOM   396  N  NH2 . ARG A 1 54  ? -6.962  20.583  -10.442 1.00 56.41  ? 48  ARG A NH2 1 
ATOM   397  N  N   . VAL A 1 55  ? -3.038  18.364  -5.689  1.00 70.53  ? 49  VAL A N   1 
ATOM   398  C  CA  . VAL A 1 55  ? -1.768  17.643  -5.824  1.00 65.98  ? 49  VAL A CA  1 
ATOM   399  C  C   . VAL A 1 55  ? -1.204  17.301  -4.446  1.00 66.90  ? 49  VAL A C   1 
ATOM   400  O  O   . VAL A 1 55  ? -0.823  16.150  -4.147  1.00 78.20  ? 49  VAL A O   1 
ATOM   401  C  CB  . VAL A 1 55  ? -0.734  18.479  -6.609  1.00 65.24  ? 49  VAL A CB  1 
ATOM   402  C  CG1 . VAL A 1 55  ? 0.665   17.886  -6.469  1.00 63.90  ? 49  VAL A CG1 1 
ATOM   403  C  CG2 . VAL A 1 55  ? -1.136  18.592  -8.071  1.00 65.25  ? 49  VAL A CG2 1 
ATOM   404  N  N   . TYR A 1 56  ? -1.243  18.318  -3.595  1.00 65.94  ? 50  TYR A N   1 
ATOM   405  C  CA  . TYR A 1 56  ? -0.831  18.235  -2.207  1.00 55.68  ? 50  TYR A CA  1 
ATOM   406  C  C   . TYR A 1 56  ? -1.611  17.149  -1.474  1.00 54.98  ? 50  TYR A C   1 
ATOM   407  O  O   . TYR A 1 56  ? -1.041  16.376  -0.708  1.00 56.09  ? 50  TYR A O   1 
ATOM   408  C  CB  . TYR A 1 56  ? -0.953  19.583  -1.495  1.00 52.86  ? 50  TYR A CB  1 
ATOM   409  C  CG  . TYR A 1 56  ? -0.637  19.515  -0.025  1.00 48.58  ? 50  TYR A CG  1 
ATOM   410  C  CD1 . TYR A 1 56  ? 0.679   19.392  0.403   1.00 59.88  ? 50  TYR A CD1 1 
ATOM   411  C  CD2 . TYR A 1 56  ? -1.639  19.534  0.931   1.00 41.56  ? 50  TYR A CD2 1 
ATOM   412  C  CE1 . TYR A 1 56  ? 0.990   19.309  1.739   1.00 60.99  ? 50  TYR A CE1 1 
ATOM   413  C  CE2 . TYR A 1 56  ? -1.337  19.456  2.277   1.00 56.80  ? 50  TYR A CE2 1 
ATOM   414  C  CZ  . TYR A 1 56  ? -0.020  19.338  2.674   1.00 66.46  ? 50  TYR A CZ  1 
ATOM   415  O  OH  . TYR A 1 56  ? 0.297   19.267  4.014   1.00 68.35  ? 50  TYR A OH  1 
ATOM   416  N  N   . ARG A 1 57  ? -2.924  17.118  -1.682  1.00 57.74  ? 51  ARG A N   1 
ATOM   417  C  CA  . ARG A 1 57  ? -3.784  16.181  -0.966  1.00 57.54  ? 51  ARG A CA  1 
ATOM   418  C  C   . ARG A 1 57  ? -3.557  14.769  -1.495  1.00 56.06  ? 51  ARG A C   1 
ATOM   419  O  O   . ARG A 1 57  ? -3.665  13.798  -0.747  1.00 63.56  ? 51  ARG A O   1 
ATOM   420  C  CB  . ARG A 1 57  ? -5.259  16.565  -1.067  1.00 67.65  ? 51  ARG A CB  1 
ATOM   421  C  CG  . ARG A 1 57  ? -6.213  15.583  -0.412  1.00 83.13  ? 51  ARG A CG  1 
ATOM   422  C  CD  . ARG A 1 57  ? -6.172  15.652  1.112   1.00 87.76  ? 51  ARG A CD  1 
ATOM   423  N  NE  . ARG A 1 57  ? -5.879  16.989  1.626   1.00 94.75  ? 51  ARG A NE  1 
ATOM   424  C  CZ  . ARG A 1 57  ? -5.178  17.222  2.732   1.00 93.70  ? 51  ARG A CZ  1 
ATOM   425  N  NH1 . ARG A 1 57  ? -4.720  16.206  3.451   1.00 94.30  ? 51  ARG A NH1 1 
ATOM   426  N  NH2 . ARG A 1 57  ? -4.941  18.466  3.128   1.00 81.92  ? 51  ARG A NH2 1 
ATOM   427  N  N   . ALA A 1 58  ? -3.293  14.649  -2.794  1.00 63.99  ? 52  ALA A N   1 
ATOM   428  C  CA  . ALA A 1 58  ? -3.002  13.342  -3.381  1.00 75.40  ? 52  ALA A CA  1 
ATOM   429  C  C   . ALA A 1 58  ? -1.741  12.770  -2.737  1.00 61.22  ? 52  ALA A C   1 
ATOM   430  O  O   . ALA A 1 58  ? -1.688  11.599  -2.337  1.00 68.31  ? 52  ALA A O   1 
ATOM   431  C  CB  . ALA A 1 58  ? -2.853  13.433  -4.893  1.00 63.25  ? 52  ALA A CB  1 
ATOM   432  N  N   . GLN A 1 59  ? -0.761  13.651  -2.553  1.00 53.33  ? 53  GLN A N   1 
ATOM   433  C  CA  . GLN A 1 59  ? 0.508   13.270  -1.940  1.00 44.90  ? 53  GLN A CA  1 
ATOM   434  C  C   . GLN A 1 59  ? 0.310   12.886  -0.482  1.00 43.19  ? 53  GLN A C   1 
ATOM   435  O  O   . GLN A 1 59  ? 0.825   11.864  -0.029  1.00 58.93  ? 53  GLN A O   1 
ATOM   436  C  CB  . GLN A 1 59  ? 1.546   14.378  -2.085  1.00 47.75  ? 53  GLN A CB  1 
ATOM   437  C  CG  . GLN A 1 59  ? 2.880   14.123  -1.389  1.00 59.71  ? 53  GLN A CG  1 
ATOM   438  C  CD  . GLN A 1 59  ? 2.924   14.692  0.014   1.00 65.44  ? 53  GLN A CD  1 
ATOM   439  O  OE1 . GLN A 1 59  ? 2.895   15.905  0.200   1.00 68.83  ? 53  GLN A OE1 1 
ATOM   440  N  NE2 . GLN A 1 59  ? 3.010   13.817  1.010   1.00 67.87  ? 53  GLN A NE2 1 
ATOM   441  N  N   . VAL A 1 60  ? -0.418  13.715  0.252   1.00 50.33  ? 54  VAL A N   1 
ATOM   442  C  CA  . VAL A 1 60  ? -0.764  13.422  1.638   1.00 52.84  ? 54  VAL A CA  1 
ATOM   443  C  C   . VAL A 1 60  ? -1.447  12.061  1.776   1.00 43.10  ? 54  VAL A C   1 
ATOM   444  O  O   . VAL A 1 60  ? -1.131  11.289  2.683   1.00 49.57  ? 54  VAL A O   1 
ATOM   445  C  CB  . VAL A 1 60  ? -1.638  14.531  2.268   1.00 45.43  ? 54  VAL A CB  1 
ATOM   446  C  CG1 . VAL A 1 60  ? -2.155  14.086  3.620   1.00 45.68  ? 54  VAL A CG1 1 
ATOM   447  C  CG2 . VAL A 1 60  ? -0.853  15.818  2.398   1.00 39.00  ? 54  VAL A CG2 1 
ATOM   448  N  N   . ASN A 1 61  ? -2.404  11.777  0.899   1.00 48.79  ? 55  ASN A N   1 
ATOM   449  C  CA  . ASN A 1 61  ? -3.144  10.527  1.006   1.00 56.18  ? 55  ASN A CA  1 
ATOM   450  C  C   . ASN A 1 61  ? -2.259  9.320   0.689   1.00 53.96  ? 55  ASN A C   1 
ATOM   451  O  O   . ASN A 1 61  ? -2.337  8.278   1.357   1.00 64.42  ? 55  ASN A O   1 
ATOM   452  C  CB  . ASN A 1 61  ? -4.382  10.549  0.105   1.00 60.77  ? 55  ASN A CB  1 
ATOM   453  C  CG  . ASN A 1 61  ? -5.449  11.501  0.618   1.00 75.72  ? 55  ASN A CG  1 
ATOM   454  O  OD1 . ASN A 1 61  ? -5.477  11.829  1.798   1.00 70.43  ? 55  ASN A OD1 1 
ATOM   455  N  ND2 . ASN A 1 61  ? -6.366  11.903  -0.264  1.00 90.14  ? 55  ASN A ND2 1 
ATOM   456  N  N   . CYS A 1 62  ? -1.431  9.454   -0.342  1.00 53.31  ? 56  CYS A N   1 
ATOM   457  C  CA  . CYS A 1 62  ? -0.503  8.378   -0.689  1.00 58.69  ? 56  CYS A CA  1 
ATOM   458  C  C   . CYS A 1 62  ? 0.438   8.106   0.481   1.00 45.54  ? 56  CYS A C   1 
ATOM   459  O  O   . CYS A 1 62  ? 0.659   6.955   0.858   1.00 52.15  ? 56  CYS A O   1 
ATOM   460  C  CB  . CYS A 1 62  ? 0.279   8.702   -1.961  1.00 46.75  ? 56  CYS A CB  1 
ATOM   461  S  SG  . CYS A 1 62  ? -0.765  8.623   -3.440  1.00 58.99  ? 56  CYS A SG  1 
ATOM   462  N  N   . SER A 1 63  ? 0.976   9.179   1.053   1.00 46.12  ? 57  SER A N   1 
ATOM   463  C  CA  . SER A 1 63  ? 1.838   9.090   2.228   1.00 47.69  ? 57  SER A CA  1 
ATOM   464  C  C   . SER A 1 63  ? 1.149   8.382   3.389   1.00 38.54  ? 57  SER A C   1 
ATOM   465  O  O   . SER A 1 63  ? 1.752   7.566   4.079   1.00 47.47  ? 57  SER A O   1 
ATOM   466  C  CB  . SER A 1 63  ? 2.339   10.470  2.663   1.00 29.51  ? 57  SER A CB  1 
ATOM   467  O  OG  . SER A 1 63  ? 3.307   10.965  1.755   1.00 62.52  ? 57  SER A OG  1 
ATOM   468  N  N   . GLU A 1 64  ? -0.122  8.709   3.592   1.00 37.00  ? 58  GLU A N   1 
ATOM   469  C  CA  . GLU A 1 64  ? -0.907  8.121   4.664   1.00 35.78  ? 58  GLU A CA  1 
ATOM   470  C  C   . GLU A 1 64  ? -1.098  6.621   4.435   1.00 50.85  ? 58  GLU A C   1 
ATOM   471  O  O   . GLU A 1 64  ? -1.024  5.835   5.380   1.00 61.91  ? 58  GLU A O   1 
ATOM   472  C  CB  . GLU A 1 64  ? -2.254  8.838   4.758   1.00 62.10  ? 58  GLU A CB  1 
ATOM   473  C  CG  . GLU A 1 64  ? -3.373  8.032   5.370   1.00 84.65  ? 58  GLU A CG  1 
ATOM   474  C  CD  . GLU A 1 64  ? -4.727  8.666   5.130   1.00 80.06  ? 58  GLU A CD  1 
ATOM   475  O  OE1 . GLU A 1 64  ? -4.766  9.859   4.767   1.00 80.26  ? 58  GLU A OE1 1 
ATOM   476  O  OE2 . GLU A 1 64  ? -5.750  7.974   5.315   1.00 87.32  ? 58  GLU A OE2 1 
ATOM   477  N  N   . TYR A 1 65  ? -1.338  6.214   3.191   1.00 48.03  ? 59  TYR A N   1 
ATOM   478  C  CA  . TYR A 1 65  ? -1.550  4.786   2.917   1.00 39.05  ? 59  TYR A CA  1 
ATOM   479  C  C   . TYR A 1 65  ? -0.281  3.968   2.755   1.00 37.45  ? 59  TYR A C   1 
ATOM   480  O  O   . TYR A 1 65  ? -0.330  2.741   2.815   1.00 39.24  ? 59  TYR A O   1 
ATOM   481  C  CB  . TYR A 1 65  ? -2.423  4.608   1.679   1.00 37.02  ? 59  TYR A CB  1 
ATOM   482  C  CG  . TYR A 1 65  ? -3.880  4.634   2.049   1.00 57.94  ? 59  TYR A CG  1 
ATOM   483  C  CD1 . TYR A 1 65  ? -4.757  3.699   1.522   1.00 65.37  ? 59  TYR A CD1 1 
ATOM   484  C  CD2 . TYR A 1 65  ? -4.360  5.513   3.010   1.00 62.03  ? 59  TYR A CD2 1 
ATOM   485  C  CE1 . TYR A 1 65  ? -6.077  3.668   1.902   1.00 68.19  ? 59  TYR A CE1 1 
ATOM   486  C  CE2 . TYR A 1 65  ? -5.685  5.499   3.387   1.00 64.15  ? 59  TYR A CE2 1 
ATOM   487  C  CZ  . TYR A 1 65  ? -6.536  4.568   2.834   1.00 65.84  ? 59  TYR A CZ  1 
ATOM   488  O  OH  . TYR A 1 65  ? -7.861  4.562   3.194   1.00 78.59  ? 59  TYR A OH  1 
ATOM   489  N  N   . PHE A 1 66  ? 0.853   4.622   2.562   1.00 52.53  ? 60  PHE A N   1 
ATOM   490  C  CA  . PHE A 1 66  ? 2.074   3.899   2.229   1.00 40.22  ? 60  PHE A CA  1 
ATOM   491  C  C   . PHE A 1 66  ? 2.535   2.902   3.315   1.00 42.56  ? 60  PHE A C   1 
ATOM   492  O  O   . PHE A 1 66  ? 2.942   1.790   2.980   1.00 49.85  ? 60  PHE A O   1 
ATOM   493  C  CB  . PHE A 1 66  ? 3.191   4.872   1.837   1.00 33.70  ? 60  PHE A CB  1 
ATOM   494  C  CG  . PHE A 1 66  ? 4.455   4.199   1.395   1.00 47.39  ? 60  PHE A CG  1 
ATOM   495  C  CD1 . PHE A 1 66  ? 4.486   3.459   0.222   1.00 49.89  ? 60  PHE A CD1 1 
ATOM   496  C  CD2 . PHE A 1 66  ? 5.621   4.328   2.133   1.00 40.04  ? 60  PHE A CD2 1 
ATOM   497  C  CE1 . PHE A 1 66  ? 5.652   2.843   -0.193  1.00 44.60  ? 60  PHE A CE1 1 
ATOM   498  C  CE2 . PHE A 1 66  ? 6.785   3.720   1.723   1.00 38.09  ? 60  PHE A CE2 1 
ATOM   499  C  CZ  . PHE A 1 66  ? 6.804   2.978   0.557   1.00 49.04  ? 60  PHE A CZ  1 
ATOM   500  N  N   . PRO A 1 67  ? 2.461   3.276   4.611   1.00 36.39  ? 61  PRO A N   1 
ATOM   501  C  CA  . PRO A 1 67  ? 2.804   2.263   5.621   1.00 32.34  ? 61  PRO A CA  1 
ATOM   502  C  C   . PRO A 1 67  ? 1.826   1.089   5.704   1.00 34.34  ? 61  PRO A C   1 
ATOM   503  O  O   . PRO A 1 67  ? 2.221   -0.012  6.077   1.00 42.07  ? 61  PRO A O   1 
ATOM   504  C  CB  . PRO A 1 67  ? 2.810   3.050   6.938   1.00 28.01  ? 61  PRO A CB  1 
ATOM   505  C  CG  . PRO A 1 67  ? 2.924   4.476   6.535   1.00 43.57  ? 61  PRO A CG  1 
ATOM   506  C  CD  . PRO A 1 67  ? 2.199   4.582   5.237   1.00 39.71  ? 61  PRO A CD  1 
ATOM   507  N  N   . LEU A 1 68  ? 0.567   1.316   5.352   1.00 41.19  ? 62  LEU A N   1 
ATOM   508  C  CA  . LEU A 1 68  ? -0.425  0.252   5.392   1.00 38.40  ? 62  LEU A CA  1 
ATOM   509  C  C   . LEU A 1 68  ? -0.098  -0.767  4.313   1.00 42.62  ? 62  LEU A C   1 
ATOM   510  O  O   . LEU A 1 68  ? -0.121  -1.975  4.550   1.00 38.82  ? 62  LEU A O   1 
ATOM   511  C  CB  . LEU A 1 68  ? -1.848  0.769   5.193   1.00 44.49  ? 62  LEU A CB  1 
ATOM   512  C  CG  . LEU A 1 68  ? -2.394  1.688   6.281   1.00 40.72  ? 62  LEU A CG  1 
ATOM   513  C  CD1 . LEU A 1 68  ? -3.746  2.221   5.860   1.00 66.97  ? 62  LEU A CD1 1 
ATOM   514  C  CD2 . LEU A 1 68  ? -2.496  0.943   7.596   1.00 44.52  ? 62  LEU A CD2 1 
ATOM   515  N  N   . PHE A 1 69  ? 0.236   -0.246  3.138   1.00 35.51  ? 63  PHE A N   1 
ATOM   516  C  CA  . PHE A 1 69  ? 0.654   -1.032  1.988   1.00 35.33  ? 63  PHE A CA  1 
ATOM   517  C  C   . PHE A 1 69  ? 1.876   -1.881  2.327   1.00 45.18  ? 63  PHE A C   1 
ATOM   518  O  O   . PHE A 1 69  ? 1.872   -3.101  2.130   1.00 37.47  ? 63  PHE A O   1 
ATOM   519  C  CB  . PHE A 1 69  ? 0.983   -0.105  0.815   1.00 28.10  ? 63  PHE A CB  1 
ATOM   520  C  CG  . PHE A 1 69  ? 1.807   -0.744  -0.267  1.00 35.57  ? 63  PHE A CG  1 
ATOM   521  C  CD1 . PHE A 1 69  ? 1.319   -1.817  -0.993  1.00 37.61  ? 63  PHE A CD1 1 
ATOM   522  C  CD2 . PHE A 1 69  ? 3.084   -0.280  -0.545  1.00 37.78  ? 63  PHE A CD2 1 
ATOM   523  C  CE1 . PHE A 1 69  ? 2.076   -2.395  -1.991  1.00 33.83  ? 63  PHE A CE1 1 
ATOM   524  C  CE2 . PHE A 1 69  ? 3.849   -0.864  -1.539  1.00 37.70  ? 63  PHE A CE2 1 
ATOM   525  C  CZ  . PHE A 1 69  ? 3.342   -1.919  -2.265  1.00 23.13  ? 63  PHE A CZ  1 
ATOM   526  N  N   . LEU A 1 70  ? 2.910   -1.234  2.855   1.00 43.89  ? 64  LEU A N   1 
ATOM   527  C  CA  . LEU A 1 70  ? 4.135   -1.922  3.242   1.00 44.63  ? 64  LEU A CA  1 
ATOM   528  C  C   . LEU A 1 70  ? 3.867   -3.045  4.242   1.00 41.91  ? 64  LEU A C   1 
ATOM   529  O  O   . LEU A 1 70  ? 4.359   -4.157  4.069   1.00 41.11  ? 64  LEU A O   1 
ATOM   530  C  CB  . LEU A 1 70  ? 5.148   -0.932  3.813   1.00 36.41  ? 64  LEU A CB  1 
ATOM   531  C  CG  . LEU A 1 70  ? 5.868   -0.080  2.766   1.00 51.17  ? 64  LEU A CG  1 
ATOM   532  C  CD1 . LEU A 1 70  ? 7.150   0.503   3.341   1.00 45.54  ? 64  LEU A CD1 1 
ATOM   533  C  CD2 . LEU A 1 70  ? 6.143   -0.869  1.491   1.00 53.08  ? 64  LEU A CD2 1 
ATOM   534  N  N   . ALA A 1 71  ? 3.112   -2.748  5.295   1.00 34.50  ? 65  ALA A N   1 
ATOM   535  C  CA  . ALA A 1 71  ? 2.814   -3.756  6.304   1.00 28.18  ? 65  ALA A CA  1 
ATOM   536  C  C   . ALA A 1 71  ? 2.151   -4.979  5.675   1.00 35.40  ? 65  ALA A C   1 
ATOM   537  O  O   . ALA A 1 71  ? 2.571   -6.107  5.921   1.00 33.69  ? 65  ALA A O   1 
ATOM   538  C  CB  . ALA A 1 71  ? 1.914   -3.183  7.385   1.00 18.63  ? 65  ALA A CB  1 
ATOM   539  N  N   . THR A 1 72  ? 1.140   -4.757  4.840   1.00 34.88  ? 66  THR A N   1 
ATOM   540  C  CA  . THR A 1 72  ? 0.340   -5.865  4.328   1.00 30.75  ? 66  THR A CA  1 
ATOM   541  C  C   . THR A 1 72  ? 1.092   -6.628  3.255   1.00 32.10  ? 66  THR A C   1 
ATOM   542  O  O   . THR A 1 72  ? 0.960   -7.845  3.133   1.00 41.20  ? 66  THR A O   1 
ATOM   543  C  CB  . THR A 1 72  ? -1.046  -5.437  3.809   1.00 45.47  ? 66  THR A CB  1 
ATOM   544  O  OG1 . THR A 1 72  ? -0.898  -4.469  2.763   1.00 52.50  ? 66  THR A OG1 1 
ATOM   545  C  CG2 . THR A 1 72  ? -1.873  -4.852  4.935   1.00 42.27  ? 66  THR A CG2 1 
ATOM   546  N  N   . LEU A 1 73  ? 1.863   -5.890  2.463   1.00 23.70  ? 67  LEU A N   1 
ATOM   547  C  CA  . LEU A 1 73  ? 2.697   -6.479  1.428   1.00 31.85  ? 67  LEU A CA  1 
ATOM   548  C  C   . LEU A 1 73  ? 3.606   -7.520  2.082   1.00 30.74  ? 67  LEU A C   1 
ATOM   549  O  O   . LEU A 1 73  ? 3.689   -8.656  1.640   1.00 38.90  ? 67  LEU A O   1 
ATOM   550  C  CB  . LEU A 1 73  ? 3.552   -5.404  0.751   1.00 30.30  ? 67  LEU A CB  1 
ATOM   551  C  CG  . LEU A 1 73  ? 4.654   -5.868  -0.201  1.00 30.33  ? 67  LEU A CG  1 
ATOM   552  C  CD1 . LEU A 1 73  ? 4.042   -6.538  -1.419  1.00 21.97  ? 67  LEU A CD1 1 
ATOM   553  C  CD2 . LEU A 1 73  ? 5.571   -4.719  -0.595  1.00 34.66  ? 67  LEU A CD2 1 
ATOM   554  N  N   . TRP A 1 74  ? 4.277   -7.112  3.152   1.00 28.09  ? 68  TRP A N   1 
ATOM   555  C  CA  . TRP A 1 74  ? 5.235   -7.963  3.839   1.00 25.47  ? 68  TRP A CA  1 
ATOM   556  C  C   . TRP A 1 74  ? 4.583   -9.143  4.546   1.00 33.46  ? 68  TRP A C   1 
ATOM   557  O  O   . TRP A 1 74  ? 5.061   -10.267 4.450   1.00 40.07  ? 68  TRP A O   1 
ATOM   558  C  CB  . TRP A 1 74  ? 6.105   -7.130  4.779   1.00 26.12  ? 68  TRP A CB  1 
ATOM   559  C  CG  . TRP A 1 74  ? 7.184   -6.439  4.030   1.00 28.02  ? 68  TRP A CG  1 
ATOM   560  C  CD1 . TRP A 1 74  ? 7.107   -5.221  3.431   1.00 26.63  ? 68  TRP A CD1 1 
ATOM   561  C  CD2 . TRP A 1 74  ? 8.491   -6.949  3.738   1.00 31.05  ? 68  TRP A CD2 1 
ATOM   562  N  NE1 . TRP A 1 74  ? 8.291   -4.924  2.804   1.00 28.21  ? 68  TRP A NE1 1 
ATOM   563  C  CE2 . TRP A 1 74  ? 9.158   -5.970  2.976   1.00 37.63  ? 68  TRP A CE2 1 
ATOM   564  C  CE3 . TRP A 1 74  ? 9.164   -8.131  4.055   1.00 21.31  ? 68  TRP A CE3 1 
ATOM   565  C  CZ2 . TRP A 1 74  ? 10.466  -6.136  2.525   1.00 36.73  ? 68  TRP A CZ2 1 
ATOM   566  C  CZ3 . TRP A 1 74  ? 10.461  -8.291  3.607   1.00 31.06  ? 68  TRP A CZ3 1 
ATOM   567  C  CH2 . TRP A 1 74  ? 11.099  -7.298  2.849   1.00 29.34  ? 68  TRP A CH2 1 
ATOM   568  N  N   . VAL A 1 75  ? 3.481   -8.890  5.242   1.00 38.99  ? 69  VAL A N   1 
ATOM   569  C  CA  . VAL A 1 75  ? 2.752   -9.967  5.903   1.00 30.62  ? 69  VAL A CA  1 
ATOM   570  C  C   . VAL A 1 75  ? 2.202   -10.952 4.882   1.00 27.05  ? 69  VAL A C   1 
ATOM   571  O  O   . VAL A 1 75  ? 2.307   -12.158 5.063   1.00 42.22  ? 69  VAL A O   1 
ATOM   572  C  CB  . VAL A 1 75  ? 1.649   -9.470  6.845   1.00 26.85  ? 69  VAL A CB  1 
ATOM   573  C  CG1 . VAL A 1 75  ? 0.919   -10.650 7.461   1.00 28.97  ? 69  VAL A CG1 1 
ATOM   574  C  CG2 . VAL A 1 75  ? 2.251   -8.611  7.938   1.00 32.14  ? 69  VAL A CG2 1 
ATOM   575  N  N   . ALA A 1 76  ? 1.571   -10.442 3.831   1.00 30.35  ? 70  ALA A N   1 
ATOM   576  C  CA  . ALA A 1 76  ? 1.085   -11.323 2.776   1.00 43.60  ? 70  ALA A CA  1 
ATOM   577  C  C   . ALA A 1 76  ? 2.227   -12.079 2.100   1.00 36.53  ? 70  ALA A C   1 
ATOM   578  O  O   . ALA A 1 76  ? 2.101   -13.257 1.786   1.00 34.22  ? 70  ALA A O   1 
ATOM   579  C  CB  . ALA A 1 76  ? 0.237   -10.579 1.749   1.00 42.21  ? 70  ALA A CB  1 
ATOM   580  N  N   . GLY A 1 77  ? 3.346   -11.395 1.877   1.00 44.20  ? 71  GLY A N   1 
ATOM   581  C  CA  . GLY A 1 77  ? 4.443   -11.987 1.132   1.00 45.82  ? 71  GLY A CA  1 
ATOM   582  C  C   . GLY A 1 77  ? 5.160   -13.076 1.905   1.00 42.31  ? 71  GLY A C   1 
ATOM   583  O  O   . GLY A 1 77  ? 5.634   -14.050 1.328   1.00 49.45  ? 71  GLY A O   1 
ATOM   584  N  N   . ILE A 1 78  ? 5.223   -12.906 3.222   1.00 34.22  ? 72  ILE A N   1 
ATOM   585  C  CA  . ILE A 1 78  ? 5.859   -13.872 4.113   1.00 36.89  ? 72  ILE A CA  1 
ATOM   586  C  C   . ILE A 1 78  ? 4.913   -15.012 4.505   1.00 35.34  ? 72  ILE A C   1 
ATOM   587  O  O   . ILE A 1 78  ? 5.319   -16.171 4.568   1.00 41.36  ? 72  ILE A O   1 
ATOM   588  C  CB  . ILE A 1 78  ? 6.442   -13.167 5.361   1.00 43.76  ? 72  ILE A CB  1 
ATOM   589  C  CG1 . ILE A 1 78  ? 7.597   -12.252 4.944   1.00 32.21  ? 72  ILE A CG1 1 
ATOM   590  C  CG2 . ILE A 1 78  ? 6.910   -14.175 6.405   1.00 33.52  ? 72  ILE A CG2 1 
ATOM   591  C  CD1 . ILE A 1 78  ? 8.067   -11.323 6.033   1.00 59.90  ? 72  ILE A CD1 1 
ATOM   592  N  N   . PHE A 1 79  ? 3.652   -14.680 4.769   1.00 39.82  ? 73  PHE A N   1 
ATOM   593  C  CA  . PHE A 1 79  ? 2.700   -15.665 5.279   1.00 37.09  ? 73  PHE A CA  1 
ATOM   594  C  C   . PHE A 1 79  ? 1.850   -16.345 4.217   1.00 42.41  ? 73  PHE A C   1 
ATOM   595  O  O   . PHE A 1 79  ? 1.268   -17.397 4.470   1.00 51.06  ? 73  PHE A O   1 
ATOM   596  C  CB  . PHE A 1 79  ? 1.853   -15.093 6.411   1.00 31.86  ? 73  PHE A CB  1 
ATOM   597  C  CG  . PHE A 1 79  ? 2.595   -14.976 7.701   1.00 39.81  ? 73  PHE A CG  1 
ATOM   598  C  CD1 . PHE A 1 79  ? 2.603   -16.028 8.602   1.00 40.10  ? 73  PHE A CD1 1 
ATOM   599  C  CD2 . PHE A 1 79  ? 3.318   -13.837 7.999   1.00 37.73  ? 73  PHE A CD2 1 
ATOM   600  C  CE1 . PHE A 1 79  ? 3.293   -15.933 9.792   1.00 38.44  ? 73  PHE A CE1 1 
ATOM   601  C  CE2 . PHE A 1 79  ? 4.014   -13.738 9.184   1.00 43.92  ? 73  PHE A CE2 1 
ATOM   602  C  CZ  . PHE A 1 79  ? 4.001   -14.786 10.083  1.00 43.11  ? 73  PHE A CZ  1 
ATOM   603  N  N   . PHE A 1 80  ? 1.737   -15.734 3.046   1.00 39.81  ? 74  PHE A N   1 
ATOM   604  C  CA  . PHE A 1 80  ? 0.850   -16.290 2.036   1.00 40.67  ? 74  PHE A CA  1 
ATOM   605  C  C   . PHE A 1 80  ? 1.668   -16.744 0.828   1.00 43.19  ? 74  PHE A C   1 
ATOM   606  O  O   . PHE A 1 80  ? 1.746   -17.935 0.537   1.00 65.27  ? 74  PHE A O   1 
ATOM   607  C  CB  . PHE A 1 80  ? -0.295  -15.353 1.639   1.00 44.83  ? 74  PHE A CB  1 
ATOM   608  C  CG  . PHE A 1 80  ? -1.178  -15.925 0.570   1.00 39.39  ? 74  PHE A CG  1 
ATOM   609  C  CD1 . PHE A 1 80  ? -2.258  -16.726 0.904   1.00 42.65  ? 74  PHE A CD1 1 
ATOM   610  C  CD2 . PHE A 1 80  ? -0.907  -15.702 -0.771  1.00 40.09  ? 74  PHE A CD2 1 
ATOM   611  C  CE1 . PHE A 1 80  ? -3.059  -17.277 -0.076  1.00 33.81  ? 74  PHE A CE1 1 
ATOM   612  C  CE2 . PHE A 1 80  ? -1.704  -16.254 -1.757  1.00 41.27  ? 74  PHE A CE2 1 
ATOM   613  C  CZ  . PHE A 1 80  ? -2.783  -17.041 -1.408  1.00 36.52  ? 74  PHE A CZ  1 
ATOM   614  N  N   . HIS A 1 81  ? 2.282   -15.788 0.135   1.00 42.19  ? 75  HIS A N   1 
ATOM   615  C  CA  . HIS A 1 81  ? 3.045   -16.083 -1.073  1.00 43.10  ? 75  HIS A CA  1 
ATOM   616  C  C   . HIS A 1 81  ? 3.737   -14.800 -1.530  1.00 35.20  ? 75  HIS A C   1 
ATOM   617  O  O   . HIS A 1 81  ? 3.088   -13.775 -1.706  1.00 54.88  ? 75  HIS A O   1 
ATOM   618  C  CB  . HIS A 1 81  ? 2.118   -16.550 -2.191  1.00 51.34  ? 75  HIS A CB  1 
ATOM   619  C  CG  . HIS A 1 81  ? 2.847   -17.036 -3.406  1.00 58.60  ? 75  HIS A CG  1 
ATOM   620  N  ND1 . HIS A 1 81  ? 3.132   -16.226 -4.484  1.00 57.40  ? 75  HIS A ND1 1 
ATOM   621  C  CD2 . HIS A 1 81  ? 3.345   -18.256 -3.713  1.00 61.57  ? 75  HIS A CD2 1 
ATOM   622  C  CE1 . HIS A 1 81  ? 3.779   -16.924 -5.400  1.00 42.48  ? 75  HIS A CE1 1 
ATOM   623  N  NE2 . HIS A 1 81  ? 3.921   -18.160 -4.956  1.00 72.13  ? 75  HIS A NE2 1 
ATOM   624  N  N   . GLU A 1 82  ? 5.049   -14.864 -1.741  1.00 31.69  ? 76  GLU A N   1 
ATOM   625  C  CA  . GLU A 1 82  ? 5.841   -13.682 -2.081  1.00 33.55  ? 76  GLU A CA  1 
ATOM   626  C  C   . GLU A 1 82  ? 5.454   -13.056 -3.423  1.00 50.81  ? 76  GLU A C   1 
ATOM   627  O  O   . GLU A 1 82  ? 5.232   -11.848 -3.509  1.00 62.28  ? 76  GLU A O   1 
ATOM   628  C  CB  . GLU A 1 82  ? 7.350   -13.959 -2.058  1.00 37.18  ? 76  GLU A CB  1 
ATOM   629  C  CG  . GLU A 1 82  ? 8.214   -12.706 -1.988  1.00 48.04  ? 76  GLU A CG  1 
ATOM   630  C  CD  . GLU A 1 82  ? 9.629   -12.921 -2.507  1.00 61.49  ? 76  GLU A CD  1 
ATOM   631  O  OE1 . GLU A 1 82  ? 9.952   -14.057 -2.911  1.00 84.98  ? 76  GLU A OE1 1 
ATOM   632  O  OE2 . GLU A 1 82  ? 10.418  -11.950 -2.517  1.00 54.83  ? 76  GLU A OE2 1 
ATOM   633  N  N   . GLY A 1 83  ? 5.390   -13.882 -4.461  1.00 55.01  ? 77  GLY A N   1 
ATOM   634  C  CA  . GLY A 1 83  ? 5.042   -13.434 -5.796  1.00 35.42  ? 77  GLY A CA  1 
ATOM   635  C  C   . GLY A 1 83  ? 3.675   -12.785 -5.910  1.00 43.72  ? 77  GLY A C   1 
ATOM   636  O  O   . GLY A 1 83  ? 3.550   -11.705 -6.480  1.00 49.32  ? 77  GLY A O   1 
ATOM   637  N  N   . ALA A 1 84  ? 2.649   -13.443 -5.380  1.00 40.16  ? 78  ALA A N   1 
ATOM   638  C  CA  . ALA A 1 84  ? 1.308   -12.868 -5.354  1.00 45.13  ? 78  ALA A CA  1 
ATOM   639  C  C   . ALA A 1 84  ? 1.283   -11.499 -4.693  1.00 63.81  ? 78  ALA A C   1 
ATOM   640  O  O   . ALA A 1 84  ? 0.709   -10.541 -5.229  1.00 59.10  ? 78  ALA A O   1 
ATOM   641  C  CB  . ALA A 1 84  ? 0.321   -13.810 -4.677  1.00 48.21  ? 78  ALA A CB  1 
ATOM   642  N  N   . ALA A 1 85  ? 1.959   -11.407 -3.550  1.00 54.56  ? 79  ALA A N   1 
ATOM   643  C  CA  . ALA A 1 85  ? 1.980   -10.186 -2.762  1.00 40.23  ? 79  ALA A CA  1 
ATOM   644  C  C   . ALA A 1 85  ? 2.672   -9.081  -3.546  1.00 46.21  ? 79  ALA A C   1 
ATOM   645  O  O   . ALA A 1 85  ? 2.202   -7.947  -3.567  1.00 50.96  ? 79  ALA A O   1 
ATOM   646  C  CB  . ALA A 1 85  ? 2.673   -10.422 -1.445  1.00 33.13  ? 79  ALA A CB  1 
ATOM   647  N  N   . ALA A 1 86  ? 3.805   -9.410  -4.165  1.00 38.42  ? 80  ALA A N   1 
ATOM   648  C  CA  . ALA A 1 86  ? 4.552   -8.437  -4.960  1.00 44.50  ? 80  ALA A CA  1 
ATOM   649  C  C   . ALA A 1 86  ? 3.721   -7.949  -6.150  1.00 41.68  ? 80  ALA A C   1 
ATOM   650  O  O   . ALA A 1 86  ? 3.747   -6.770  -6.481  1.00 48.48  ? 80  ALA A O   1 
ATOM   651  C  CB  . ALA A 1 86  ? 5.886   -9.003  -5.419  1.00 31.58  ? 80  ALA A CB  1 
ATOM   652  N  N   . LEU A 1 87  ? 3.010   -8.868  -6.801  1.00 40.68  ? 81  LEU A N   1 
ATOM   653  C  CA  . LEU A 1 87  ? 2.171   -8.518  -7.946  1.00 58.32  ? 81  LEU A CA  1 
ATOM   654  C  C   . LEU A 1 87  ? 1.080   -7.551  -7.512  1.00 57.88  ? 81  LEU A C   1 
ATOM   655  O  O   . LEU A 1 87  ? 0.866   -6.504  -8.146  1.00 57.44  ? 81  LEU A O   1 
ATOM   656  C  CB  . LEU A 1 87  ? 1.516   -9.764  -8.551  1.00 67.71  ? 81  LEU A CB  1 
ATOM   657  C  CG  . LEU A 1 87  ? 2.431   -10.809 -9.192  1.00 94.46  ? 81  LEU A CG  1 
ATOM   658  C  CD1 . LEU A 1 87  ? 1.639   -12.038 -9.608  1.00 104.48 ? 81  LEU A CD1 1 
ATOM   659  C  CD2 . LEU A 1 87  ? 3.178   -10.217 -10.376 1.00 72.16  ? 81  LEU A CD2 1 
ATOM   660  N  N   . CYS A 1 88  ? 0.406   -7.897  -6.417  1.00 44.48  ? 82  CYS A N   1 
ATOM   661  C  CA  . CYS A 1 88  ? -0.643  -7.050  -5.873  1.00 38.39  ? 82  CYS A CA  1 
ATOM   662  C  C   . CYS A 1 88  ? -0.076  -5.681  -5.536  1.00 53.96  ? 82  CYS A C   1 
ATOM   663  O  O   . CYS A 1 88  ? -0.715  -4.666  -5.770  1.00 58.73  ? 82  CYS A O   1 
ATOM   664  C  CB  . CYS A 1 88  ? -1.236  -7.643  -4.595  1.00 38.57  ? 82  CYS A CB  1 
ATOM   665  S  SG  . CYS A 1 88  ? -2.207  -9.143  -4.799  1.00 54.20  ? 82  CYS A SG  1 
ATOM   666  N  N   . GLY A 1 89  ? 1.122   -5.672  -4.963  1.00 48.03  ? 83  GLY A N   1 
ATOM   667  C  CA  . GLY A 1 89  ? 1.845   -4.451  -4.679  1.00 36.70  ? 83  GLY A CA  1 
ATOM   668  C  C   . GLY A 1 89  ? 2.139   -3.592  -5.892  1.00 50.10  ? 83  GLY A C   1 
ATOM   669  O  O   . GLY A 1 89  ? 2.069   -2.365  -5.831  1.00 64.58  ? 83  GLY A O   1 
ATOM   670  N  N   . LEU A 1 90  ? 2.458   -4.243  -7.006  1.00 55.55  ? 84  LEU A N   1 
ATOM   671  C  CA  . LEU A 1 90  ? 2.764   -3.537  -8.237  1.00 50.91  ? 84  LEU A CA  1 
ATOM   672  C  C   . LEU A 1 90  ? 1.501   -2.895  -8.766  1.00 53.31  ? 84  LEU A C   1 
ATOM   673  O  O   . LEU A 1 90  ? 1.496   -1.725  -9.162  1.00 55.15  ? 84  LEU A O   1 
ATOM   674  C  CB  . LEU A 1 90  ? 3.246   -4.533  -9.289  1.00 45.75  ? 84  LEU A CB  1 
ATOM   675  C  CG  . LEU A 1 90  ? 4.738   -4.629  -9.611  1.00 50.50  ? 84  LEU A CG  1 
ATOM   676  C  CD1 . LEU A 1 90  ? 4.945   -4.691  -11.120 1.00 34.88  ? 84  LEU A CD1 1 
ATOM   677  C  CD2 . LEU A 1 90  ? 5.542   -3.511  -8.974  1.00 44.17  ? 84  LEU A CD2 1 
ATOM   678  N  N   . VAL A 1 91  ? 0.419   -3.667  -8.739  1.00 58.34  ? 85  VAL A N   1 
ATOM   679  C  CA  . VAL A 1 91  ? -0.879  -3.172  -9.174  1.00 59.33  ? 85  VAL A CA  1 
ATOM   680  C  C   . VAL A 1 91  ? -1.321  -1.982  -8.333  1.00 55.38  ? 85  VAL A C   1 
ATOM   681  O  O   . VAL A 1 91  ? -1.754  -0.964  -8.863  1.00 60.11  ? 85  VAL A O   1 
ATOM   682  C  CB  . VAL A 1 91  ? -1.933  -4.285  -9.097  1.00 59.96  ? 85  VAL A CB  1 
ATOM   683  C  CG1 . VAL A 1 91  ? -3.332  -3.714  -9.282  1.00 68.81  ? 85  VAL A CG1 1 
ATOM   684  C  CG2 . VAL A 1 91  ? -1.635  -5.355  -10.136 1.00 47.56  ? 85  VAL A CG2 1 
ATOM   685  N  N   . TYR A 1 92  ? -1.170  -2.118  -7.021  1.00 50.12  ? 86  TYR A N   1 
ATOM   686  C  CA  . TYR A 1 92  ? -1.432  -1.044  -6.075  1.00 44.18  ? 86  TYR A CA  1 
ATOM   687  C  C   . TYR A 1 92  ? -0.640  0.213   -6.381  1.00 46.70  ? 86  TYR A C   1 
ATOM   688  O  O   . TYR A 1 92  ? -1.193  1.305   -6.390  1.00 50.85  ? 86  TYR A O   1 
ATOM   689  C  CB  . TYR A 1 92  ? -1.127  -1.503  -4.650  1.00 43.46  ? 86  TYR A CB  1 
ATOM   690  C  CG  . TYR A 1 92  ? -1.230  -0.394  -3.632  1.00 41.77  ? 86  TYR A CG  1 
ATOM   691  C  CD1 . TYR A 1 92  ? -2.458  -0.013  -3.106  1.00 41.54  ? 86  TYR A CD1 1 
ATOM   692  C  CD2 . TYR A 1 92  ? -0.100  0.310   -3.234  1.00 41.41  ? 86  TYR A CD2 1 
ATOM   693  C  CE1 . TYR A 1 92  ? -2.551  1.012   -2.180  1.00 38.60  ? 86  TYR A CE1 1 
ATOM   694  C  CE2 . TYR A 1 92  ? -0.183  1.337   -2.319  1.00 42.82  ? 86  TYR A CE2 1 
ATOM   695  C  CZ  . TYR A 1 92  ? -1.408  1.687   -1.797  1.00 38.25  ? 86  TYR A CZ  1 
ATOM   696  O  OH  . TYR A 1 92  ? -1.484  2.716   -0.891  1.00 51.71  ? 86  TYR A OH  1 
ATOM   697  N  N   . LEU A 1 93  ? 0.661   0.064   -6.596  1.00 53.12  ? 87  LEU A N   1 
ATOM   698  C  CA  . LEU A 1 93  ? 1.512   1.225   -6.833  1.00 52.06  ? 87  LEU A CA  1 
ATOM   699  C  C   . LEU A 1 93  ? 1.188   1.926   -8.144  1.00 58.85  ? 87  LEU A C   1 
ATOM   700  O  O   . LEU A 1 93  ? 1.160   3.158   -8.205  1.00 65.04  ? 87  LEU A O   1 
ATOM   701  C  CB  . LEU A 1 93  ? 2.987   0.835   -6.809  1.00 53.18  ? 87  LEU A CB  1 
ATOM   702  C  CG  . LEU A 1 93  ? 3.536   0.427   -5.449  1.00 45.23  ? 87  LEU A CG  1 
ATOM   703  C  CD1 . LEU A 1 93  ? 4.980   -0.033  -5.588  1.00 52.08  ? 87  LEU A CD1 1 
ATOM   704  C  CD2 . LEU A 1 93  ? 3.402   1.573   -4.461  1.00 41.17  ? 87  LEU A CD2 1 
ATOM   705  N  N   . PHE A 1 94  ? 0.948   1.140   -9.189  1.00 60.19  ? 88  PHE A N   1 
ATOM   706  C  CA  . PHE A 1 94  ? 0.493   1.683   -10.466 1.00 60.31  ? 88  PHE A CA  1 
ATOM   707  C  C   . PHE A 1 94  ? -0.830  2.442   -10.347 1.00 56.98  ? 88  PHE A C   1 
ATOM   708  O  O   . PHE A 1 94  ? -0.962  3.592   -10.804 1.00 64.88  ? 88  PHE A O   1 
ATOM   709  C  CB  . PHE A 1 94  ? 0.345   0.557   -11.494 1.00 62.38  ? 88  PHE A CB  1 
ATOM   710  C  CG  . PHE A 1 94  ? 0.069   1.029   -12.893 1.00 78.71  ? 88  PHE A CG  1 
ATOM   711  C  CD1 . PHE A 1 94  ? 0.795   2.068   -13.451 1.00 76.16  ? 88  PHE A CD1 1 
ATOM   712  C  CD2 . PHE A 1 94  ? -0.919  0.424   -13.655 1.00 84.89  ? 88  PHE A CD2 1 
ATOM   713  C  CE1 . PHE A 1 94  ? 0.541   2.494   -14.743 1.00 67.28  ? 88  PHE A CE1 1 
ATOM   714  C  CE2 . PHE A 1 94  ? -1.183  0.851   -14.945 1.00 94.12  ? 88  PHE A CE2 1 
ATOM   715  C  CZ  . PHE A 1 94  ? -0.451  1.886   -15.488 1.00 77.15  ? 88  PHE A CZ  1 
ATOM   716  N  N   . ALA A 1 95  ? -1.778  1.813   -9.660  1.00 46.21  ? 89  ALA A N   1 
ATOM   717  C  CA  . ALA A 1 95  ? -3.046  2.440   -9.320  1.00 46.73  ? 89  ALA A CA  1 
ATOM   718  C  C   . ALA A 1 95  ? -2.886  3.752   -8.575  1.00 56.12  ? 89  ALA A C   1 
ATOM   719  O  O   . ALA A 1 95  ? -3.623  4.694   -8.818  1.00 73.44  ? 89  ALA A O   1 
ATOM   720  C  CB  . ALA A 1 95  ? -3.975  1.483   -8.594  1.00 49.05  ? 89  ALA A CB  1 
ATOM   721  N  N   . ARG A 1 96  ? -1.950  3.789   -7.637  1.00 53.97  ? 90  ARG A N   1 
ATOM   722  C  CA  . ARG A 1 96  ? -1.638  5.014   -6.910  1.00 58.46  ? 90  ARG A CA  1 
ATOM   723  C  C   . ARG A 1 96  ? -1.002  6.108   -7.761  1.00 53.43  ? 90  ARG A C   1 
ATOM   724  O  O   . ARG A 1 96  ? -1.310  7.281   -7.584  1.00 55.92  ? 90  ARG A O   1 
ATOM   725  C  CB  . ARG A 1 96  ? -0.797  4.732   -5.659  1.00 57.45  ? 90  ARG A CB  1 
ATOM   726  C  CG  . ARG A 1 96  ? -1.591  4.133   -4.516  1.00 43.32  ? 90  ARG A CG  1 
ATOM   727  C  CD  . ARG A 1 96  ? -2.491  5.226   -3.963  1.00 48.10  ? 90  ARG A CD  1 
ATOM   728  N  NE  . ARG A 1 96  ? -3.303  4.823   -2.825  1.00 57.58  ? 90  ARG A NE  1 
ATOM   729  C  CZ  . ARG A 1 96  ? -4.024  5.676   -2.103  1.00 62.87  ? 90  ARG A CZ  1 
ATOM   730  N  NH1 . ARG A 1 96  ? -3.984  6.970   -2.380  1.00 62.57  ? 90  ARG A NH1 1 
ATOM   731  N  NH2 . ARG A 1 96  ? -4.760  5.247   -1.090  1.00 69.57  ? 90  ARG A NH2 1 
ATOM   732  N  N   . LEU A 1 97  ? -0.120  5.728   -8.680  1.00 66.58  ? 91  LEU A N   1 
ATOM   733  C  CA  . LEU A 1 97  ? 0.435   6.677   -9.644  1.00 64.83  ? 91  LEU A CA  1 
ATOM   734  C  C   . LEU A 1 97  ? -0.677  7.323   -10.480 1.00 61.17  ? 91  LEU A C   1 
ATOM   735  O  O   . LEU A 1 97  ? -0.740  8.562   -10.638 1.00 68.24  ? 91  LEU A O   1 
ATOM   736  C  CB  . LEU A 1 97  ? 1.451   6.004   -10.571 1.00 60.65  ? 91  LEU A CB  1 
ATOM   737  C  CG  . LEU A 1 97  ? 2.023   6.845   -11.714 1.00 63.75  ? 91  LEU A CG  1 
ATOM   738  C  CD1 . LEU A 1 97  ? 2.613   8.157   -11.194 1.00 66.42  ? 91  LEU A CD1 1 
ATOM   739  C  CD2 . LEU A 1 97  ? 3.063   6.058   -12.493 1.00 47.39  ? 91  LEU A CD2 1 
ATOM   740  N  N   . ARG A 1 98  ? -1.587  6.479   -10.965 1.00 65.60  ? 92  ARG A N   1 
ATOM   741  C  CA  . ARG A 1 98  ? -2.728  6.971   -11.736 1.00 66.77  ? 92  ARG A CA  1 
ATOM   742  C  C   . ARG A 1 98  ? -3.653  7.837   -10.874 1.00 68.17  ? 92  ARG A C   1 
ATOM   743  O  O   . ARG A 1 98  ? -4.184  8.837   -11.343 1.00 80.95  ? 92  ARG A O   1 
ATOM   744  C  CB  . ARG A 1 98  ? -3.517  5.836   -12.399 1.00 63.14  ? 92  ARG A CB  1 
ATOM   745  C  CG  . ARG A 1 98  ? -2.780  5.049   -13.477 1.00 60.88  ? 92  ARG A CG  1 
ATOM   746  C  CD  . ARG A 1 98  ? -3.753  4.170   -14.267 1.00 77.67  ? 92  ARG A CD  1 
ATOM   747  N  NE  . ARG A 1 98  ? -4.813  3.579   -13.450 1.00 98.93  ? 92  ARG A NE  1 
ATOM   748  C  CZ  . ARG A 1 98  ? -4.755  2.385   -12.870 1.00 95.14  ? 92  ARG A CZ  1 
ATOM   749  N  NH1 . ARG A 1 98  ? -3.683  1.621   -13.017 1.00 83.25  ? 92  ARG A NH1 1 
ATOM   750  N  NH2 . ARG A 1 98  ? -5.787  1.945   -12.162 1.00 87.70  ? 92  ARG A NH2 1 
ATOM   751  N  N   . TYR A 1 99  ? -3.856  7.426   -9.626  1.00 60.07  ? 93  TYR A N   1 
ATOM   752  C  CA  . TYR A 1 99  ? -4.597  8.204   -8.636  1.00 63.23  ? 93  TYR A CA  1 
ATOM   753  C  C   . TYR A 1 99  ? -4.021  9.607   -8.516  1.00 55.74  ? 93  TYR A C   1 
ATOM   754  O  O   . TYR A 1 99  ? -4.757  10.588  -8.545  1.00 44.11  ? 93  TYR A O   1 
ATOM   755  C  CB  . TYR A 1 99  ? -4.587  7.488   -7.279  1.00 56.46  ? 93  TYR A CB  1 
ATOM   756  C  CG  . TYR A 1 99  ? -5.034  8.337   -6.111  1.00 55.64  ? 93  TYR A CG  1 
ATOM   757  C  CD1 . TYR A 1 99  ? -6.374  8.415   -5.756  1.00 46.45  ? 93  TYR A CD1 1 
ATOM   758  C  CD2 . TYR A 1 99  ? -4.111  9.044   -5.347  1.00 63.73  ? 93  TYR A CD2 1 
ATOM   759  C  CE1 . TYR A 1 99  ? -6.785  9.203   -4.703  1.00 42.91  ? 93  TYR A CE1 1 
ATOM   760  C  CE2 . TYR A 1 99  ? -4.514  9.822   -4.279  1.00 51.69  ? 93  TYR A CE2 1 
ATOM   761  C  CZ  . TYR A 1 99  ? -5.851  9.902   -3.965  1.00 48.84  ? 93  TYR A CZ  1 
ATOM   762  O  OH  . TYR A 1 99  ? -6.246  10.653  -2.885  1.00 48.27  ? 93  TYR A OH  1 
ATOM   763  N  N   . PHE A 1 100 ? -2.707  9.688   -8.355  1.00 61.93  ? 94  PHE A N   1 
ATOM   764  C  CA  . PHE A 1 100 ? -2.027  10.956  -8.154  1.00 64.80  ? 94  PHE A CA  1 
ATOM   765  C  C   . PHE A 1 100 ? -2.194  11.840  -9.383  1.00 73.04  ? 94  PHE A C   1 
ATOM   766  O  O   . PHE A 1 100 ? -2.533  13.014  -9.260  1.00 82.23  ? 94  PHE A O   1 
ATOM   767  C  CB  . PHE A 1 100 ? -0.534  10.719  -7.922  1.00 57.27  ? 94  PHE A CB  1 
ATOM   768  C  CG  . PHE A 1 100 ? 0.243   11.970  -7.600  1.00 62.39  ? 94  PHE A CG  1 
ATOM   769  C  CD1 . PHE A 1 100 ? 0.345   12.426  -6.294  1.00 59.79  ? 94  PHE A CD1 1 
ATOM   770  C  CD2 . PHE A 1 100 ? 0.900   12.672  -8.600  1.00 60.40  ? 94  PHE A CD2 1 
ATOM   771  C  CE1 . PHE A 1 100 ? 1.066   13.573  -5.995  1.00 64.23  ? 94  PHE A CE1 1 
ATOM   772  C  CE2 . PHE A 1 100 ? 1.625   13.815  -8.308  1.00 51.11  ? 94  PHE A CE2 1 
ATOM   773  C  CZ  . PHE A 1 100 ? 1.708   14.265  -7.005  1.00 65.97  ? 94  PHE A CZ  1 
ATOM   774  N  N   . GLN A 1 101 ? -1.917  11.290  -10.561 1.00 81.35  ? 95  GLN A N   1 
ATOM   775  C  CA  . GLN A 1 101 ? -2.170  12.013  -11.819 1.00 78.28  ? 95  GLN A CA  1 
ATOM   776  C  C   . GLN A 1 101 ? -3.612  12.537  -12.057 1.00 85.38  ? 95  GLN A C   1 
ATOM   777  O  O   . GLN A 1 101 ? -3.832  13.733  -12.379 1.00 90.44  ? 95  GLN A O   1 
ATOM   778  C  CB  . GLN A 1 101 ? -1.757  11.115  -12.984 1.00 69.30  ? 95  GLN A CB  1 
ATOM   779  C  CG  . GLN A 1 101 ? -0.257  10.871  -13.055 1.00 67.50  ? 95  GLN A CG  1 
ATOM   780  C  CD  . GLN A 1 101 ? 0.129   9.921   -14.169 1.00 86.12  ? 95  GLN A CD  1 
ATOM   781  O  OE1 . GLN A 1 101 ? -0.655  9.052   -14.557 1.00 78.07  ? 95  GLN A OE1 1 
ATOM   782  N  NE2 . GLN A 1 101 ? 1.354   10.063  -14.672 1.00 83.95  ? 95  GLN A NE2 1 
ATOM   783  N  N   . GLY A 1 102 ? -4.585  11.661  -11.817 1.00 72.35  ? 96  GLY A N   1 
ATOM   784  C  CA  . GLY A 1 102 ? -5.991  12.020  -11.870 1.00 60.77  ? 96  GLY A CA  1 
ATOM   785  C  C   . GLY A 1 102 ? -6.306  13.151  -10.924 1.00 70.46  ? 96  GLY A C   1 
ATOM   786  O  O   . GLY A 1 102 ? -6.781  14.198  -11.357 1.00 84.55  ? 96  GLY A O   1 
ATOM   787  N  N   . TYR A 1 103 ? -6.049  12.931  -9.638  1.00 85.84  ? 97  TYR A N   1 
ATOM   788  C  CA  . TYR A 1 103 ? -6.327  13.925  -8.608  1.00 76.24  ? 97  TYR A CA  1 
ATOM   789  C  C   . TYR A 1 103 ? -5.681  15.245  -9.004  1.00 67.26  ? 97  TYR A C   1 
ATOM   790  O  O   . TYR A 1 103 ? -6.266  16.308  -8.826  1.00 74.05  ? 97  TYR A O   1 
ATOM   791  C  CB  . TYR A 1 103 ? -5.800  13.463  -7.250  1.00 74.61  ? 97  TYR A CB  1 
ATOM   792  C  CG  . TYR A 1 103 ? -6.554  13.980  -6.049  1.00 66.67  ? 97  TYR A CG  1 
ATOM   793  C  CD1 . TYR A 1 103 ? -7.420  15.060  -6.147  1.00 72.95  ? 97  TYR A CD1 1 
ATOM   794  C  CD2 . TYR A 1 103 ? -6.384  13.388  -4.807  1.00 75.73  ? 97  TYR A CD2 1 
ATOM   795  C  CE1 . TYR A 1 103 ? -8.105  15.524  -5.035  1.00 81.79  ? 97  TYR A CE1 1 
ATOM   796  C  CE2 . TYR A 1 103 ? -7.056  13.843  -3.700  1.00 63.43  ? 97  TYR A CE2 1 
ATOM   797  C  CZ  . TYR A 1 103 ? -7.914  14.908  -3.815  1.00 59.97  ? 97  TYR A CZ  1 
ATOM   798  O  OH  . TYR A 1 103 ? -8.574  15.354  -2.698  1.00 66.64  ? 97  TYR A OH  1 
ATOM   799  N  N   . ALA A 1 104 ? -4.448  15.163  -9.497  1.00 62.57  ? 98  ALA A N   1 
ATOM   800  C  CA  . ALA A 1 104 ? -3.715  16.351  -9.892  1.00 65.43  ? 98  ALA A CA  1 
ATOM   801  C  C   . ALA A 1 104 ? -4.491  17.105  -10.962 1.00 71.11  ? 98  ALA A C   1 
ATOM   802  O  O   . ALA A 1 104 ? -4.478  18.339  -11.000 1.00 71.91  ? 98  ALA A O   1 
ATOM   803  C  CB  . ALA A 1 104 ? -2.315  15.999  -10.380 1.00 66.96  ? 98  ALA A CB  1 
ATOM   804  N  N   . ARG A 1 105 ? -5.174  16.362  -11.834 1.00 81.98  ? 99  ARG A N   1 
ATOM   805  C  CA  . ARG A 1 105 ? -5.937  17.028  -12.899 1.00 76.28  ? 99  ARG A CA  1 
ATOM   806  C  C   . ARG A 1 105 ? -7.325  17.464  -12.431 1.00 66.66  ? 99  ARG A C   1 
ATOM   807  O  O   . ARG A 1 105 ? -7.774  18.572  -12.711 1.00 94.16  ? 99  ARG A O   1 
ATOM   808  C  CB  . ARG A 1 105 ? -6.081  16.122  -14.120 1.00 68.77  ? 99  ARG A CB  1 
ATOM   809  C  CG  . ARG A 1 105 ? -4.785  15.904  -14.880 1.00 82.66  ? 99  ARG A CG  1 
ATOM   810  C  CD  . ARG A 1 105 ? -4.950  14.832  -15.938 1.00 105.70 ? 99  ARG A CD  1 
ATOM   811  N  NE  . ARG A 1 105 ? -5.916  15.216  -16.962 1.00 99.01  ? 99  ARG A NE  1 
ATOM   812  C  CZ  . ARG A 1 105 ? -6.657  14.355  -17.653 1.00 98.74  ? 99  ARG A CZ  1 
ATOM   813  N  NH1 . ARG A 1 105 ? -6.557  13.054  -17.417 1.00 101.65 ? 99  ARG A NH1 1 
ATOM   814  N  NH2 . ARG A 1 105 ? -7.510  14.793  -18.570 1.00 91.05  ? 99  ARG A NH2 1 
ATOM   815  N  N   . SER A 1 106 ? -7.995  16.573  -11.705 1.00 53.91  ? 100 SER A N   1 
ATOM   816  C  CA  . SER A 1 106 ? -9.350  16.805  -11.223 1.00 68.56  ? 100 SER A CA  1 
ATOM   817  C  C   . SER A 1 106 ? -9.638  15.802  -10.119 1.00 70.24  ? 100 SER A C   1 
ATOM   818  O  O   . SER A 1 106 ? -9.249  14.641  -10.218 1.00 78.79  ? 100 SER A O   1 
ATOM   819  C  CB  . SER A 1 106 ? -10.334 16.631  -12.371 1.00 84.60  ? 100 SER A CB  1 
ATOM   820  O  OG  . SER A 1 106 ? -10.330 15.306  -12.846 1.00 88.03  ? 100 SER A OG  1 
ATOM   821  N  N   . ALA A 1 107 ? -10.318 16.245  -9.067  1.00 67.92  ? 101 ALA A N   1 
ATOM   822  C  CA  . ALA A 1 107 ? -10.802 15.335  -8.033  1.00 75.22  ? 101 ALA A CA  1 
ATOM   823  C  C   . ALA A 1 107 ? -11.503 14.107  -8.615  1.00 64.37  ? 101 ALA A C   1 
ATOM   824  O  O   . ALA A 1 107 ? -11.268 13.000  -8.153  1.00 81.62  ? 101 ALA A O   1 
ATOM   825  C  CB  . ALA A 1 107 ? -11.740 16.060  -7.076  1.00 79.34  ? 101 ALA A CB  1 
ATOM   826  N  N   . GLN A 1 108 ? -12.380 14.280  -9.594  1.00 67.06  ? 102 GLN A N   1 
ATOM   827  C  CA  . GLN A 1 108 ? -13.140 13.132  -10.081 1.00 81.65  ? 102 GLN A CA  1 
ATOM   828  C  C   . GLN A 1 108 ? -12.240 12.086  -10.779 1.00 82.70  ? 102 GLN A C   1 
ATOM   829  O  O   . GLN A 1 108 ? -12.449 10.876  -10.619 1.00 84.72  ? 102 GLN A O   1 
ATOM   830  C  CB  . GLN A 1 108 ? -14.270 13.588  -11.011 1.00 86.14  ? 102 GLN A CB  1 
ATOM   831  C  CG  . GLN A 1 108 ? -15.339 12.543  -11.298 1.00 62.23  ? 102 GLN A CG  1 
ATOM   832  C  CD  . GLN A 1 108 ? -14.980 11.637  -12.452 1.00 83.15  ? 102 GLN A CD  1 
ATOM   833  O  OE1 . GLN A 1 108 ? -14.101 11.953  -13.257 1.00 82.75  ? 102 GLN A OE1 1 
ATOM   834  N  NE2 . GLN A 1 108 ? -15.674 10.508  -12.552 1.00 77.10  ? 102 GLN A NE2 1 
ATOM   835  N  N   . LEU A 1 109 ? -11.178 12.534  -11.448 1.00 78.93  ? 103 LEU A N   1 
ATOM   836  C  CA  . LEU A 1 109 ? -10.296 11.601  -12.168 1.00 75.25  ? 103 LEU A CA  1 
ATOM   837  C  C   . LEU A 1 109 ? -9.412  10.797  -11.227 1.00 70.31  ? 103 LEU A C   1 
ATOM   838  O  O   . LEU A 1 109 ? -8.723  9.872   -11.651 1.00 71.43  ? 103 LEU A O   1 
ATOM   839  C  CB  . LEU A 1 109 ? -9.443  12.302  -13.227 1.00 71.92  ? 103 LEU A CB  1 
ATOM   840  C  CG  . LEU A 1 109 ? -10.116 12.781  -14.514 1.00 72.18  ? 103 LEU A CG  1 
ATOM   841  C  CD1 . LEU A 1 109 ? -9.132  13.603  -15.333 1.00 47.89  ? 103 LEU A CD1 1 
ATOM   842  C  CD2 . LEU A 1 109 ? -10.660 11.610  -15.323 1.00 62.91  ? 103 LEU A CD2 1 
ATOM   843  N  N   . ARG A 1 110 ? -9.389  11.190  -9.960  1.00 81.62  ? 104 ARG A N   1 
ATOM   844  C  CA  . ARG A 1 110 ? -8.663  10.429  -8.960  1.00 72.34  ? 104 ARG A CA  1 
ATOM   845  C  C   . ARG A 1 110 ? -9.426  9.138   -8.671  1.00 72.18  ? 104 ARG A C   1 
ATOM   846  O  O   . ARG A 1 110 ? -8.844  8.166   -8.198  1.00 79.96  ? 104 ARG A O   1 
ATOM   847  C  CB  . ARG A 1 110 ? -8.478  11.218  -7.658  1.00 64.26  ? 104 ARG A CB  1 
ATOM   848  C  CG  . ARG A 1 110 ? -9.596  10.979  -6.635  1.00 62.58  ? 104 ARG A CG  1 
ATOM   849  C  CD  . ARG A 1 110 ? -9.561  11.953  -5.467  1.00 49.95  ? 104 ARG A CD  1 
ATOM   850  N  NE  . ARG A 1 110 ? -10.490 11.557  -4.407  1.00 53.51  ? 104 ARG A NE  1 
ATOM   851  C  CZ  . ARG A 1 110 ? -11.807 11.747  -4.436  1.00 63.67  ? 104 ARG A CZ  1 
ATOM   852  N  NH1 . ARG A 1 110 ? -12.558 11.348  -3.416  1.00 38.46  ? 104 ARG A NH1 1 
ATOM   853  N  NH2 . ARG A 1 110 ? -12.378 12.333  -5.480  1.00 99.23  ? 104 ARG A NH2 1 
ATOM   854  N  N   . LEU A 1 111 ? -10.721 9.117   -8.996  1.00 69.77  ? 105 LEU A N   1 
ATOM   855  C  CA  . LEU A 1 111 ? -11.597 8.043   -8.512  1.00 71.79  ? 105 LEU A CA  1 
ATOM   856  C  C   . LEU A 1 111 ? -11.388 6.637   -9.074  1.00 69.75  ? 105 LEU A C   1 
ATOM   857  O  O   . LEU A 1 111 ? -11.312 5.682   -8.305  1.00 67.22  ? 105 LEU A O   1 
ATOM   858  C  CB  . LEU A 1 111 ? -13.072 8.450   -8.623  1.00 90.81  ? 105 LEU A CB  1 
ATOM   859  C  CG  . LEU A 1 111 ? -13.483 9.636   -7.748  1.00 82.19  ? 105 LEU A CG  1 
ATOM   860  C  CD1 . LEU A 1 111 ? -14.767 10.264  -8.247  1.00 89.21  ? 105 LEU A CD1 1 
ATOM   861  C  CD2 . LEU A 1 111 ? -13.635 9.182   -6.303  1.00 73.26  ? 105 LEU A CD2 1 
ATOM   862  N  N   . ALA A 1 112 ? -11.289 6.500   -10.393 1.00 77.45  ? 106 ALA A N   1 
ATOM   863  C  CA  . ALA A 1 112 ? -11.054 5.182   -10.982 1.00 71.27  ? 106 ALA A CA  1 
ATOM   864  C  C   . ALA A 1 112 ? -9.751  4.541   -10.484 1.00 75.31  ? 106 ALA A C   1 
ATOM   865  O  O   . ALA A 1 112 ? -9.778  3.410   -9.993  1.00 75.87  ? 106 ALA A O   1 
ATOM   866  C  CB  . ALA A 1 112 ? -11.079 5.242   -12.517 1.00 61.84  ? 106 ALA A CB  1 
ATOM   867  N  N   . PRO A 1 113 ? -8.611  5.248   -10.592 1.00 74.37  ? 107 PRO A N   1 
ATOM   868  C  CA  . PRO A 1 113 ? -7.395  4.617   -10.062 1.00 73.25  ? 107 PRO A CA  1 
ATOM   869  C  C   . PRO A 1 113 ? -7.408  4.405   -8.549  1.00 59.44  ? 107 PRO A C   1 
ATOM   870  O  O   . PRO A 1 113 ? -6.781  3.466   -8.058  1.00 67.93  ? 107 PRO A O   1 
ATOM   871  C  CB  . PRO A 1 113 ? -6.281  5.571   -10.477 1.00 58.48  ? 107 PRO A CB  1 
ATOM   872  C  CG  . PRO A 1 113 ? -6.953  6.858   -10.759 1.00 59.27  ? 107 PRO A CG  1 
ATOM   873  C  CD  . PRO A 1 113 ? -8.315  6.538   -11.242 1.00 73.33  ? 107 PRO A CD  1 
ATOM   874  N  N   . LEU A 1 114 ? -8.083  5.293   -7.825  1.00 57.50  ? 108 LEU A N   1 
ATOM   875  C  CA  . LEU A 1 114 ? -8.351  5.096   -6.399  1.00 63.69  ? 108 LEU A CA  1 
ATOM   876  C  C   . LEU A 1 114 ? -9.029  3.766   -6.076  1.00 65.53  ? 108 LEU A C   1 
ATOM   877  O  O   . LEU A 1 114 ? -8.641  3.072   -5.137  1.00 54.82  ? 108 LEU A O   1 
ATOM   878  C  CB  . LEU A 1 114 ? -9.137  6.259   -5.782  1.00 66.90  ? 108 LEU A CB  1 
ATOM   879  C  CG  . LEU A 1 114 ? -9.489  6.119   -4.302  1.00 61.67  ? 108 LEU A CG  1 
ATOM   880  C  CD1 . LEU A 1 114 ? -8.219  6.017   -3.469  1.00 57.87  ? 108 LEU A CD1 1 
ATOM   881  C  CD2 . LEU A 1 114 ? -10.358 7.278   -3.845  1.00 67.44  ? 108 LEU A CD2 1 
ATOM   882  N  N   . TYR A 1 115 ? -10.063 3.432   -6.841  1.00 73.12  ? 109 TYR A N   1 
ATOM   883  C  CA  . TYR A 1 115 ? -10.782 2.184   -6.628  1.00 80.96  ? 109 TYR A CA  1 
ATOM   884  C  C   . TYR A 1 115 ? -9.884  0.998   -6.939  1.00 72.64  ? 109 TYR A C   1 
ATOM   885  O  O   . TYR A 1 115 ? -9.917  -0.012  -6.242  1.00 66.26  ? 109 TYR A O   1 
ATOM   886  C  CB  . TYR A 1 115 ? -12.044 2.087   -7.493  1.00 93.39  ? 109 TYR A CB  1 
ATOM   887  C  CG  . TYR A 1 115 ? -12.978 3.268   -7.367  1.00 81.95  ? 109 TYR A CG  1 
ATOM   888  C  CD1 . TYR A 1 115 ? -13.251 3.831   -6.128  1.00 87.61  ? 109 TYR A CD1 1 
ATOM   889  C  CD2 . TYR A 1 115 ? -13.603 3.806   -8.484  1.00 86.98  ? 109 TYR A CD2 1 
ATOM   890  C  CE1 . TYR A 1 115 ? -14.108 4.904   -6.003  1.00 90.53  ? 109 TYR A CE1 1 
ATOM   891  C  CE2 . TYR A 1 115 ? -14.461 4.885   -8.372  1.00 104.52 ? 109 TYR A CE2 1 
ATOM   892  C  CZ  . TYR A 1 115 ? -14.711 5.429   -7.127  1.00 110.28 ? 109 TYR A CZ  1 
ATOM   893  O  OH  . TYR A 1 115 ? -15.565 6.503   -7.006  1.00 114.72 ? 109 TYR A OH  1 
ATOM   894  N  N   . ALA A 1 116 ? -9.062  1.140   -7.974  1.00 59.80  ? 110 ALA A N   1 
ATOM   895  C  CA  . ALA A 1 116 ? -8.120  0.094   -8.332  1.00 61.29  ? 110 ALA A CA  1 
ATOM   896  C  C   . ALA A 1 116 ? -7.102  -0.148  -7.223  1.00 73.95  ? 110 ALA A C   1 
ATOM   897  O  O   . ALA A 1 116 ? -6.791  -1.293  -6.902  1.00 84.05  ? 110 ALA A O   1 
ATOM   898  C  CB  . ALA A 1 116 ? -7.422  0.443   -9.639  1.00 68.20  ? 110 ALA A CB  1 
ATOM   899  N  N   . SER A 1 117 ? -6.613  0.931   -6.618  1.00 71.50  ? 111 SER A N   1 
ATOM   900  C  CA  . SER A 1 117 ? -5.626  0.831   -5.547  1.00 55.49  ? 111 SER A CA  1 
ATOM   901  C  C   . SER A 1 117 ? -6.227  0.158   -4.319  1.00 57.12  ? 111 SER A C   1 
ATOM   902  O  O   . SER A 1 117 ? -5.573  -0.639  -3.646  1.00 57.13  ? 111 SER A O   1 
ATOM   903  C  CB  . SER A 1 117 ? -5.059  2.219   -5.226  1.00 48.11  ? 111 SER A CB  1 
ATOM   904  O  OG  . SER A 1 117 ? -5.870  2.904   -4.288  1.00 55.22  ? 111 SER A OG  1 
ATOM   905  N  N   . ALA A 1 118 ? -7.489  0.468   -4.051  1.00 54.69  ? 112 ALA A N   1 
ATOM   906  C  CA  . ALA A 1 118 ? -8.202  -0.105  -2.921  1.00 47.68  ? 112 ALA A CA  1 
ATOM   907  C  C   . ALA A 1 118 ? -8.477  -1.590  -3.117  1.00 58.37  ? 112 ALA A C   1 
ATOM   908  O  O   . ALA A 1 118 ? -8.368  -2.367  -2.178  1.00 66.83  ? 112 ALA A O   1 
ATOM   909  C  CB  . ALA A 1 118 ? -9.489  0.650   -2.633  1.00 71.45  ? 112 ALA A CB  1 
ATOM   910  N  N   . ARG A 1 119 ? -8.821  -1.990  -4.336  1.00 74.14  ? 113 ARG A N   1 
ATOM   911  C  CA  . ARG A 1 119 ? -9.071  -3.402  -4.604  1.00 77.07  ? 113 ARG A CA  1 
ATOM   912  C  C   . ARG A 1 119 ? -7.809  -4.228  -4.383  1.00 66.08  ? 113 ARG A C   1 
ATOM   913  O  O   . ARG A 1 119 ? -7.855  -5.281  -3.744  1.00 64.89  ? 113 ARG A O   1 
ATOM   914  C  CB  . ARG A 1 119 ? -9.596  -3.596  -6.035  1.00 84.62  ? 113 ARG A CB  1 
ATOM   915  C  CG  . ARG A 1 119 ? -10.992 -3.025  -6.276  1.00 90.90  ? 113 ARG A CG  1 
ATOM   916  C  CD  . ARG A 1 119 ? -11.552 -3.435  -7.635  1.00 101.01 ? 113 ARG A CD  1 
ATOM   917  N  NE  . ARG A 1 119 ? -10.745 -2.958  -8.756  1.00 114.36 ? 113 ARG A NE  1 
ATOM   918  C  CZ  . ARG A 1 119 ? -10.984 -1.831  -9.421  1.00 111.99 ? 113 ARG A CZ  1 
ATOM   919  N  NH1 . ARG A 1 119 ? -12.011 -1.062  -9.080  1.00 105.69 ? 113 ARG A NH1 1 
ATOM   920  N  NH2 . ARG A 1 119 ? -10.203 -1.478  -10.436 1.00 101.01 ? 113 ARG A NH2 1 
ATOM   921  N  N   . ALA A 1 120 ? -6.679  -3.725  -4.867  1.00 58.72  ? 114 ALA A N   1 
ATOM   922  C  CA  . ALA A 1 120 ? -5.404  -4.421  -4.706  1.00 52.13  ? 114 ALA A CA  1 
ATOM   923  C  C   . ALA A 1 120 ? -4.981  -4.536  -3.247  1.00 51.74  ? 114 ALA A C   1 
ATOM   924  O  O   . ALA A 1 120 ? -4.523  -5.587  -2.800  1.00 55.04  ? 114 ALA A O   1 
ATOM   925  C  CB  . ALA A 1 120 ? -4.308  -3.760  -5.537  1.00 37.56  ? 114 ALA A CB  1 
ATOM   926  N  N   . LEU A 1 121 ? -5.164  -3.448  -2.507  1.00 56.74  ? 115 LEU A N   1 
ATOM   927  C  CA  . LEU A 1 121 ? -4.826  -3.417  -1.090  1.00 52.27  ? 115 LEU A CA  1 
ATOM   928  C  C   . LEU A 1 121 ? -5.672  -4.374  -0.232  1.00 48.12  ? 115 LEU A C   1 
ATOM   929  O  O   . LEU A 1 121 ? -5.134  -5.018  0.667   1.00 52.84  ? 115 LEU A O   1 
ATOM   930  C  CB  . LEU A 1 121 ? -4.882  -1.983  -0.565  1.00 37.02  ? 115 LEU A CB  1 
ATOM   931  C  CG  . LEU A 1 121 ? -4.388  -1.698  0.844   1.00 58.12  ? 115 LEU A CG  1 
ATOM   932  C  CD1 . LEU A 1 121 ? -2.950  -2.166  0.964   1.00 68.97  ? 115 LEU A CD1 1 
ATOM   933  C  CD2 . LEU A 1 121 ? -4.460  -0.205  1.077   1.00 46.16  ? 115 LEU A CD2 1 
ATOM   934  N  N   . TRP A 1 122 ? -6.981  -4.456  -0.473  1.00 53.12  ? 116 TRP A N   1 
ATOM   935  C  CA  . TRP A 1 122 ? -7.817  -5.386  0.295   1.00 60.25  ? 116 TRP A CA  1 
ATOM   936  C  C   . TRP A 1 122 ? -7.448  -6.818  -0.060  1.00 60.33  ? 116 TRP A C   1 
ATOM   937  O  O   . TRP A 1 122 ? -7.565  -7.725  0.766   1.00 53.21  ? 116 TRP A O   1 
ATOM   938  C  CB  . TRP A 1 122 ? -9.315  -5.166  0.055   1.00 69.34  ? 116 TRP A CB  1 
ATOM   939  C  CG  . TRP A 1 122 ? -9.914  -3.910  0.606   1.00 73.76  ? 116 TRP A CG  1 
ATOM   940  C  CD1 . TRP A 1 122 ? -10.111 -2.728  -0.038  1.00 82.03  ? 116 TRP A CD1 1 
ATOM   941  C  CD2 . TRP A 1 122 ? -10.445 -3.740  1.926   1.00 68.37  ? 116 TRP A CD2 1 
ATOM   942  N  NE1 . TRP A 1 122 ? -10.713 -1.823  0.803   1.00 94.70  ? 116 TRP A NE1 1 
ATOM   943  C  CE2 . TRP A 1 122 ? -10.933 -2.423  2.015   1.00 82.04  ? 116 TRP A CE2 1 
ATOM   944  C  CE3 . TRP A 1 122 ? -10.545 -4.574  3.045   1.00 62.99  ? 116 TRP A CE3 1 
ATOM   945  C  CZ2 . TRP A 1 122 ? -11.511 -1.915  3.179   1.00 73.08  ? 116 TRP A CZ2 1 
ATOM   946  C  CZ3 . TRP A 1 122 ? -11.118 -4.070  4.199   1.00 79.30  ? 116 TRP A CZ3 1 
ATOM   947  C  CH2 . TRP A 1 122 ? -11.591 -2.751  4.258   1.00 85.69  ? 116 TRP A CH2 1 
ATOM   948  N  N   . LEU A 1 123 ? -7.006  -7.016  -1.296  1.00 51.14  ? 117 LEU A N   1 
ATOM   949  C  CA  . LEU A 1 123 ? -6.543  -8.324  -1.728  1.00 49.05  ? 117 LEU A CA  1 
ATOM   950  C  C   . LEU A 1 123 ? -5.293  -8.695  -0.952  1.00 57.60  ? 117 LEU A C   1 
ATOM   951  O  O   . LEU A 1 123 ? -5.159  -9.825  -0.487  1.00 59.79  ? 117 LEU A O   1 
ATOM   952  C  CB  . LEU A 1 123 ? -6.242  -8.309  -3.225  1.00 44.21  ? 117 LEU A CB  1 
ATOM   953  C  CG  . LEU A 1 123 ? -5.881  -9.648  -3.862  1.00 45.54  ? 117 LEU A CG  1 
ATOM   954  C  CD1 . LEU A 1 123 ? -6.917  -10.696 -3.508  1.00 43.66  ? 117 LEU A CD1 1 
ATOM   955  C  CD2 . LEU A 1 123 ? -5.769  -9.486  -5.367  1.00 42.45  ? 117 LEU A CD2 1 
ATOM   956  N  N   . LEU A 1 124 ? -4.403  -7.725  -0.776  1.00 51.77  ? 118 LEU A N   1 
ATOM   957  C  CA  . LEU A 1 124 ? -3.218  -7.915  0.051   1.00 43.88  ? 118 LEU A CA  1 
ATOM   958  C  C   . LEU A 1 124 ? -3.614  -8.284  1.480   1.00 37.54  ? 118 LEU A C   1 
ATOM   959  O  O   . LEU A 1 124 ? -3.031  -9.176  2.087   1.00 45.55  ? 118 LEU A O   1 
ATOM   960  C  CB  . LEU A 1 124 ? -2.287  -6.700  0.032   1.00 48.75  ? 118 LEU A CB  1 
ATOM   961  C  CG  . LEU A 1 124 ? -1.337  -6.626  -1.164  1.00 50.49  ? 118 LEU A CG  1 
ATOM   962  C  CD1 . LEU A 1 124 ? -0.612  -5.290  -1.201  1.00 44.85  ? 118 LEU A CD1 1 
ATOM   963  C  CD2 . LEU A 1 124 ? -0.341  -7.775  -1.119  1.00 37.83  ? 118 LEU A CD2 1 
ATOM   964  N  N   . VAL A 1 125 ? -4.619  -7.587  2.000   1.00 36.37  ? 119 VAL A N   1 
ATOM   965  C  CA  . VAL A 1 125 ? -5.177  -7.874  3.318   1.00 43.68  ? 119 VAL A CA  1 
ATOM   966  C  C   . VAL A 1 125 ? -5.713  -9.300  3.400   1.00 36.34  ? 119 VAL A C   1 
ATOM   967  O  O   . VAL A 1 125 ? -5.499  -9.999  4.390   1.00 37.32  ? 119 VAL A O   1 
ATOM   968  C  CB  . VAL A 1 125 ? -6.255  -6.844  3.712   1.00 46.32  ? 119 VAL A CB  1 
ATOM   969  C  CG1 . VAL A 1 125 ? -7.024  -7.317  4.934   1.00 36.77  ? 119 VAL A CG1 1 
ATOM   970  C  CG2 . VAL A 1 125 ? -5.612  -5.498  3.984   1.00 49.04  ? 119 VAL A CG2 1 
ATOM   971  N  N   . ALA A 1 126 ? -6.430  -9.721  2.364   1.00 41.80  ? 120 ALA A N   1 
ATOM   972  C  CA  . ALA A 1 126 ? -7.039  -11.046 2.357   1.00 52.61  ? 120 ALA A CA  1 
ATOM   973  C  C   . ALA A 1 126 ? -5.980  -12.141 2.332   1.00 51.43  ? 120 ALA A C   1 
ATOM   974  O  O   . ALA A 1 126 ? -6.117  -13.161 3.008   1.00 37.49  ? 120 ALA A O   1 
ATOM   975  C  CB  . ALA A 1 126 ? -7.961  -11.190 1.162   1.00 58.59  ? 120 ALA A CB  1 
ATOM   976  N  N   . LEU A 1 127 ? -4.907  -11.903 1.581   1.00 54.77  ? 121 LEU A N   1 
ATOM   977  C  CA  . LEU A 1 127 ? -3.793  -12.846 1.516   1.00 47.98  ? 121 LEU A CA  1 
ATOM   978  C  C   . LEU A 1 127 ? -3.085  -12.928 2.864   1.00 42.40  ? 121 LEU A C   1 
ATOM   979  O  O   . LEU A 1 127 ? -2.741  -14.008 3.334   1.00 50.16  ? 121 LEU A O   1 
ATOM   980  C  CB  . LEU A 1 127 ? -2.801  -12.494 0.405   1.00 30.80  ? 121 LEU A CB  1 
ATOM   981  C  CG  . LEU A 1 127 ? -3.374  -12.359 -1.008  1.00 36.31  ? 121 LEU A CG  1 
ATOM   982  C  CD1 . LEU A 1 127 ? -2.262  -12.191 -2.043  1.00 41.88  ? 121 LEU A CD1 1 
ATOM   983  C  CD2 . LEU A 1 127 ? -4.280  -13.532 -1.360  1.00 37.61  ? 121 LEU A CD2 1 
ATOM   984  N  N   . ALA A 1 128 ? -2.866  -11.769 3.472   1.00 37.45  ? 122 ALA A N   1 
ATOM   985  C  CA  . ALA A 1 128 ? -2.325  -11.697 4.819   1.00 38.60  ? 122 ALA A CA  1 
ATOM   986  C  C   . ALA A 1 128 ? -3.187  -12.483 5.794   1.00 37.88  ? 122 ALA A C   1 
ATOM   987  O  O   . ALA A 1 128 ? -2.683  -13.290 6.573   1.00 39.18  ? 122 ALA A O   1 
ATOM   988  C  CB  . ALA A 1 128 ? -2.171  -10.251 5.269   1.00 33.09  ? 122 ALA A CB  1 
ATOM   989  N  N   . ALA A 1 129 ? -4.492  -12.232 5.750   1.00 53.29  ? 123 ALA A N   1 
ATOM   990  C  CA  . ALA A 1 129 ? -5.435  -12.914 6.629   1.00 51.14  ? 123 ALA A CA  1 
ATOM   991  C  C   . ALA A 1 129 ? -5.445  -14.423 6.423   1.00 43.69  ? 123 ALA A C   1 
ATOM   992  O  O   . ALA A 1 129 ? -5.465  -15.184 7.391   1.00 37.19  ? 123 ALA A O   1 
ATOM   993  C  CB  . ALA A 1 129 ? -6.841  -12.359 6.454   1.00 45.40  ? 123 ALA A CB  1 
ATOM   994  N  N   . LEU A 1 130 ? -5.455  -14.845 5.161   1.00 38.29  ? 124 LEU A N   1 
ATOM   995  C  CA  . LEU A 1 130 ? -5.467  -16.268 4.845   1.00 41.07  ? 124 LEU A CA  1 
ATOM   996  C  C   . LEU A 1 130 ? -4.175  -16.952 5.289   1.00 51.34  ? 124 LEU A C   1 
ATOM   997  O  O   . LEU A 1 130 ? -4.206  -18.020 5.897   1.00 53.59  ? 124 LEU A O   1 
ATOM   998  C  CB  . LEU A 1 130 ? -5.645  -16.474 3.342   1.00 39.15  ? 124 LEU A CB  1 
ATOM   999  C  CG  . LEU A 1 130 ? -7.024  -16.132 2.774   1.00 57.67  ? 124 LEU A CG  1 
ATOM   1000 C  CD1 . LEU A 1 130 ? -7.052  -16.308 1.261   1.00 41.85  ? 124 LEU A CD1 1 
ATOM   1001 C  CD2 . LEU A 1 130 ? -8.093  -16.987 3.434   1.00 37.07  ? 124 LEU A CD2 1 
ATOM   1002 N  N   . GLY A 1 131 ? -3.046  -16.305 5.014   1.00 46.07  ? 125 GLY A N   1 
ATOM   1003 C  CA  . GLY A 1 131 ? -1.750  -16.812 5.424   1.00 35.88  ? 125 GLY A CA  1 
ATOM   1004 C  C   . GLY A 1 131 ? -1.626  -16.976 6.923   1.00 42.89  ? 125 GLY A C   1 
ATOM   1005 O  O   . GLY A 1 131 ? -1.122  -17.988 7.409   1.00 53.92  ? 125 GLY A O   1 
ATOM   1006 N  N   . LEU A 1 132 ? -2.091  -15.972 7.657   1.00 34.82  ? 126 LEU A N   1 
ATOM   1007 C  CA  . LEU A 1 132 ? -2.108  -16.025 9.111   1.00 36.93  ? 126 LEU A CA  1 
ATOM   1008 C  C   . LEU A 1 132 ? -3.072  -17.080 9.644   1.00 47.21  ? 126 LEU A C   1 
ATOM   1009 O  O   . LEU A 1 132 ? -2.779  -17.755 10.631  1.00 46.42  ? 126 LEU A O   1 
ATOM   1010 C  CB  . LEU A 1 132 ? -2.417  -14.651 9.706   1.00 40.61  ? 126 LEU A CB  1 
ATOM   1011 C  CG  . LEU A 1 132 ? -1.290  -13.625 9.574   1.00 44.15  ? 126 LEU A CG  1 
ATOM   1012 C  CD1 . LEU A 1 132 ? -1.774  -12.246 9.972   1.00 55.41  ? 126 LEU A CD1 1 
ATOM   1013 C  CD2 . LEU A 1 132 ? -0.093  -14.034 10.421  1.00 51.75  ? 126 LEU A CD2 1 
ATOM   1014 N  N   . LEU A 1 133 ? -4.240  -17.184 9.021   1.00 46.62  ? 127 LEU A N   1 
ATOM   1015 C  CA  . LEU A 1 133 ? -5.203  -18.212 9.391   1.00 45.14  ? 127 LEU A CA  1 
ATOM   1016 C  C   . LEU A 1 133 ? -4.594  -19.597 9.217   1.00 52.23  ? 127 LEU A C   1 
ATOM   1017 O  O   . LEU A 1 133 ? -4.694  -20.443 10.102  1.00 50.98  ? 127 LEU A O   1 
ATOM   1018 C  CB  . LEU A 1 133 ? -6.446  -18.060 8.514   1.00 51.49  ? 127 LEU A CB  1 
ATOM   1019 C  CG  . LEU A 1 133 ? -7.807  -17.993 9.213   1.00 53.14  ? 127 LEU A CG  1 
ATOM   1020 C  CD1 . LEU A 1 133 ? -7.672  -17.731 10.710  1.00 45.48  ? 127 LEU A CD1 1 
ATOM   1021 C  CD2 . LEU A 1 133 ? -8.664  -16.927 8.553   1.00 62.10  ? 127 LEU A CD2 1 
ATOM   1022 N  N   . ALA A 1 134 ? -3.913  -19.799 8.094   1.00 47.62  ? 128 ALA A N   1 
ATOM   1023 C  CA  . ALA A 1 134 ? -3.229  -21.060 7.818   1.00 42.33  ? 128 ALA A CA  1 
ATOM   1024 C  C   . ALA A 1 134 ? -2.169  -21.387 8.861   1.00 53.83  ? 128 ALA A C   1 
ATOM   1025 O  O   . ALA A 1 134 ? -1.984  -22.542 9.235   1.00 65.85  ? 128 ALA A O   1 
ATOM   1026 C  CB  . ALA A 1 134 ? -2.606  -21.043 6.430   1.00 25.18  ? 128 ALA A CB  1 
ATOM   1027 N  N   . HIS A 1 135 ? -1.480  -20.362 9.338   1.00 50.17  ? 129 HIS A N   1 
ATOM   1028 C  CA  . HIS A 1 135 ? -0.504  -20.542 10.402  1.00 43.14  ? 129 HIS A CA  1 
ATOM   1029 C  C   . HIS A 1 135 ? -1.096  -20.913 11.767  1.00 50.82  ? 129 HIS A C   1 
ATOM   1030 O  O   . HIS A 1 135 ? -0.634  -21.855 12.411  1.00 60.10  ? 129 HIS A O   1 
ATOM   1031 C  CB  . HIS A 1 135 ? 0.414   -19.326 10.520  1.00 42.30  ? 129 HIS A CB  1 
ATOM   1032 C  CG  . HIS A 1 135 ? 1.389   -19.421 11.650  1.00 45.43  ? 129 HIS A CG  1 
ATOM   1033 N  ND1 . HIS A 1 135 ? 2.639   -19.982 11.501  1.00 46.51  ? 129 HIS A ND1 1 
ATOM   1034 C  CD2 . HIS A 1 135 ? 1.292   -19.055 12.950  1.00 48.07  ? 129 HIS A CD2 1 
ATOM   1035 C  CE1 . HIS A 1 135 ? 3.277   -19.943 12.657  1.00 58.07  ? 129 HIS A CE1 1 
ATOM   1036 N  NE2 . HIS A 1 135 ? 2.480   -19.388 13.554  1.00 54.49  ? 129 HIS A NE2 1 
ATOM   1037 N  N   . PHE A 1 136 ? -2.142  -20.205 12.185  1.00 58.13  ? 130 PHE A N   1 
ATOM   1038 C  CA  . PHE A 1 136 ? -2.661  -20.354 13.544  1.00 58.13  ? 130 PHE A CA  1 
ATOM   1039 C  C   . PHE A 1 136 ? -3.805  -21.345 13.699  1.00 64.11  ? 130 PHE A C   1 
ATOM   1040 O  O   . PHE A 1 136 ? -3.952  -21.961 14.754  1.00 53.74  ? 130 PHE A O   1 
ATOM   1041 C  CB  . PHE A 1 136 ? -3.173  -19.010 14.068  1.00 43.30  ? 130 PHE A CB  1 
ATOM   1042 C  CG  . PHE A 1 136 ? -2.097  -18.032 14.426  1.00 43.48  ? 130 PHE A CG  1 
ATOM   1043 C  CD1 . PHE A 1 136 ? -1.339  -18.205 15.571  1.00 45.89  ? 130 PHE A CD1 1 
ATOM   1044 C  CD2 . PHE A 1 136 ? -1.851  -16.928 13.625  1.00 45.75  ? 130 PHE A CD2 1 
ATOM   1045 C  CE1 . PHE A 1 136 ? -0.355  -17.293 15.914  1.00 39.83  ? 130 PHE A CE1 1 
ATOM   1046 C  CE2 . PHE A 1 136 ? -0.866  -16.019 13.958  1.00 44.58  ? 130 PHE A CE2 1 
ATOM   1047 C  CZ  . PHE A 1 136 ? -0.120  -16.200 15.108  1.00 38.03  ? 130 PHE A CZ  1 
ATOM   1048 N  N   . LEU A 1 137 ? -4.624  -21.496 12.667  1.00 60.19  ? 131 LEU A N   1 
ATOM   1049 C  CA  . LEU A 1 137 ? -5.877  -22.218 12.843  1.00 57.30  ? 131 LEU A CA  1 
ATOM   1050 C  C   . LEU A 1 137 ? -5.727  -23.731 13.082  1.00 57.89  ? 131 LEU A C   1 
ATOM   1051 O  O   . LEU A 1 137 ? -6.382  -24.274 13.970  1.00 56.19  ? 131 LEU A O   1 
ATOM   1052 C  CB  . LEU A 1 137 ? -6.831  -21.921 11.683  1.00 50.16  ? 131 LEU A CB  1 
ATOM   1053 C  CG  . LEU A 1 137 ? -8.237  -22.496 11.758  1.00 49.70  ? 131 LEU A CG  1 
ATOM   1054 C  CD1 . LEU A 1 137 ? -8.964  -21.938 12.978  1.00 47.10  ? 131 LEU A CD1 1 
ATOM   1055 C  CD2 . LEU A 1 137 ? -8.981  -22.197 10.473  1.00 58.19  ? 131 LEU A CD2 1 
ATOM   1056 N  N   . PRO A 1 138 ? -4.842  -24.412 12.323  1.00 63.32  ? 132 PRO A N   1 
ATOM   1057 C  CA  . PRO A 1 138 ? -4.606  -25.839 12.586  1.00 57.88  ? 132 PRO A CA  1 
ATOM   1058 C  C   . PRO A 1 138 ? -4.139  -26.190 13.999  1.00 58.56  ? 132 PRO A C   1 
ATOM   1059 O  O   . PRO A 1 138 ? -4.766  -27.020 14.658  1.00 57.74  ? 132 PRO A O   1 
ATOM   1060 C  CB  . PRO A 1 138 ? -3.561  -26.224 11.532  1.00 48.54  ? 132 PRO A CB  1 
ATOM   1061 C  CG  . PRO A 1 138 ? -3.860  -25.298 10.409  1.00 57.70  ? 132 PRO A CG  1 
ATOM   1062 C  CD  . PRO A 1 138 ? -4.124  -23.990 11.106  1.00 63.82  ? 132 PRO A CD  1 
ATOM   1063 N  N   . ALA A 1 139 ? -3.055  -25.565 14.450  1.00 56.88  ? 133 ALA A N   1 
ATOM   1064 C  CA  . ALA A 1 139 ? -2.597  -25.731 15.825  1.00 54.07  ? 133 ALA A CA  1 
ATOM   1065 C  C   . ALA A 1 139 ? -3.681  -25.414 16.847  1.00 53.58  ? 133 ALA A C   1 
ATOM   1066 O  O   . ALA A 1 139 ? -3.787  -26.077 17.877  1.00 55.26  ? 133 ALA A O   1 
ATOM   1067 C  CB  . ALA A 1 139 ? -1.338  -24.918 16.093  1.00 69.17  ? 133 ALA A CB  1 
ATOM   1068 N  N   . ALA A 1 140 ? -4.468  -24.379 16.572  1.00 68.43  ? 134 ALA A N   1 
ATOM   1069 C  CA  . ALA A 1 140 ? -5.537  -23.992 17.481  1.00 75.57  ? 134 ALA A CA  1 
ATOM   1070 C  C   . ALA A 1 140 ? -6.642  -25.042 17.524  1.00 59.84  ? 134 ALA A C   1 
ATOM   1071 O  O   . ALA A 1 140 ? -7.088  -25.442 18.598  1.00 55.42  ? 134 ALA A O   1 
ATOM   1072 C  CB  . ALA A 1 140 ? -6.113  -22.647 17.066  1.00 69.15  ? 134 ALA A CB  1 
ATOM   1073 N  N   . LEU A 1 141 ? -7.032  -25.524 16.346  1.00 51.87  ? 135 LEU A N   1 
ATOM   1074 C  CA  . LEU A 1 141 ? -8.067  -26.547 16.223  1.00 56.24  ? 135 LEU A CA  1 
ATOM   1075 C  C   . LEU A 1 141 ? -7.659  -27.858 16.878  1.00 62.54  ? 135 LEU A C   1 
ATOM   1076 O  O   . LEU A 1 141 ? -8.454  -28.489 17.573  1.00 65.55  ? 135 LEU A O   1 
ATOM   1077 C  CB  . LEU A 1 141 ? -8.429  -26.764 14.753  1.00 62.08  ? 135 LEU A CB  1 
ATOM   1078 C  CG  . LEU A 1 141 ? -9.214  -25.633 14.084  1.00 59.83  ? 135 LEU A CG  1 
ATOM   1079 C  CD1 . LEU A 1 141 ? -9.325  -25.878 12.591  1.00 47.80  ? 135 LEU A CD1 1 
ATOM   1080 C  CD2 . LEU A 1 141 ? -10.593 -25.469 14.709  1.00 53.25  ? 135 LEU A CD2 1 
ATOM   1081 N  N   . ARG A 1 142 ? -6.413  -28.259 16.660  1.00 59.32  ? 136 ARG A N   1 
ATOM   1082 C  CA  . ARG A 1 142 ? -5.884  -29.448 17.308  1.00 60.90  ? 136 ARG A CA  1 
ATOM   1083 C  C   . ARG A 1 142 ? -5.930  -29.350 18.823  1.00 65.69  ? 136 ARG A C   1 
ATOM   1084 O  O   . ARG A 1 142 ? -6.368  -30.276 19.504  1.00 69.30  ? 136 ARG A O   1 
ATOM   1085 C  CB  . ARG A 1 142 ? -4.471  -29.792 16.842  1.00 54.93  ? 136 ARG A CB  1 
ATOM   1086 C  CG  . ARG A 1 142 ? -3.908  -31.007 17.539  1.00 65.64  ? 136 ARG A CG  1 
ATOM   1087 C  CD  . ARG A 1 142 ? -2.644  -31.495 16.889  1.00 73.53  ? 136 ARG A CD  1 
ATOM   1088 N  NE  . ARG A 1 142 ? -1.500  -30.615 17.089  1.00 54.94  ? 136 ARG A NE  1 
ATOM   1089 C  CZ  . ARG A 1 142 ? -0.258  -30.945 16.751  1.00 91.86  ? 136 ARG A CZ  1 
ATOM   1090 N  NH1 . ARG A 1 142 ? -0.015  -32.134 16.218  1.00 125.69 ? 136 ARG A NH1 1 
ATOM   1091 N  NH2 . ARG A 1 142 ? 0.738   -30.091 16.934  1.00 104.25 ? 136 ARG A NH2 1 
ATOM   1092 N  N   . ALA A 1 143 ? -5.496  -28.203 19.331  1.00 71.31  ? 137 ALA A N   1 
ATOM   1093 C  CA  . ALA A 1 143 ? -5.455  -27.945 20.762  1.00 60.23  ? 137 ALA A CA  1 
ATOM   1094 C  C   . ALA A 1 143 ? -6.850  -28.028 21.364  1.00 56.67  ? 137 ALA A C   1 
ATOM   1095 O  O   . ALA A 1 143 ? -7.025  -28.492 22.489  1.00 50.70  ? 137 ALA A O   1 
ATOM   1096 C  CB  . ALA A 1 143 ? -4.843  -26.588 21.043  1.00 64.97  ? 137 ALA A CB  1 
ATOM   1097 N  N   . ALA A 1 144 ? -7.839  -27.574 20.602  1.00 59.14  ? 138 ALA A N   1 
ATOM   1098 C  CA  . ALA A 1 144 ? -9.223  -27.593 21.055  1.00 60.04  ? 138 ALA A CA  1 
ATOM   1099 C  C   . ALA A 1 144 ? -9.787  -29.008 21.101  1.00 72.63  ? 138 ALA A C   1 
ATOM   1100 O  O   . ALA A 1 144 ? -10.421 -29.405 22.080  1.00 89.54  ? 138 ALA A O   1 
ATOM   1101 C  CB  . ALA A 1 144 ? -10.087 -26.702 20.173  1.00 51.79  ? 138 ALA A CB  1 
ATOM   1102 N  N   . LEU A 1 145 ? -9.522  -29.766 20.045  1.00 73.46  ? 139 LEU A N   1 
ATOM   1103 C  CA  . LEU A 1 145 ? -9.799  -31.199 20.006  1.00 68.54  ? 139 LEU A CA  1 
ATOM   1104 C  C   . LEU A 1 145 ? -9.133  -31.994 21.125  1.00 65.78  ? 139 LEU A C   1 
ATOM   1105 O  O   . LEU A 1 145 ? -9.779  -32.820 21.767  1.00 77.55  ? 139 LEU A O   1 
ATOM   1106 C  CB  . LEU A 1 145 ? -9.403  -31.785 18.655  1.00 58.63  ? 139 LEU A CB  1 
ATOM   1107 C  CG  . LEU A 1 145 ? -10.256 -31.256 17.503  1.00 79.61  ? 139 LEU A CG  1 
ATOM   1108 C  CD1 . LEU A 1 145 ? -9.578  -31.509 16.172  1.00 80.14  ? 139 LEU A CD1 1 
ATOM   1109 C  CD2 . LEU A 1 145 ? -11.646 -31.874 17.532  1.00 78.81  ? 139 LEU A CD2 1 
ATOM   1110 N  N   . LEU A 1 146 ? -7.846  -31.751 21.358  1.00 64.46  ? 140 LEU A N   1 
ATOM   1111 C  CA  . LEU A 1 146 ? -7.138  -32.409 22.455  1.00 67.27  ? 140 LEU A CA  1 
ATOM   1112 C  C   . LEU A 1 146 ? -7.803  -32.187 23.809  1.00 82.08  ? 140 LEU A C   1 
ATOM   1113 O  O   . LEU A 1 146 ? -7.841  -33.089 24.644  1.00 94.49  ? 140 LEU A O   1 
ATOM   1114 C  CB  . LEU A 1 146 ? -5.658  -32.013 22.502  1.00 70.71  ? 140 LEU A CB  1 
ATOM   1115 C  CG  . LEU A 1 146 ? -4.743  -32.456 21.361  1.00 67.17  ? 140 LEU A CG  1 
ATOM   1116 C  CD1 . LEU A 1 146 ? -3.353  -31.878 21.552  1.00 73.73  ? 140 LEU A CD1 1 
ATOM   1117 C  CD2 . LEU A 1 146 ? -4.687  -33.970 21.279  1.00 65.71  ? 140 LEU A CD2 1 
ATOM   1118 N  N   . GLY A 1 147 ? -8.304  -30.976 24.031  1.00 79.86  ? 141 GLY A N   1 
ATOM   1119 C  CA  . GLY A 1 147 ? -8.973  -30.658 25.277  1.00 99.56  ? 141 GLY A CA  1 
ATOM   1120 C  C   . GLY A 1 147 ? -10.302 -31.381 25.407  1.00 108.85 ? 141 GLY A C   1 
ATOM   1121 O  O   . GLY A 1 147 ? -10.753 -31.671 26.513  1.00 111.08 ? 141 GLY A O   1 
ATOM   1122 N  N   . ARG A 1 148 ? -10.969 -31.586 24.276  1.00 91.80  ? 142 ARG A N   1 
ATOM   1123 C  CA  . ARG A 1 148 ? -12.207 -32.356 24.207  1.00 84.76  ? 142 ARG A CA  1 
ATOM   1124 C  C   . ARG A 1 148 ? -12.012 -33.856 24.470  1.00 100.57 ? 142 ARG A C   1 
ATOM   1125 O  O   . ARG A 1 148 ? -12.983 -34.584 24.669  1.00 117.32 ? 142 ARG A O   1 
ATOM   1126 C  CB  . ARG A 1 148 ? -12.733 -32.227 22.779  1.00 82.66  ? 142 ARG A CB  1 
ATOM   1127 C  CG  . ARG A 1 148 ? -14.235 -32.398 22.648  1.00 105.81 ? 142 ARG A CG  1 
ATOM   1128 C  CD  . ARG A 1 148 ? -14.935 -31.048 22.495  1.00 91.19  ? 142 ARG A CD  1 
ATOM   1129 N  NE  . ARG A 1 148 ? -14.399 -30.008 23.376  1.00 99.64  ? 142 ARG A NE  1 
ATOM   1130 C  CZ  . ARG A 1 148 ? -14.547 -29.980 24.699  1.00 110.81 ? 142 ARG A CZ  1 
ATOM   1131 N  NH1 . ARG A 1 148 ? -14.018 -28.988 25.404  1.00 116.38 ? 142 ARG A NH1 1 
ATOM   1132 N  NH2 . ARG A 1 148 ? -15.226 -30.936 25.318  1.00 117.52 ? 142 ARG A NH2 1 
ATOM   1133 N  N   . LEU A 1 149 ? -10.764 -34.318 24.460  1.00 103.31 ? 143 LEU A N   1 
ATOM   1134 C  CA  . LEU A 1 149 ? -10.486 -35.737 24.195  1.00 91.11  ? 143 LEU A CA  1 
ATOM   1135 C  C   . LEU A 1 149 ? -10.556 -36.886 25.245  1.00 106.01 ? 143 LEU A C   1 
ATOM   1136 O  O   . LEU A 1 149 ? -10.808 -38.010 24.815  1.00 112.87 ? 143 LEU A O   1 
ATOM   1137 C  CB  . LEU A 1 149 ? -9.174  -35.858 23.400  1.00 90.82  ? 143 LEU A CB  1 
ATOM   1138 C  CG  . LEU A 1 149 ? -9.148  -36.932 22.306  1.00 80.69  ? 143 LEU A CG  1 
ATOM   1139 C  CD1 . LEU A 1 149 ? -9.638  -36.383 20.971  1.00 70.45  ? 143 LEU A CD1 1 
ATOM   1140 C  CD2 . LEU A 1 149 ? -7.758  -37.541 22.175  1.00 70.81  ? 143 LEU A CD2 1 
ATOM   1141 N  N   . ARG A 1 150 ? -10.394 -36.714 26.567  1.00 117.43 ? 144 ARG A N   1 
ATOM   1142 C  CA  . ARG A 1 150 ? -10.688 -35.545 27.412  1.00 125.03 ? 144 ARG A CA  1 
ATOM   1143 C  C   . ARG A 1 150 ? -12.160 -35.140 27.658  1.00 126.17 ? 144 ARG A C   1 
ATOM   1144 O  O   . ARG A 1 150 ? -12.392 -33.964 27.943  1.00 114.62 ? 144 ARG A O   1 
ATOM   1145 C  CB  . ARG A 1 150 ? -9.727  -34.353 27.239  1.00 109.43 ? 144 ARG A CB  1 
ATOM   1146 C  CG  . ARG A 1 150 ? -8.475  -34.400 28.104  1.00 116.34 ? 144 ARG A CG  1 
ATOM   1147 C  CD  . ARG A 1 150 ? -7.264  -34.909 27.343  1.00 110.59 ? 144 ARG A CD  1 
ATOM   1148 N  NE  . ARG A 1 150 ? -6.363  -33.811 26.996  1.00 131.89 ? 144 ARG A NE  1 
ATOM   1149 C  CZ  . ARG A 1 150 ? -5.488  -33.261 27.833  1.00 135.13 ? 144 ARG A CZ  1 
ATOM   1150 N  NH1 . ARG A 1 150 ? -5.383  -33.707 29.078  1.00 120.11 ? 144 ARG A NH1 1 
ATOM   1151 N  NH2 . ARG A 1 150 ? -4.715  -32.265 27.422  1.00 125.31 ? 144 ARG A NH2 1 
ATOM   1152 N  N   . THR A 1 151 ? -13.166 -36.028 27.572  1.00 116.13 ? 145 THR A N   1 
ATOM   1153 C  CA  . THR A 1 151 ? -13.217 -37.505 27.788  1.00 115.64 ? 145 THR A CA  1 
ATOM   1154 C  C   . THR A 1 151 ? -12.029 -38.407 28.211  1.00 127.14 ? 145 THR A C   1 
ATOM   1155 O  O   . THR A 1 151 ? -11.121 -37.984 28.927  1.00 127.12 ? 145 THR A O   1 
ATOM   1156 C  CB  . THR A 1 151 ? -13.955 -38.199 26.603  1.00 101.66 ? 145 THR A CB  1 
ATOM   1157 O  OG1 . THR A 1 151 ? -13.019 -38.540 25.575  1.00 109.15 ? 145 THR A OG1 1 
ATOM   1158 C  CG2 . THR A 1 151 ? -15.021 -37.279 26.027  1.00 76.84  ? 145 THR A CG2 1 
ATOM   1159 N  N   . LEU A 1 152 ? -12.105 -39.682 27.838  1.00 123.49 ? 146 LEU A N   1 
ATOM   1160 C  CA  . LEU A 1 152 ? -10.999 -40.616 28.045  1.00 123.09 ? 146 LEU A CA  1 
ATOM   1161 C  C   . LEU A 1 152 ? -10.973 -41.217 29.451  1.00 123.08 ? 146 LEU A C   1 
ATOM   1162 O  O   . LEU A 1 152 ? -11.327 -40.563 30.433  1.00 118.31 ? 146 LEU A O   1 
HETATM 1163 NI NI  . NI  B 2 .   ? 17.102  -18.002 9.210   0.33 125.18 ? 201 NI  A NI  1 
HETATM 1164 S  S   . SO4 C 3 .   ? -12.333 19.171  -10.694 0.50 75.93  ? 202 SO4 A S   1 
HETATM 1165 O  O1  . SO4 C 3 .   ? -11.801 19.502  -12.013 0.50 63.24  ? 202 SO4 A O1  1 
HETATM 1166 O  O2  . SO4 C 3 .   ? -11.298 19.379  -9.682  0.50 82.94  ? 202 SO4 A O2  1 
HETATM 1167 O  O3  . SO4 C 3 .   ? -12.757 17.774  -10.671 0.50 65.18  ? 202 SO4 A O3  1 
HETATM 1168 O  O4  . SO4 C 3 .   ? -13.477 20.028  -10.392 0.50 81.30  ? 202 SO4 A O4  1 
HETATM 1169 O  O   . 1JO D 4 .   ? -10.510 12.122  3.182   1.00 83.19  ? 203 1JO A O   1 
HETATM 1170 C  C   . 1JO D 4 .   ? -9.353  11.888  3.558   1.00 91.98  ? 203 1JO A C   1 
HETATM 1171 O  OXT . 1JO D 4 .   ? -8.422  12.664  3.244   1.00 106.94 ? 203 1JO A OXT 1 
HETATM 1172 C  CA  . 1JO D 4 .   ? -9.071  10.681  4.379   1.00 86.61  ? 203 1JO A CA  1 
HETATM 1173 N  N   . 1JO D 4 .   ? -8.459  11.068  5.631   1.00 84.36  ? 203 1JO A N   1 
HETATM 1174 C  CB  . 1JO D 4 .   ? -8.155  9.764   3.631   1.00 81.27  ? 203 1JO A CB  1 
HETATM 1175 C  CG  . 1JO D 4 .   ? -8.399  8.275   3.715   1.00 62.37  ? 203 1JO A CG  1 
HETATM 1176 C  CD  . 1JO D 4 .   ? -9.831  7.785   3.634   1.00 57.33  ? 203 1JO A CD  1 
HETATM 1177 O  OE1 . 1JO D 4 .   ? -10.594 7.994   4.572   1.00 67.45  ? 203 1JO A OE1 1 
HETATM 1178 N  NE2 . 1JO D 4 .   ? -10.317 7.068   2.460   1.00 67.64  ? 203 1JO A NE2 1 
HETATM 1179 C  CBD . 1JO D 4 .   ? -9.435  6.489   1.509   1.00 74.86  ? 203 1JO A CBD 1 
HETATM 1180 C  CBA . 1JO D 4 .   ? -9.053  7.514   0.489   1.00 71.16  ? 203 1JO A CBA 1 
HETATM 1181 O  OAE . 1JO D 4 .   ? -8.415  7.195   -0.517  1.00 70.11  ? 203 1JO A OAE 1 
HETATM 1182 N  NAU . 1JO D 4 .   ? -9.438  8.887   0.720   1.00 76.95  ? 203 1JO A NAU 1 
HETATM 1183 C  CAQ . 1JO D 4 .   ? -9.018  9.942   -0.146  1.00 67.11  ? 203 1JO A CAQ 1 
HETATM 1184 C  CAX . 1JO D 4 .   ? -9.493  9.816   -1.588  1.00 73.01  ? 203 1JO A CAX 1 
HETATM 1185 O  OAF . 1JO D 4 .   ? -8.655  9.963   -2.541  1.00 66.44  ? 203 1JO A OAF 1 
HETATM 1186 O  OAB . 1JO D 4 .   ? -10.724 9.543   -1.846  1.00 82.50  ? 203 1JO A OAB 1 
HETATM 1187 C  CAT . 1JO D 4 .   ? -10.121 5.292   0.881   1.00 84.09  ? 203 1JO A CAT 1 
HETATM 1188 S  SAW . 1JO D 4 .   ? -11.130 4.292   2.031   1.00 86.98  ? 203 1JO A SAW 1 
HETATM 1189 C  CAO . 1JO D 4 .   ? -11.628 2.773   1.316   1.00 104.66 ? 203 1JO A CAO 1 
HETATM 1190 C  CAM . 1JO D 4 .   ? -11.456 1.548   2.158   1.00 101.30 ? 203 1JO A CAM 1 
HETATM 1191 C  CAN . 1JO D 4 .   ? -10.307 1.549   3.118   1.00 70.07  ? 203 1JO A CAN 1 
HETATM 1192 C  CAR . 1JO D 4 .   ? -8.872  1.527   2.506   1.00 79.55  ? 203 1JO A CAR 1 
HETATM 1193 C  CBB . 1JO D 4 .   ? -7.927  0.433   2.958   1.00 88.51  ? 203 1JO A CBB 1 
HETATM 1194 C  CAK . 1JO D 4 .   ? -6.692  0.777   3.493   1.00 95.99  ? 203 1JO A CAK 1 
HETATM 1195 C  CAI . 1JO D 4 .   ? -5.928  -0.176  4.130   1.00 91.57  ? 203 1JO A CAI 1 
HETATM 1196 C  CAH . 1JO D 4 .   ? -6.369  -1.477  4.203   1.00 75.58  ? 203 1JO A CAH 1 
HETATM 1197 C  CAJ . 1JO D 4 .   ? -7.653  -1.794  3.791   1.00 73.40  ? 203 1JO A CAJ 1 
HETATM 1198 C  CAL . 1JO D 4 .   ? -8.436  -0.813  3.225   1.00 85.04  ? 203 1JO A CAL 1 
# 
loop_
_pdbx_poly_seq_scheme.asym_id 
_pdbx_poly_seq_scheme.entity_id 
_pdbx_poly_seq_scheme.seq_id 
_pdbx_poly_seq_scheme.mon_id 
_pdbx_poly_seq_scheme.ndb_seq_num 
_pdbx_poly_seq_scheme.pdb_seq_num 
_pdbx_poly_seq_scheme.auth_seq_num 
_pdbx_poly_seq_scheme.pdb_mon_id 
_pdbx_poly_seq_scheme.auth_mon_id 
_pdbx_poly_seq_scheme.pdb_strand_id 
_pdbx_poly_seq_scheme.pdb_ins_code 
_pdbx_poly_seq_scheme.hetero 
A 1 1   MET 1   -5  ?   ?   ?   A . n 
A 1 2   HIS 2   -4  ?   ?   ?   A . n 
A 1 3   HIS 3   -3  ?   ?   ?   A . n 
A 1 4   HIS 4   -2  ?   ?   ?   A . n 
A 1 5   HIS 5   -1  -1  HIS HIS A . n 
A 1 6   HIS 6   0   0   HIS HIS A . n 
A 1 7   HIS 7   1   1   HIS HIS A . n 
A 1 8   LYS 8   2   2   LYS LYS A . n 
A 1 9   ASP 9   3   3   ASP ASP A . n 
A 1 10  GLU 10  4   4   GLU GLU A . n 
A 1 11  VAL 11  5   5   VAL VAL A . n 
A 1 12  ALA 12  6   6   ALA ALA A . n 
A 1 13  LEU 13  7   7   LEU LEU A . n 
A 1 14  LEU 14  8   8   LEU LEU A . n 
A 1 15  ALA 15  9   9   ALA ALA A . n 
A 1 16  ALA 16  10  10  ALA ALA A . n 
A 1 17  VAL 17  11  11  VAL VAL A . n 
A 1 18  THR 18  12  12  THR THR A . n 
A 1 19  LEU 19  13  13  LEU LEU A . n 
A 1 20  LEU 20  14  14  LEU LEU A . n 
A 1 21  GLY 21  15  15  GLY GLY A . n 
A 1 22  VAL 22  16  16  VAL VAL A . n 
A 1 23  LEU 23  17  17  LEU LEU A . n 
A 1 24  LEU 24  18  18  LEU LEU A . n 
A 1 25  GLN 25  19  19  GLN GLN A . n 
A 1 26  ALA 26  20  20  ALA ALA A . n 
A 1 27  TYR 27  21  21  TYR TYR A . n 
A 1 28  PHE 28  22  22  PHE PHE A . n 
A 1 29  SER 29  23  23  SER SER A . n 
A 1 30  LEU 30  24  24  LEU LEU A . n 
A 1 31  GLN 31  25  25  GLN GLN A . n 
A 1 32  VAL 32  26  26  VAL VAL A . n 
A 1 33  ILE 33  27  27  ILE ILE A . n 
A 1 34  SER 34  28  28  SER SER A . n 
A 1 35  ALA 35  29  29  ALA ALA A . n 
A 1 36  ARG 36  30  30  ARG ARG A . n 
A 1 37  ARG 37  31  31  ARG ARG A . n 
A 1 38  ALA 38  32  32  ALA ALA A . n 
A 1 39  PHE 39  33  33  PHE PHE A . n 
A 1 40  ARG 40  34  34  ARG ARG A . n 
A 1 41  VAL 41  35  35  VAL VAL A . n 
A 1 42  SER 42  36  36  SER SER A . n 
A 1 43  PRO 43  37  37  PRO PRO A . n 
A 1 44  PRO 44  38  38  PRO PRO A . n 
A 1 45  LEU 45  39  39  LEU LEU A . n 
A 1 46  THR 46  40  40  THR THR A . n 
A 1 47  THR 47  41  41  THR THR A . n 
A 1 48  GLY 48  42  42  GLY GLY A . n 
A 1 49  PRO 49  43  43  PRO PRO A . n 
A 1 50  PRO 50  44  44  PRO PRO A . n 
A 1 51  GLU 51  45  45  GLU GLU A . n 
A 1 52  PHE 52  46  46  PHE PHE A . n 
A 1 53  GLU 53  47  47  GLU GLU A . n 
A 1 54  ARG 54  48  48  ARG ARG A . n 
A 1 55  VAL 55  49  49  VAL VAL A . n 
A 1 56  TYR 56  50  50  TYR TYR A . n 
A 1 57  ARG 57  51  51  ARG ARG A . n 
A 1 58  ALA 58  52  52  ALA ALA A . n 
A 1 59  GLN 59  53  53  GLN GLN A . n 
A 1 60  VAL 60  54  54  VAL VAL A . n 
A 1 61  ASN 61  55  55  ASN ASN A . n 
A 1 62  CYS 62  56  56  CYS CYS A . n 
A 1 63  SER 63  57  57  SER SER A . n 
A 1 64  GLU 64  58  58  GLU GLU A . n 
A 1 65  TYR 65  59  59  TYR TYR A . n 
A 1 66  PHE 66  60  60  PHE PHE A . n 
A 1 67  PRO 67  61  61  PRO PRO A . n 
A 1 68  LEU 68  62  62  LEU LEU A . n 
A 1 69  PHE 69  63  63  PHE PHE A . n 
A 1 70  LEU 70  64  64  LEU LEU A . n 
A 1 71  ALA 71  65  65  ALA ALA A . n 
A 1 72  THR 72  66  66  THR THR A . n 
A 1 73  LEU 73  67  67  LEU LEU A . n 
A 1 74  TRP 74  68  68  TRP TRP A . n 
A 1 75  VAL 75  69  69  VAL VAL A . n 
A 1 76  ALA 76  70  70  ALA ALA A . n 
A 1 77  GLY 77  71  71  GLY GLY A . n 
A 1 78  ILE 78  72  72  ILE ILE A . n 
A 1 79  PHE 79  73  73  PHE PHE A . n 
A 1 80  PHE 80  74  74  PHE PHE A . n 
A 1 81  HIS 81  75  75  HIS HIS A . n 
A 1 82  GLU 82  76  76  GLU GLU A . n 
A 1 83  GLY 83  77  77  GLY GLY A . n 
A 1 84  ALA 84  78  78  ALA ALA A . n 
A 1 85  ALA 85  79  79  ALA ALA A . n 
A 1 86  ALA 86  80  80  ALA ALA A . n 
A 1 87  LEU 87  81  81  LEU LEU A . n 
A 1 88  CYS 88  82  82  CYS CYS A . n 
A 1 89  GLY 89  83  83  GLY GLY A . n 
A 1 90  LEU 90  84  84  LEU LEU A . n 
A 1 91  VAL 91  85  85  VAL VAL A . n 
A 1 92  TYR 92  86  86  TYR TYR A . n 
A 1 93  LEU 93  87  87  LEU LEU A . n 
A 1 94  PHE 94  88  88  PHE PHE A . n 
A 1 95  ALA 95  89  89  ALA ALA A . n 
A 1 96  ARG 96  90  90  ARG ARG A . n 
A 1 97  LEU 97  91  91  LEU LEU A . n 
A 1 98  ARG 98  92  92  ARG ARG A . n 
A 1 99  TYR 99  93  93  TYR TYR A . n 
A 1 100 PHE 100 94  94  PHE PHE A . n 
A 1 101 GLN 101 95  95  GLN GLN A . n 
A 1 102 GLY 102 96  96  GLY GLY A . n 
A 1 103 TYR 103 97  97  TYR TYR A . n 
A 1 104 ALA 104 98  98  ALA ALA A . n 
A 1 105 ARG 105 99  99  ARG ARG A . n 
A 1 106 SER 106 100 100 SER SER A . n 
A 1 107 ALA 107 101 101 ALA ALA A . n 
A 1 108 GLN 108 102 102 GLN GLN A . n 
A 1 109 LEU 109 103 103 LEU LEU A . n 
A 1 110 ARG 110 104 104 ARG ARG A . n 
A 1 111 LEU 111 105 105 LEU LEU A . n 
A 1 112 ALA 112 106 106 ALA ALA A . n 
A 1 113 PRO 113 107 107 PRO PRO A . n 
A 1 114 LEU 114 108 108 LEU LEU A . n 
A 1 115 TYR 115 109 109 TYR TYR A . n 
A 1 116 ALA 116 110 110 ALA ALA A . n 
A 1 117 SER 117 111 111 SER SER A . n 
A 1 118 ALA 118 112 112 ALA ALA A . n 
A 1 119 ARG 119 113 113 ARG ARG A . n 
A 1 120 ALA 120 114 114 ALA ALA A . n 
A 1 121 LEU 121 115 115 LEU LEU A . n 
A 1 122 TRP 122 116 116 TRP TRP A . n 
A 1 123 LEU 123 117 117 LEU LEU A . n 
A 1 124 LEU 124 118 118 LEU LEU A . n 
A 1 125 VAL 125 119 119 VAL VAL A . n 
A 1 126 ALA 126 120 120 ALA ALA A . n 
A 1 127 LEU 127 121 121 LEU LEU A . n 
A 1 128 ALA 128 122 122 ALA ALA A . n 
A 1 129 ALA 129 123 123 ALA ALA A . n 
A 1 130 LEU 130 124 124 LEU LEU A . n 
A 1 131 GLY 131 125 125 GLY GLY A . n 
A 1 132 LEU 132 126 126 LEU LEU A . n 
A 1 133 LEU 133 127 127 LEU LEU A . n 
A 1 134 ALA 134 128 128 ALA ALA A . n 
A 1 135 HIS 135 129 129 HIS HIS A . n 
A 1 136 PHE 136 130 130 PHE PHE A . n 
A 1 137 LEU 137 131 131 LEU LEU A . n 
A 1 138 PRO 138 132 132 PRO PRO A . n 
A 1 139 ALA 139 133 133 ALA ALA A . n 
A 1 140 ALA 140 134 134 ALA ALA A . n 
A 1 141 LEU 141 135 135 LEU LEU A . n 
A 1 142 ARG 142 136 136 ARG ARG A . n 
A 1 143 ALA 143 137 137 ALA ALA A . n 
A 1 144 ALA 144 138 138 ALA ALA A . n 
A 1 145 LEU 145 139 139 LEU LEU A . n 
A 1 146 LEU 146 140 140 LEU LEU A . n 
A 1 147 GLY 147 141 141 GLY GLY A . n 
A 1 148 ARG 148 142 142 ARG ARG A . n 
A 1 149 LEU 149 143 143 LEU LEU A . n 
A 1 150 ARG 150 144 144 ARG ARG A . n 
A 1 151 THR 151 145 145 THR THR A . n 
A 1 152 LEU 152 146 146 LEU LEU A . n 
A 1 153 LEU 153 147 ?   ?   ?   A . n 
A 1 154 PRO 154 148 ?   ?   ?   A . n 
A 1 155 TRP 155 149 ?   ?   ?   A . n 
A 1 156 ALA 156 150 ?   ?   ?   A . n 
# 
loop_
_pdbx_nonpoly_scheme.asym_id 
_pdbx_nonpoly_scheme.entity_id 
_pdbx_nonpoly_scheme.mon_id 
_pdbx_nonpoly_scheme.ndb_seq_num 
_pdbx_nonpoly_scheme.pdb_seq_num 
_pdbx_nonpoly_scheme.auth_seq_num 
_pdbx_nonpoly_scheme.pdb_mon_id 
_pdbx_nonpoly_scheme.auth_mon_id 
_pdbx_nonpoly_scheme.pdb_strand_id 
_pdbx_nonpoly_scheme.pdb_ins_code 
B 2 NI  1 201 1151 NI  NI  A . 
C 3 SO4 1 202 1164 SO4 SO4 A . 
D 4 1JO 1 203 1    1JO DRG A . 
# 
loop_
_pdbx_struct_assembly.id 
_pdbx_struct_assembly.details 
_pdbx_struct_assembly.method_details 
_pdbx_struct_assembly.oligomeric_details 
_pdbx_struct_assembly.oligomeric_count 
1 author_and_software_defined_assembly PISA trimeric    3  
2 software_defined_assembly            PISA dodecameric 12 
# 
loop_
_pdbx_struct_assembly_gen.assembly_id 
_pdbx_struct_assembly_gen.oper_expression 
_pdbx_struct_assembly_gen.asym_id_list 
1 1,2,3                      A,B,C,D 
2 1,4,5,6,7,8,2,9,10,3,11,12 A,B,C,D 
# 
loop_
_pdbx_struct_assembly_prop.biol_id 
_pdbx_struct_assembly_prop.type 
_pdbx_struct_assembly_prop.value 
_pdbx_struct_assembly_prop.details 
1 'ABSA (A^2)' 7370  ? 
1 MORE         -82   ? 
1 'SSA (A^2)'  20510 ? 
2 'ABSA (A^2)' 36720 ? 
2 MORE         -494  ? 
2 'SSA (A^2)'  76580 ? 
# 
loop_
_pdbx_struct_oper_list.id 
_pdbx_struct_oper_list.type 
_pdbx_struct_oper_list.name 
_pdbx_struct_oper_list.symmetry_operation 
_pdbx_struct_oper_list.matrix[1][1] 
_pdbx_struct_oper_list.matrix[1][2] 
_pdbx_struct_oper_list.matrix[1][3] 
_pdbx_struct_oper_list.vector[1] 
_pdbx_struct_oper_list.matrix[2][1] 
_pdbx_struct_oper_list.matrix[2][2] 
_pdbx_struct_oper_list.matrix[2][3] 
_pdbx_struct_oper_list.vector[2] 
_pdbx_struct_oper_list.matrix[3][1] 
_pdbx_struct_oper_list.matrix[3][2] 
_pdbx_struct_oper_list.matrix[3][3] 
_pdbx_struct_oper_list.vector[3] 
1  'identity operation'         1_555  x,y,z   1.0000000000  0.0000000000  0.0000000000  0.0000000000   0.0000000000  1.0000000000  0.0000000000  0.0000000000  0.0000000000  0.0000000000  1.0000000000  0.0000000000   
2  'crystal symmetry operation' 7_555  -z,-x,y -0.1538099641 -0.6724386374 -0.7239950096 14.2957612642  -0.5897067633 0.6503876826  -0.4787920170 8.2014082272  0.7928356880  0.3533017708  -0.4965777185 6.5843259195   
3  'crystal symmetry operation' 10_555 -y,z,-x -0.1538099641 -0.5897067633 0.7928356880  1.8149678570   -0.6724386374 0.6503876826  0.3533017708  1.9526733263  -0.7239950096 -0.4787920170 -0.4965777185 17.5464581442  
4  'crystal symmetry operation' 2_555  -x,-y,z 0.9620098786  -0.2208974649 0.1604409656  6.3544531599   -0.2208974649 -0.9751297430 -0.0180636209 67.4131600034 0.1604409656  -0.0180636209 -0.9868801357 15.1077143203  
5  'crystal symmetry operation' 3_555  -x,y,-z -0.9989993661 0.0317592304  0.0314899624  -25.7398726391 0.0317592304  0.0080097812  0.9994634534  29.2516385183 0.0314899624  0.9994634534  -0.0090104150 -28.6838494184 
6  'crystal symmetry operation' 4_555  x,-y,-z -0.9630105125 0.1891382345  -0.1919309279 -29.4712358834 0.1891382345  -0.0328800382 -0.9813998325 45.0930240476 -0.1919309279 -0.9813998325 -0.0041094493 38.7571149982  
7  'crystal symmetry operation' 5_555  z,x,y   0.1095013475  -0.7338775250 -0.6703978172 19.3518420406  0.5946953524  -0.4920542927 0.6357829903  56.1388887178 -0.7964589711 -0.4683015603 0.3825529453  10.7552524757  
8  'crystal symmetry operation' 6_555  z,-x,-y 0.1598937897  0.7035470442  0.6924272760  -39.5535184918 0.7828019865  0.3369655374  -0.5231398250 36.3521455009 -0.6013776068 0.6256802564  -0.4968593271 -20.0959961539 
9  'crystal symmetry operation' 8_555  -z,x,-y -0.1155851730 0.7027691181  0.7019655507  -42.9507401755 -0.7877905756 -0.4952989273 0.3661488517  41.0653801235 0.6050008899  -0.5106804669 0.6108841003  27.9373976588  
10 'crystal symmetry operation' 9_555  y,z,x   0.1095013475  0.5946953524  -0.7964589711 -26.9384716692 -0.7338775250 -0.4920542927 -0.4683015603 46.8619646385 -0.6703978172 0.6357829903  0.3825529453  -26.8331713930 
11 'crystal symmetry operation' 11_555 y,-z,-x -0.1155851730 -0.7877905756 0.6050008899  10.4843002671  0.7027691181  -0.4952989273 -0.5106804669 64.7911757989 0.7019655507  0.3661488517  0.6108841003  -1.9526138286  
12 'crystal symmetry operation' 12_555 -y,-z,x 0.1598937897  0.7828019865  -0.6013776068 -34.2174518175 0.7035470442  0.3369655374  0.6256802564  28.1520088057 0.6924272760  -0.5231398250 -0.4968593271 36.4203069775 
# 
_pdbx_struct_special_symmetry.id              1 
_pdbx_struct_special_symmetry.PDB_model_num   1 
_pdbx_struct_special_symmetry.auth_asym_id    A 
_pdbx_struct_special_symmetry.auth_comp_id    NI 
_pdbx_struct_special_symmetry.auth_seq_id     201 
_pdbx_struct_special_symmetry.PDB_ins_code    ? 
_pdbx_struct_special_symmetry.label_asym_id   B 
_pdbx_struct_special_symmetry.label_comp_id   NI 
_pdbx_struct_special_symmetry.label_seq_id    . 
# 
loop_
_pdbx_audit_revision_history.ordinal 
_pdbx_audit_revision_history.data_content_type 
_pdbx_audit_revision_history.major_revision 
_pdbx_audit_revision_history.minor_revision 
_pdbx_audit_revision_history.revision_date 
1 'Structure model' 1 0 2014-01-01 
2 'Structure model' 1 1 2014-01-22 
3 'Structure model' 1 2 2014-03-12 
4 'Structure model' 1 3 2023-09-20 
# 
_pdbx_audit_revision_details.ordinal             1 
_pdbx_audit_revision_details.revision_ordinal    1 
_pdbx_audit_revision_details.data_content_type   'Structure model' 
_pdbx_audit_revision_details.provider            repository 
_pdbx_audit_revision_details.type                'Initial release' 
_pdbx_audit_revision_details.description         ? 
_pdbx_audit_revision_details.details             ? 
# 
loop_
_pdbx_audit_revision_group.ordinal 
_pdbx_audit_revision_group.revision_ordinal 
_pdbx_audit_revision_group.data_content_type 
_pdbx_audit_revision_group.group 
1 2 'Structure model' 'Database references'    
2 3 'Structure model' 'Database references'    
3 4 'Structure model' 'Data collection'        
4 4 'Structure model' 'Database references'    
5 4 'Structure model' 'Derived calculations'   
6 4 'Structure model' 'Refinement description' 
# 
loop_
_pdbx_audit_revision_category.ordinal 
_pdbx_audit_revision_category.revision_ordinal 
_pdbx_audit_revision_category.data_content_type 
_pdbx_audit_revision_category.category 
1 4 'Structure model' chem_comp_atom                
2 4 'Structure model' chem_comp_bond                
3 4 'Structure model' database_2                    
4 4 'Structure model' pdbx_initial_refinement_model 
5 4 'Structure model' struct_ref_seq_dif            
6 4 'Structure model' struct_site                   
# 
loop_
_pdbx_audit_revision_item.ordinal 
_pdbx_audit_revision_item.revision_ordinal 
_pdbx_audit_revision_item.data_content_type 
_pdbx_audit_revision_item.item 
1 4 'Structure model' '_database_2.pdbx_DOI'                
2 4 'Structure model' '_database_2.pdbx_database_accession' 
3 4 'Structure model' '_struct_ref_seq_dif.details'         
4 4 'Structure model' '_struct_site.pdbx_auth_asym_id'      
5 4 'Structure model' '_struct_site.pdbx_auth_comp_id'      
6 4 'Structure model' '_struct_site.pdbx_auth_seq_id'       
# 
_pdbx_phasing_MR.entry_id                     4J7T 
_pdbx_phasing_MR.method_rotation              ? 
_pdbx_phasing_MR.method_translation           ? 
_pdbx_phasing_MR.model_details                ? 
_pdbx_phasing_MR.R_factor                     ? 
_pdbx_phasing_MR.R_rigid_body                 ? 
_pdbx_phasing_MR.correlation_coeff_Fo_to_Fc   ? 
_pdbx_phasing_MR.correlation_coeff_Io_to_Ic   ? 
_pdbx_phasing_MR.d_res_high_rotation          6.380 
_pdbx_phasing_MR.d_res_low_rotation           37.650 
_pdbx_phasing_MR.d_res_high_translation       6.380 
_pdbx_phasing_MR.d_res_low_translation        37.650 
_pdbx_phasing_MR.packing                      ? 
_pdbx_phasing_MR.reflns_percent_rotation      ? 
_pdbx_phasing_MR.reflns_percent_translation   ? 
_pdbx_phasing_MR.sigma_F_rotation             ? 
_pdbx_phasing_MR.sigma_F_translation          ? 
_pdbx_phasing_MR.sigma_I_rotation             ? 
_pdbx_phasing_MR.sigma_I_translation          ? 
# 
_phasing.method   MR 
# 
loop_
_software.pdbx_ordinal 
_software.name 
_software.version 
_software.date 
_software.type 
_software.contact_author 
_software.contact_author_email 
_software.classification 
_software.location 
_software.language 
_software.citation_id 
1 SCALA       3.3.16     2010/01/06                        other   'Phil R. Evans' pre@mrc-lmb.cam.ac.uk       'data scaling'    
http://www.ccp4.ac.uk/dist/html/scala.html  Fortran_77 ? 
2 PHASER      2.5.2      'Thu Sep 27 03:51:30 2012 (svn )' program 'Randy J. Read' cimr-phaser@lists.cam.ac.uk phasing           
http://www-structmed.cimr.cam.ac.uk/phaser/ ?          ? 
3 PHENIX      1.8.1_1168 ?                                 package 'Paul D. Adams' PDAdams@lbl.gov             refinement        
http://www.phenix-online.org/               C++        ? 
4 PDB_EXTRACT 3.11       'April 22, 2011'                  package PDB             deposit@deposit.rcsb.org    'data extraction' 
http://sw-tools.pdb.org/apps/PDB_EXTRACT/   C++        ? 
5 ADSC        Quantum    ?                                 ?       ?               ?                           'data collection' ? 
?          ? 
6 XDS         .          ?                                 ?       ?               ?                           'data reduction'  ? 
?          ? 
# 
loop_
_pdbx_validate_torsion.id 
_pdbx_validate_torsion.PDB_model_num 
_pdbx_validate_torsion.auth_comp_id 
_pdbx_validate_torsion.auth_asym_id 
_pdbx_validate_torsion.auth_seq_id 
_pdbx_validate_torsion.PDB_ins_code 
_pdbx_validate_torsion.label_alt_id 
_pdbx_validate_torsion.phi 
_pdbx_validate_torsion.psi 
1 1 PRO A 38  ? ? -76.27  -155.75 
2 1 LEU A 39  ? ? 91.15   125.94  
3 1 HIS A 75  ? ? -173.90 127.45  
4 1 THR A 145 ? ? 1.01    -153.71 
# 
loop_
_pdbx_unobs_or_zero_occ_atoms.id 
_pdbx_unobs_or_zero_occ_atoms.PDB_model_num 
_pdbx_unobs_or_zero_occ_atoms.polymer_flag 
_pdbx_unobs_or_zero_occ_atoms.occupancy_flag 
_pdbx_unobs_or_zero_occ_atoms.auth_asym_id 
_pdbx_unobs_or_zero_occ_atoms.auth_comp_id 
_pdbx_unobs_or_zero_occ_atoms.auth_seq_id 
_pdbx_unobs_or_zero_occ_atoms.PDB_ins_code 
_pdbx_unobs_or_zero_occ_atoms.auth_atom_id 
_pdbx_unobs_or_zero_occ_atoms.label_alt_id 
_pdbx_unobs_or_zero_occ_atoms.label_asym_id 
_pdbx_unobs_or_zero_occ_atoms.label_comp_id 
_pdbx_unobs_or_zero_occ_atoms.label_seq_id 
_pdbx_unobs_or_zero_occ_atoms.label_atom_id 
1 1 Y 1 A LEU 146 ? CB  ? A LEU 152 CB  
2 1 Y 1 A LEU 146 ? CG  ? A LEU 152 CG  
3 1 Y 1 A LEU 146 ? CD1 ? A LEU 152 CD1 
4 1 Y 1 A LEU 146 ? CD2 ? A LEU 152 CD2 
# 
loop_
_pdbx_unobs_or_zero_occ_residues.id 
_pdbx_unobs_or_zero_occ_residues.PDB_model_num 
_pdbx_unobs_or_zero_occ_residues.polymer_flag 
_pdbx_unobs_or_zero_occ_residues.occupancy_flag 
_pdbx_unobs_or_zero_occ_residues.auth_asym_id 
_pdbx_unobs_or_zero_occ_residues.auth_comp_id 
_pdbx_unobs_or_zero_occ_residues.auth_seq_id 
_pdbx_unobs_or_zero_occ_residues.PDB_ins_code 
_pdbx_unobs_or_zero_occ_residues.label_asym_id 
_pdbx_unobs_or_zero_occ_residues.label_comp_id 
_pdbx_unobs_or_zero_occ_residues.label_seq_id 
1 1 Y 1 A MET -5  ? A MET 1   
2 1 Y 1 A HIS -4  ? A HIS 2   
3 1 Y 1 A HIS -3  ? A HIS 3   
4 1 Y 1 A HIS -2  ? A HIS 4   
5 1 Y 1 A LEU 147 ? A LEU 153 
6 1 Y 1 A PRO 148 ? A PRO 154 
7 1 Y 1 A TRP 149 ? A TRP 155 
8 1 Y 1 A ALA 150 ? A ALA 156 
# 
loop_
_chem_comp_atom.comp_id 
_chem_comp_atom.atom_id 
_chem_comp_atom.type_symbol 
_chem_comp_atom.pdbx_aromatic_flag 
_chem_comp_atom.pdbx_stereo_config 
_chem_comp_atom.pdbx_ordinal 
1JO O    O  N N 1   
1JO C    C  N N 2   
1JO OXT  O  N N 3   
1JO CA   C  N R 4   
1JO N    N  N N 5   
1JO CB   C  N N 6   
1JO CG   C  N N 7   
1JO CD   C  N N 8   
1JO OE1  O  N N 9   
1JO NE2  N  N N 10  
1JO CBD  C  N R 11  
1JO CBA  C  N N 12  
1JO OAE  O  N N 13  
1JO NAU  N  N N 14  
1JO CAQ  C  N N 15  
1JO CAX  C  N N 16  
1JO OAF  O  N N 17  
1JO OAB  O  N N 18  
1JO CAT  C  N N 19  
1JO SAW  S  N N 20  
1JO CAO  C  N N 21  
1JO CAM  C  N N 22  
1JO CAN  C  N N 23  
1JO CAR  C  N N 24  
1JO CBB  C  Y N 25  
1JO CAK  C  Y N 26  
1JO CAI  C  Y N 27  
1JO CAH  C  Y N 28  
1JO CAJ  C  Y N 29  
1JO CAL  C  Y N 30  
1JO H1   H  N N 31  
1JO H2   H  N N 32  
1JO H3   H  N N 33  
1JO H4   H  N N 34  
1JO H6   H  N N 35  
1JO H7   H  N N 36  
1JO H8   H  N N 37  
1JO H9   H  N N 38  
1JO H10  H  N N 39  
1JO H11  H  N N 40  
1JO H12  H  N N 41  
1JO H13  H  N N 42  
1JO H14  H  N N 43  
1JO H15  H  N N 44  
1JO H16  H  N N 45  
1JO H17  H  N N 46  
1JO H18  H  N N 47  
1JO H19  H  N N 48  
1JO H20  H  N N 49  
1JO H21  H  N N 50  
1JO H22  H  N N 51  
1JO H23  H  N N 52  
1JO H24  H  N N 53  
1JO H25  H  N N 54  
1JO H26  H  N N 55  
1JO H27  H  N N 56  
1JO H28  H  N N 57  
1JO H29  H  N N 58  
1JO H30  H  N N 59  
ALA N    N  N N 60  
ALA CA   C  N S 61  
ALA C    C  N N 62  
ALA O    O  N N 63  
ALA CB   C  N N 64  
ALA OXT  O  N N 65  
ALA H    H  N N 66  
ALA H2   H  N N 67  
ALA HA   H  N N 68  
ALA HB1  H  N N 69  
ALA HB2  H  N N 70  
ALA HB3  H  N N 71  
ALA HXT  H  N N 72  
ARG N    N  N N 73  
ARG CA   C  N S 74  
ARG C    C  N N 75  
ARG O    O  N N 76  
ARG CB   C  N N 77  
ARG CG   C  N N 78  
ARG CD   C  N N 79  
ARG NE   N  N N 80  
ARG CZ   C  N N 81  
ARG NH1  N  N N 82  
ARG NH2  N  N N 83  
ARG OXT  O  N N 84  
ARG H    H  N N 85  
ARG H2   H  N N 86  
ARG HA   H  N N 87  
ARG HB2  H  N N 88  
ARG HB3  H  N N 89  
ARG HG2  H  N N 90  
ARG HG3  H  N N 91  
ARG HD2  H  N N 92  
ARG HD3  H  N N 93  
ARG HE   H  N N 94  
ARG HH11 H  N N 95  
ARG HH12 H  N N 96  
ARG HH21 H  N N 97  
ARG HH22 H  N N 98  
ARG HXT  H  N N 99  
ASN N    N  N N 100 
ASN CA   C  N S 101 
ASN C    C  N N 102 
ASN O    O  N N 103 
ASN CB   C  N N 104 
ASN CG   C  N N 105 
ASN OD1  O  N N 106 
ASN ND2  N  N N 107 
ASN OXT  O  N N 108 
ASN H    H  N N 109 
ASN H2   H  N N 110 
ASN HA   H  N N 111 
ASN HB2  H  N N 112 
ASN HB3  H  N N 113 
ASN HD21 H  N N 114 
ASN HD22 H  N N 115 
ASN HXT  H  N N 116 
ASP N    N  N N 117 
ASP CA   C  N S 118 
ASP C    C  N N 119 
ASP O    O  N N 120 
ASP CB   C  N N 121 
ASP CG   C  N N 122 
ASP OD1  O  N N 123 
ASP OD2  O  N N 124 
ASP OXT  O  N N 125 
ASP H    H  N N 126 
ASP H2   H  N N 127 
ASP HA   H  N N 128 
ASP HB2  H  N N 129 
ASP HB3  H  N N 130 
ASP HD2  H  N N 131 
ASP HXT  H  N N 132 
CYS N    N  N N 133 
CYS CA   C  N R 134 
CYS C    C  N N 135 
CYS O    O  N N 136 
CYS CB   C  N N 137 
CYS SG   S  N N 138 
CYS OXT  O  N N 139 
CYS H    H  N N 140 
CYS H2   H  N N 141 
CYS HA   H  N N 142 
CYS HB2  H  N N 143 
CYS HB3  H  N N 144 
CYS HG   H  N N 145 
CYS HXT  H  N N 146 
GLN N    N  N N 147 
GLN CA   C  N S 148 
GLN C    C  N N 149 
GLN O    O  N N 150 
GLN CB   C  N N 151 
GLN CG   C  N N 152 
GLN CD   C  N N 153 
GLN OE1  O  N N 154 
GLN NE2  N  N N 155 
GLN OXT  O  N N 156 
GLN H    H  N N 157 
GLN H2   H  N N 158 
GLN HA   H  N N 159 
GLN HB2  H  N N 160 
GLN HB3  H  N N 161 
GLN HG2  H  N N 162 
GLN HG3  H  N N 163 
GLN HE21 H  N N 164 
GLN HE22 H  N N 165 
GLN HXT  H  N N 166 
GLU N    N  N N 167 
GLU CA   C  N S 168 
GLU C    C  N N 169 
GLU O    O  N N 170 
GLU CB   C  N N 171 
GLU CG   C  N N 172 
GLU CD   C  N N 173 
GLU OE1  O  N N 174 
GLU OE2  O  N N 175 
GLU OXT  O  N N 176 
GLU H    H  N N 177 
GLU H2   H  N N 178 
GLU HA   H  N N 179 
GLU HB2  H  N N 180 
GLU HB3  H  N N 181 
GLU HG2  H  N N 182 
GLU HG3  H  N N 183 
GLU HE2  H  N N 184 
GLU HXT  H  N N 185 
GLY N    N  N N 186 
GLY CA   C  N N 187 
GLY C    C  N N 188 
GLY O    O  N N 189 
GLY OXT  O  N N 190 
GLY H    H  N N 191 
GLY H2   H  N N 192 
GLY HA2  H  N N 193 
GLY HA3  H  N N 194 
GLY HXT  H  N N 195 
HIS N    N  N N 196 
HIS CA   C  N S 197 
HIS C    C  N N 198 
HIS O    O  N N 199 
HIS CB   C  N N 200 
HIS CG   C  Y N 201 
HIS ND1  N  Y N 202 
HIS CD2  C  Y N 203 
HIS CE1  C  Y N 204 
HIS NE2  N  Y N 205 
HIS OXT  O  N N 206 
HIS H    H  N N 207 
HIS H2   H  N N 208 
HIS HA   H  N N 209 
HIS HB2  H  N N 210 
HIS HB3  H  N N 211 
HIS HD1  H  N N 212 
HIS HD2  H  N N 213 
HIS HE1  H  N N 214 
HIS HE2  H  N N 215 
HIS HXT  H  N N 216 
ILE N    N  N N 217 
ILE CA   C  N S 218 
ILE C    C  N N 219 
ILE O    O  N N 220 
ILE CB   C  N S 221 
ILE CG1  C  N N 222 
ILE CG2  C  N N 223 
ILE CD1  C  N N 224 
ILE OXT  O  N N 225 
ILE H    H  N N 226 
ILE H2   H  N N 227 
ILE HA   H  N N 228 
ILE HB   H  N N 229 
ILE HG12 H  N N 230 
ILE HG13 H  N N 231 
ILE HG21 H  N N 232 
ILE HG22 H  N N 233 
ILE HG23 H  N N 234 
ILE HD11 H  N N 235 
ILE HD12 H  N N 236 
ILE HD13 H  N N 237 
ILE HXT  H  N N 238 
LEU N    N  N N 239 
LEU CA   C  N S 240 
LEU C    C  N N 241 
LEU O    O  N N 242 
LEU CB   C  N N 243 
LEU CG   C  N N 244 
LEU CD1  C  N N 245 
LEU CD2  C  N N 246 
LEU OXT  O  N N 247 
LEU H    H  N N 248 
LEU H2   H  N N 249 
LEU HA   H  N N 250 
LEU HB2  H  N N 251 
LEU HB3  H  N N 252 
LEU HG   H  N N 253 
LEU HD11 H  N N 254 
LEU HD12 H  N N 255 
LEU HD13 H  N N 256 
LEU HD21 H  N N 257 
LEU HD22 H  N N 258 
LEU HD23 H  N N 259 
LEU HXT  H  N N 260 
LYS N    N  N N 261 
LYS CA   C  N S 262 
LYS C    C  N N 263 
LYS O    O  N N 264 
LYS CB   C  N N 265 
LYS CG   C  N N 266 
LYS CD   C  N N 267 
LYS CE   C  N N 268 
LYS NZ   N  N N 269 
LYS OXT  O  N N 270 
LYS H    H  N N 271 
LYS H2   H  N N 272 
LYS HA   H  N N 273 
LYS HB2  H  N N 274 
LYS HB3  H  N N 275 
LYS HG2  H  N N 276 
LYS HG3  H  N N 277 
LYS HD2  H  N N 278 
LYS HD3  H  N N 279 
LYS HE2  H  N N 280 
LYS HE3  H  N N 281 
LYS HZ1  H  N N 282 
LYS HZ2  H  N N 283 
LYS HZ3  H  N N 284 
LYS HXT  H  N N 285 
MET N    N  N N 286 
MET CA   C  N S 287 
MET C    C  N N 288 
MET O    O  N N 289 
MET CB   C  N N 290 
MET CG   C  N N 291 
MET SD   S  N N 292 
MET CE   C  N N 293 
MET OXT  O  N N 294 
MET H    H  N N 295 
MET H2   H  N N 296 
MET HA   H  N N 297 
MET HB2  H  N N 298 
MET HB3  H  N N 299 
MET HG2  H  N N 300 
MET HG3  H  N N 301 
MET HE1  H  N N 302 
MET HE2  H  N N 303 
MET HE3  H  N N 304 
MET HXT  H  N N 305 
NI  NI   NI N N 306 
PHE N    N  N N 307 
PHE CA   C  N S 308 
PHE C    C  N N 309 
PHE O    O  N N 310 
PHE CB   C  N N 311 
PHE CG   C  Y N 312 
PHE CD1  C  Y N 313 
PHE CD2  C  Y N 314 
PHE CE1  C  Y N 315 
PHE CE2  C  Y N 316 
PHE CZ   C  Y N 317 
PHE OXT  O  N N 318 
PHE H    H  N N 319 
PHE H2   H  N N 320 
PHE HA   H  N N 321 
PHE HB2  H  N N 322 
PHE HB3  H  N N 323 
PHE HD1  H  N N 324 
PHE HD2  H  N N 325 
PHE HE1  H  N N 326 
PHE HE2  H  N N 327 
PHE HZ   H  N N 328 
PHE HXT  H  N N 329 
PRO N    N  N N 330 
PRO CA   C  N S 331 
PRO C    C  N N 332 
PRO O    O  N N 333 
PRO CB   C  N N 334 
PRO CG   C  N N 335 
PRO CD   C  N N 336 
PRO OXT  O  N N 337 
PRO H    H  N N 338 
PRO HA   H  N N 339 
PRO HB2  H  N N 340 
PRO HB3  H  N N 341 
PRO HG2  H  N N 342 
PRO HG3  H  N N 343 
PRO HD2  H  N N 344 
PRO HD3  H  N N 345 
PRO HXT  H  N N 346 
SER N    N  N N 347 
SER CA   C  N S 348 
SER C    C  N N 349 
SER O    O  N N 350 
SER CB   C  N N 351 
SER OG   O  N N 352 
SER OXT  O  N N 353 
SER H    H  N N 354 
SER H2   H  N N 355 
SER HA   H  N N 356 
SER HB2  H  N N 357 
SER HB3  H  N N 358 
SER HG   H  N N 359 
SER HXT  H  N N 360 
SO4 S    S  N N 361 
SO4 O1   O  N N 362 
SO4 O2   O  N N 363 
SO4 O3   O  N N 364 
SO4 O4   O  N N 365 
THR N    N  N N 366 
THR CA   C  N S 367 
THR C    C  N N 368 
THR O    O  N N 369 
THR CB   C  N R 370 
THR OG1  O  N N 371 
THR CG2  C  N N 372 
THR OXT  O  N N 373 
THR H    H  N N 374 
THR H2   H  N N 375 
THR HA   H  N N 376 
THR HB   H  N N 377 
THR HG1  H  N N 378 
THR HG21 H  N N 379 
THR HG22 H  N N 380 
THR HG23 H  N N 381 
THR HXT  H  N N 382 
TRP N    N  N N 383 
TRP CA   C  N S 384 
TRP C    C  N N 385 
TRP O    O  N N 386 
TRP CB   C  N N 387 
TRP CG   C  Y N 388 
TRP CD1  C  Y N 389 
TRP CD2  C  Y N 390 
TRP NE1  N  Y N 391 
TRP CE2  C  Y N 392 
TRP CE3  C  Y N 393 
TRP CZ2  C  Y N 394 
TRP CZ3  C  Y N 395 
TRP CH2  C  Y N 396 
TRP OXT  O  N N 397 
TRP H    H  N N 398 
TRP H2   H  N N 399 
TRP HA   H  N N 400 
TRP HB2  H  N N 401 
TRP HB3  H  N N 402 
TRP HD1  H  N N 403 
TRP HE1  H  N N 404 
TRP HE3  H  N N 405 
TRP HZ2  H  N N 406 
TRP HZ3  H  N N 407 
TRP HH2  H  N N 408 
TRP HXT  H  N N 409 
TYR N    N  N N 410 
TYR CA   C  N S 411 
TYR C    C  N N 412 
TYR O    O  N N 413 
TYR CB   C  N N 414 
TYR CG   C  Y N 415 
TYR CD1  C  Y N 416 
TYR CD2  C  Y N 417 
TYR CE1  C  Y N 418 
TYR CE2  C  Y N 419 
TYR CZ   C  Y N 420 
TYR OH   O  N N 421 
TYR OXT  O  N N 422 
TYR H    H  N N 423 
TYR H2   H  N N 424 
TYR HA   H  N N 425 
TYR HB2  H  N N 426 
TYR HB3  H  N N 427 
TYR HD1  H  N N 428 
TYR HD2  H  N N 429 
TYR HE1  H  N N 430 
TYR HE2  H  N N 431 
TYR HH   H  N N 432 
TYR HXT  H  N N 433 
VAL N    N  N N 434 
VAL CA   C  N S 435 
VAL C    C  N N 436 
VAL O    O  N N 437 
VAL CB   C  N N 438 
VAL CG1  C  N N 439 
VAL CG2  C  N N 440 
VAL OXT  O  N N 441 
VAL H    H  N N 442 
VAL H2   H  N N 443 
VAL HA   H  N N 444 
VAL HB   H  N N 445 
VAL HG11 H  N N 446 
VAL HG12 H  N N 447 
VAL HG13 H  N N 448 
VAL HG21 H  N N 449 
VAL HG22 H  N N 450 
VAL HG23 H  N N 451 
VAL HXT  H  N N 452 
# 
loop_
_chem_comp_bond.comp_id 
_chem_comp_bond.atom_id_1 
_chem_comp_bond.atom_id_2 
_chem_comp_bond.value_order 
_chem_comp_bond.pdbx_aromatic_flag 
_chem_comp_bond.pdbx_stereo_config 
_chem_comp_bond.pdbx_ordinal 
1JO CAI CAH  doub Y N 1   
1JO CAI CAK  sing Y N 2   
1JO CAH CAJ  sing Y N 3   
1JO CAK CBB  doub Y N 4   
1JO CAJ CAL  doub Y N 5   
1JO CBB CAL  sing Y N 6   
1JO CBB CAR  sing N N 7   
1JO CAR CAN  sing N N 8   
1JO CB  CG   sing N N 9   
1JO CB  CA   sing N N 10  
1JO CG  CD   sing N N 11  
1JO N   CA   sing N N 12  
1JO OAE CBA  doub N N 13  
1JO OXT C    doub N N 14  
1JO CBA CBD  sing N N 15  
1JO CBA NAU  sing N N 16  
1JO CA  C    sing N N 17  
1JO OAF CAX  doub N N 18  
1JO CBD CAT  sing N N 19  
1JO CBD NE2  sing N N 20  
1JO CAQ NAU  sing N N 21  
1JO CAQ CAX  sing N N 22  
1JO CAN CAM  sing N N 23  
1JO C   O    sing N N 24  
1JO CD  NE2  sing N N 25  
1JO CD  OE1  doub N N 26  
1JO CAT SAW  sing N N 27  
1JO CAX OAB  sing N N 28  
1JO SAW CAO  sing N N 29  
1JO CAM CAO  sing N N 30  
1JO O   H1   sing N N 31  
1JO CA  H2   sing N N 32  
1JO N   H3   sing N N 33  
1JO N   H4   sing N N 34  
1JO CB  H6   sing N N 35  
1JO CB  H7   sing N N 36  
1JO CG  H8   sing N N 37  
1JO CG  H9   sing N N 38  
1JO NE2 H10  sing N N 39  
1JO CBD H11  sing N N 40  
1JO NAU H12  sing N N 41  
1JO CAQ H13  sing N N 42  
1JO CAQ H14  sing N N 43  
1JO OAB H15  sing N N 44  
1JO CAT H16  sing N N 45  
1JO CAT H17  sing N N 46  
1JO CAO H18  sing N N 47  
1JO CAO H19  sing N N 48  
1JO CAM H20  sing N N 49  
1JO CAM H21  sing N N 50  
1JO CAN H22  sing N N 51  
1JO CAN H23  sing N N 52  
1JO CAR H24  sing N N 53  
1JO CAR H25  sing N N 54  
1JO CAK H26  sing N N 55  
1JO CAI H27  sing N N 56  
1JO CAH H28  sing N N 57  
1JO CAJ H29  sing N N 58  
1JO CAL H30  sing N N 59  
ALA N   CA   sing N N 60  
ALA N   H    sing N N 61  
ALA N   H2   sing N N 62  
ALA CA  C    sing N N 63  
ALA CA  CB   sing N N 64  
ALA CA  HA   sing N N 65  
ALA C   O    doub N N 66  
ALA C   OXT  sing N N 67  
ALA CB  HB1  sing N N 68  
ALA CB  HB2  sing N N 69  
ALA CB  HB3  sing N N 70  
ALA OXT HXT  sing N N 71  
ARG N   CA   sing N N 72  
ARG N   H    sing N N 73  
ARG N   H2   sing N N 74  
ARG CA  C    sing N N 75  
ARG CA  CB   sing N N 76  
ARG CA  HA   sing N N 77  
ARG C   O    doub N N 78  
ARG C   OXT  sing N N 79  
ARG CB  CG   sing N N 80  
ARG CB  HB2  sing N N 81  
ARG CB  HB3  sing N N 82  
ARG CG  CD   sing N N 83  
ARG CG  HG2  sing N N 84  
ARG CG  HG3  sing N N 85  
ARG CD  NE   sing N N 86  
ARG CD  HD2  sing N N 87  
ARG CD  HD3  sing N N 88  
ARG NE  CZ   sing N N 89  
ARG NE  HE   sing N N 90  
ARG CZ  NH1  sing N N 91  
ARG CZ  NH2  doub N N 92  
ARG NH1 HH11 sing N N 93  
ARG NH1 HH12 sing N N 94  
ARG NH2 HH21 sing N N 95  
ARG NH2 HH22 sing N N 96  
ARG OXT HXT  sing N N 97  
ASN N   CA   sing N N 98  
ASN N   H    sing N N 99  
ASN N   H2   sing N N 100 
ASN CA  C    sing N N 101 
ASN CA  CB   sing N N 102 
ASN CA  HA   sing N N 103 
ASN C   O    doub N N 104 
ASN C   OXT  sing N N 105 
ASN CB  CG   sing N N 106 
ASN CB  HB2  sing N N 107 
ASN CB  HB3  sing N N 108 
ASN CG  OD1  doub N N 109 
ASN CG  ND2  sing N N 110 
ASN ND2 HD21 sing N N 111 
ASN ND2 HD22 sing N N 112 
ASN OXT HXT  sing N N 113 
ASP N   CA   sing N N 114 
ASP N   H    sing N N 115 
ASP N   H2   sing N N 116 
ASP CA  C    sing N N 117 
ASP CA  CB   sing N N 118 
ASP CA  HA   sing N N 119 
ASP C   O    doub N N 120 
ASP C   OXT  sing N N 121 
ASP CB  CG   sing N N 122 
ASP CB  HB2  sing N N 123 
ASP CB  HB3  sing N N 124 
ASP CG  OD1  doub N N 125 
ASP CG  OD2  sing N N 126 
ASP OD2 HD2  sing N N 127 
ASP OXT HXT  sing N N 128 
CYS N   CA   sing N N 129 
CYS N   H    sing N N 130 
CYS N   H2   sing N N 131 
CYS CA  C    sing N N 132 
CYS CA  CB   sing N N 133 
CYS CA  HA   sing N N 134 
CYS C   O    doub N N 135 
CYS C   OXT  sing N N 136 
CYS CB  SG   sing N N 137 
CYS CB  HB2  sing N N 138 
CYS CB  HB3  sing N N 139 
CYS SG  HG   sing N N 140 
CYS OXT HXT  sing N N 141 
GLN N   CA   sing N N 142 
GLN N   H    sing N N 143 
GLN N   H2   sing N N 144 
GLN CA  C    sing N N 145 
GLN CA  CB   sing N N 146 
GLN CA  HA   sing N N 147 
GLN C   O    doub N N 148 
GLN C   OXT  sing N N 149 
GLN CB  CG   sing N N 150 
GLN CB  HB2  sing N N 151 
GLN CB  HB3  sing N N 152 
GLN CG  CD   sing N N 153 
GLN CG  HG2  sing N N 154 
GLN CG  HG3  sing N N 155 
GLN CD  OE1  doub N N 156 
GLN CD  NE2  sing N N 157 
GLN NE2 HE21 sing N N 158 
GLN NE2 HE22 sing N N 159 
GLN OXT HXT  sing N N 160 
GLU N   CA   sing N N 161 
GLU N   H    sing N N 162 
GLU N   H2   sing N N 163 
GLU CA  C    sing N N 164 
GLU CA  CB   sing N N 165 
GLU CA  HA   sing N N 166 
GLU C   O    doub N N 167 
GLU C   OXT  sing N N 168 
GLU CB  CG   sing N N 169 
GLU CB  HB2  sing N N 170 
GLU CB  HB3  sing N N 171 
GLU CG  CD   sing N N 172 
GLU CG  HG2  sing N N 173 
GLU CG  HG3  sing N N 174 
GLU CD  OE1  doub N N 175 
GLU CD  OE2  sing N N 176 
GLU OE2 HE2  sing N N 177 
GLU OXT HXT  sing N N 178 
GLY N   CA   sing N N 179 
GLY N   H    sing N N 180 
GLY N   H2   sing N N 181 
GLY CA  C    sing N N 182 
GLY CA  HA2  sing N N 183 
GLY CA  HA3  sing N N 184 
GLY C   O    doub N N 185 
GLY C   OXT  sing N N 186 
GLY OXT HXT  sing N N 187 
HIS N   CA   sing N N 188 
HIS N   H    sing N N 189 
HIS N   H2   sing N N 190 
HIS CA  C    sing N N 191 
HIS CA  CB   sing N N 192 
HIS CA  HA   sing N N 193 
HIS C   O    doub N N 194 
HIS C   OXT  sing N N 195 
HIS CB  CG   sing N N 196 
HIS CB  HB2  sing N N 197 
HIS CB  HB3  sing N N 198 
HIS CG  ND1  sing Y N 199 
HIS CG  CD2  doub Y N 200 
HIS ND1 CE1  doub Y N 201 
HIS ND1 HD1  sing N N 202 
HIS CD2 NE2  sing Y N 203 
HIS CD2 HD2  sing N N 204 
HIS CE1 NE2  sing Y N 205 
HIS CE1 HE1  sing N N 206 
HIS NE2 HE2  sing N N 207 
HIS OXT HXT  sing N N 208 
ILE N   CA   sing N N 209 
ILE N   H    sing N N 210 
ILE N   H2   sing N N 211 
ILE CA  C    sing N N 212 
ILE CA  CB   sing N N 213 
ILE CA  HA   sing N N 214 
ILE C   O    doub N N 215 
ILE C   OXT  sing N N 216 
ILE CB  CG1  sing N N 217 
ILE CB  CG2  sing N N 218 
ILE CB  HB   sing N N 219 
ILE CG1 CD1  sing N N 220 
ILE CG1 HG12 sing N N 221 
ILE CG1 HG13 sing N N 222 
ILE CG2 HG21 sing N N 223 
ILE CG2 HG22 sing N N 224 
ILE CG2 HG23 sing N N 225 
ILE CD1 HD11 sing N N 226 
ILE CD1 HD12 sing N N 227 
ILE CD1 HD13 sing N N 228 
ILE OXT HXT  sing N N 229 
LEU N   CA   sing N N 230 
LEU N   H    sing N N 231 
LEU N   H2   sing N N 232 
LEU CA  C    sing N N 233 
LEU CA  CB   sing N N 234 
LEU CA  HA   sing N N 235 
LEU C   O    doub N N 236 
LEU C   OXT  sing N N 237 
LEU CB  CG   sing N N 238 
LEU CB  HB2  sing N N 239 
LEU CB  HB3  sing N N 240 
LEU CG  CD1  sing N N 241 
LEU CG  CD2  sing N N 242 
LEU CG  HG   sing N N 243 
LEU CD1 HD11 sing N N 244 
LEU CD1 HD12 sing N N 245 
LEU CD1 HD13 sing N N 246 
LEU CD2 HD21 sing N N 247 
LEU CD2 HD22 sing N N 248 
LEU CD2 HD23 sing N N 249 
LEU OXT HXT  sing N N 250 
LYS N   CA   sing N N 251 
LYS N   H    sing N N 252 
LYS N   H2   sing N N 253 
LYS CA  C    sing N N 254 
LYS CA  CB   sing N N 255 
LYS CA  HA   sing N N 256 
LYS C   O    doub N N 257 
LYS C   OXT  sing N N 258 
LYS CB  CG   sing N N 259 
LYS CB  HB2  sing N N 260 
LYS CB  HB3  sing N N 261 
LYS CG  CD   sing N N 262 
LYS CG  HG2  sing N N 263 
LYS CG  HG3  sing N N 264 
LYS CD  CE   sing N N 265 
LYS CD  HD2  sing N N 266 
LYS CD  HD3  sing N N 267 
LYS CE  NZ   sing N N 268 
LYS CE  HE2  sing N N 269 
LYS CE  HE3  sing N N 270 
LYS NZ  HZ1  sing N N 271 
LYS NZ  HZ2  sing N N 272 
LYS NZ  HZ3  sing N N 273 
LYS OXT HXT  sing N N 274 
MET N   CA   sing N N 275 
MET N   H    sing N N 276 
MET N   H2   sing N N 277 
MET CA  C    sing N N 278 
MET CA  CB   sing N N 279 
MET CA  HA   sing N N 280 
MET C   O    doub N N 281 
MET C   OXT  sing N N 282 
MET CB  CG   sing N N 283 
MET CB  HB2  sing N N 284 
MET CB  HB3  sing N N 285 
MET CG  SD   sing N N 286 
MET CG  HG2  sing N N 287 
MET CG  HG3  sing N N 288 
MET SD  CE   sing N N 289 
MET CE  HE1  sing N N 290 
MET CE  HE2  sing N N 291 
MET CE  HE3  sing N N 292 
MET OXT HXT  sing N N 293 
PHE N   CA   sing N N 294 
PHE N   H    sing N N 295 
PHE N   H2   sing N N 296 
PHE CA  C    sing N N 297 
PHE CA  CB   sing N N 298 
PHE CA  HA   sing N N 299 
PHE C   O    doub N N 300 
PHE C   OXT  sing N N 301 
PHE CB  CG   sing N N 302 
PHE CB  HB2  sing N N 303 
PHE CB  HB3  sing N N 304 
PHE CG  CD1  doub Y N 305 
PHE CG  CD2  sing Y N 306 
PHE CD1 CE1  sing Y N 307 
PHE CD1 HD1  sing N N 308 
PHE CD2 CE2  doub Y N 309 
PHE CD2 HD2  sing N N 310 
PHE CE1 CZ   doub Y N 311 
PHE CE1 HE1  sing N N 312 
PHE CE2 CZ   sing Y N 313 
PHE CE2 HE2  sing N N 314 
PHE CZ  HZ   sing N N 315 
PHE OXT HXT  sing N N 316 
PRO N   CA   sing N N 317 
PRO N   CD   sing N N 318 
PRO N   H    sing N N 319 
PRO CA  C    sing N N 320 
PRO CA  CB   sing N N 321 
PRO CA  HA   sing N N 322 
PRO C   O    doub N N 323 
PRO C   OXT  sing N N 324 
PRO CB  CG   sing N N 325 
PRO CB  HB2  sing N N 326 
PRO CB  HB3  sing N N 327 
PRO CG  CD   sing N N 328 
PRO CG  HG2  sing N N 329 
PRO CG  HG3  sing N N 330 
PRO CD  HD2  sing N N 331 
PRO CD  HD3  sing N N 332 
PRO OXT HXT  sing N N 333 
SER N   CA   sing N N 334 
SER N   H    sing N N 335 
SER N   H2   sing N N 336 
SER CA  C    sing N N 337 
SER CA  CB   sing N N 338 
SER CA  HA   sing N N 339 
SER C   O    doub N N 340 
SER C   OXT  sing N N 341 
SER CB  OG   sing N N 342 
SER CB  HB2  sing N N 343 
SER CB  HB3  sing N N 344 
SER OG  HG   sing N N 345 
SER OXT HXT  sing N N 346 
SO4 S   O1   doub N N 347 
SO4 S   O2   doub N N 348 
SO4 S   O3   sing N N 349 
SO4 S   O4   sing N N 350 
THR N   CA   sing N N 351 
THR N   H    sing N N 352 
THR N   H2   sing N N 353 
THR CA  C    sing N N 354 
THR CA  CB   sing N N 355 
THR CA  HA   sing N N 356 
THR C   O    doub N N 357 
THR C   OXT  sing N N 358 
THR CB  OG1  sing N N 359 
THR CB  CG2  sing N N 360 
THR CB  HB   sing N N 361 
THR OG1 HG1  sing N N 362 
THR CG2 HG21 sing N N 363 
THR CG2 HG22 sing N N 364 
THR CG2 HG23 sing N N 365 
THR OXT HXT  sing N N 366 
TRP N   CA   sing N N 367 
TRP N   H    sing N N 368 
TRP N   H2   sing N N 369 
TRP CA  C    sing N N 370 
TRP CA  CB   sing N N 371 
TRP CA  HA   sing N N 372 
TRP C   O    doub N N 373 
TRP C   OXT  sing N N 374 
TRP CB  CG   sing N N 375 
TRP CB  HB2  sing N N 376 
TRP CB  HB3  sing N N 377 
TRP CG  CD1  doub Y N 378 
TRP CG  CD2  sing Y N 379 
TRP CD1 NE1  sing Y N 380 
TRP CD1 HD1  sing N N 381 
TRP CD2 CE2  doub Y N 382 
TRP CD2 CE3  sing Y N 383 
TRP NE1 CE2  sing Y N 384 
TRP NE1 HE1  sing N N 385 
TRP CE2 CZ2  sing Y N 386 
TRP CE3 CZ3  doub Y N 387 
TRP CE3 HE3  sing N N 388 
TRP CZ2 CH2  doub Y N 389 
TRP CZ2 HZ2  sing N N 390 
TRP CZ3 CH2  sing Y N 391 
TRP CZ3 HZ3  sing N N 392 
TRP CH2 HH2  sing N N 393 
TRP OXT HXT  sing N N 394 
TYR N   CA   sing N N 395 
TYR N   H    sing N N 396 
TYR N   H2   sing N N 397 
TYR CA  C    sing N N 398 
TYR CA  CB   sing N N 399 
TYR CA  HA   sing N N 400 
TYR C   O    doub N N 401 
TYR C   OXT  sing N N 402 
TYR CB  CG   sing N N 403 
TYR CB  HB2  sing N N 404 
TYR CB  HB3  sing N N 405 
TYR CG  CD1  doub Y N 406 
TYR CG  CD2  sing Y N 407 
TYR CD1 CE1  sing Y N 408 
TYR CD1 HD1  sing N N 409 
TYR CD2 CE2  doub Y N 410 
TYR CD2 HD2  sing N N 411 
TYR CE1 CZ   doub Y N 412 
TYR CE1 HE1  sing N N 413 
TYR CE2 CZ   sing Y N 414 
TYR CE2 HE2  sing N N 415 
TYR CZ  OH   sing N N 416 
TYR OH  HH   sing N N 417 
TYR OXT HXT  sing N N 418 
VAL N   CA   sing N N 419 
VAL N   H    sing N N 420 
VAL N   H2   sing N N 421 
VAL CA  C    sing N N 422 
VAL CA  CB   sing N N 423 
VAL CA  HA   sing N N 424 
VAL C   O    doub N N 425 
VAL C   OXT  sing N N 426 
VAL CB  CG1  sing N N 427 
VAL CB  CG2  sing N N 428 
VAL CB  HB   sing N N 429 
VAL CG1 HG11 sing N N 430 
VAL CG1 HG12 sing N N 431 
VAL CG1 HG13 sing N N 432 
VAL CG2 HG21 sing N N 433 
VAL CG2 HG22 sing N N 434 
VAL CG2 HG23 sing N N 435 
VAL OXT HXT  sing N N 436 
# 
loop_
_pdbx_entity_nonpoly.entity_id 
_pdbx_entity_nonpoly.name 
_pdbx_entity_nonpoly.comp_id 
2 'NICKEL (II) ION'                                       NI  
3 'SULFATE ION'                                           SO4 
4 'D-gamma-glutamyl-S-(4-phenylbutyl)-L-cysteinylglycine' 1JO 
# 
_pdbx_initial_refinement_model.id               1 
_pdbx_initial_refinement_model.entity_id_list   ? 
_pdbx_initial_refinement_model.type             'experimental model' 
_pdbx_initial_refinement_model.source_name      PDB 
_pdbx_initial_refinement_model.accession_code   2UUI 
_pdbx_initial_refinement_model.details          'PDB ENTRY 2UUI' 
# 
